data_8ZDV
#
_entry.id   8ZDV
#
_cell.length_a   1.00
_cell.length_b   1.00
_cell.length_c   1.00
_cell.angle_alpha   90.00
_cell.angle_beta   90.00
_cell.angle_gamma   90.00
#
_symmetry.space_group_name_H-M   'P 1'
#
loop_
_entity.id
_entity.type
_entity.pdbx_description
1 polymer Hemagglutinin
2 polymer Hemagglutinin
3 branched 'N-acetyl-alpha-neuraminic acid-(2-3)-beta-D-galactopyranose-(1-4)-2-acetamido-2-deoxy-beta-D-glucopyranose-(1-2)-alpha-D-mannopyranose-(1-3)-beta-D-mannopyranose-(1-4)-2-acetamido-2-deoxy-beta-D-glucopyranose-(1-4)-2-acetamido-2-deoxy-beta-D-glucopyranose'
4 non-polymer 2-acetamido-2-deoxy-beta-D-glucopyranose
#
loop_
_entity_poly.entity_id
_entity_poly.type
_entity_poly.pdbx_seq_one_letter_code
_entity_poly.pdbx_strand_id
1 'polypeptide(L)'
;MENIVLLLAIVSLVKSDQICIGYHANNSTEQVDTIMEKNVTVTHAQDILEKTHNGKLCDLNGVKPLILKDCSVAGWLLGN
PMCDEFIRVPEWSYIVERANPSNDLCYPGSLNDYEELKHLLSRINHFEKILIIPKSSWPNHETSLGVSAACPYQGAPSFF
RNVVWLIKKNDAYPTIKISYNNTNQEDLLILWGIHHSNNAEEQTNLYKNPTTYISVGTSTLNQRLVPKIATRSQVNGQRG
RMDFFWTILKPDDAIHFESNGNFIAPEYAYKIVKKGDSTIMKSGVEYGHCNTKCQTPVGAINSSMPFHNIHPLTIGECPK
YVKSNKLVLATGLRNS
;
B,A,C
2 'polypeptide(L)'
;PLREKRRKRGLFGAIAGFIEGGWQGMVDGWYGYHHSNEQGSGYAADKESTQKAIDGVTNKVNSIIDKMNTQFEAVGREFN
NLERRIENLNKKMEDGFLDVWTYNAELLVLMENERTLDFHDSNVKNLYDKVRLQLRDNAKELGNGCFEFYHKCDNECMES
VRNGTYDYPQYSGEARLKREEISGVKLESI
;
G,H,I
#
# COMPACT_ATOMS: atom_id res chain seq x y z
N ASP A 17 34.95 -46.92 24.86
CA ASP A 17 34.45 -47.59 23.66
C ASP A 17 32.99 -47.22 23.41
N GLN A 18 32.73 -45.96 23.06
CA GLN A 18 31.34 -45.53 22.85
C GLN A 18 31.32 -44.34 21.89
N ILE A 19 30.33 -44.32 21.01
CA ILE A 19 30.10 -43.17 20.14
C ILE A 19 29.06 -42.25 20.79
N CYS A 20 29.04 -40.99 20.34
CA CYS A 20 28.15 -40.00 20.91
C CYS A 20 27.85 -38.94 19.86
N ILE A 21 26.76 -38.21 20.06
CA ILE A 21 26.31 -37.17 19.13
C ILE A 21 26.08 -35.88 19.91
N GLY A 22 26.52 -34.77 19.31
CA GLY A 22 26.31 -33.45 19.84
C GLY A 22 26.38 -32.45 18.70
N TYR A 23 26.46 -31.17 19.05
CA TYR A 23 26.55 -30.14 18.03
C TYR A 23 27.69 -29.17 18.37
N HIS A 24 28.00 -28.32 17.41
CA HIS A 24 29.06 -27.34 17.59
C HIS A 24 28.65 -26.30 18.62
N ALA A 25 29.58 -25.98 19.52
CA ALA A 25 29.37 -24.94 20.52
C ALA A 25 30.59 -24.04 20.54
N ASN A 26 30.35 -22.73 20.54
CA ASN A 26 31.42 -21.74 20.63
C ASN A 26 31.16 -20.84 21.84
N ASN A 27 31.93 -19.77 21.95
CA ASN A 27 31.85 -18.88 23.10
C ASN A 27 31.31 -17.51 22.73
N SER A 28 30.70 -17.38 21.55
CA SER A 28 30.15 -16.12 21.10
C SER A 28 28.86 -15.78 21.84
N THR A 29 28.48 -14.51 21.75
CA THR A 29 27.29 -13.99 22.43
C THR A 29 26.27 -13.41 21.45
N GLU A 30 26.27 -13.90 20.21
CA GLU A 30 25.31 -13.45 19.22
C GLU A 30 23.89 -13.83 19.65
N GLN A 31 22.95 -12.90 19.48
CA GLN A 31 21.58 -13.10 19.93
C GLN A 31 20.62 -12.86 18.77
N VAL A 32 19.59 -13.71 18.69
CA VAL A 32 18.58 -13.62 17.64
C VAL A 32 17.21 -13.46 18.29
N ASP A 33 16.22 -13.15 17.46
CA ASP A 33 14.86 -12.93 17.92
C ASP A 33 13.94 -14.02 17.39
N THR A 34 13.20 -14.65 18.29
CA THR A 34 12.20 -15.65 17.96
C THR A 34 10.87 -15.22 18.59
N ILE A 35 9.78 -15.37 17.84
CA ILE A 35 8.49 -14.84 18.28
C ILE A 35 8.03 -15.46 19.59
N MET A 36 8.52 -16.65 19.92
CA MET A 36 8.17 -17.31 21.17
C MET A 36 9.25 -17.24 22.23
N GLU A 37 10.43 -16.71 21.92
CA GLU A 37 11.52 -16.60 22.87
C GLU A 37 12.46 -15.49 22.45
N LYS A 38 12.49 -14.41 23.20
CA LYS A 38 13.42 -13.31 22.96
C LYS A 38 14.82 -13.68 23.45
N ASN A 39 15.82 -13.01 22.87
CA ASN A 39 17.17 -12.96 23.41
C ASN A 39 17.81 -14.35 23.47
N VAL A 40 17.82 -15.02 22.31
CA VAL A 40 18.32 -16.39 22.19
C VAL A 40 19.76 -16.35 21.69
N THR A 41 20.67 -16.93 22.47
CA THR A 41 22.08 -16.96 22.10
C THR A 41 22.33 -18.07 21.10
N VAL A 42 23.05 -17.76 20.02
CA VAL A 42 23.33 -18.71 18.95
C VAL A 42 24.84 -18.74 18.70
N THR A 43 25.31 -19.87 18.16
CA THR A 43 26.73 -20.01 17.88
C THR A 43 27.17 -19.07 16.76
N HIS A 44 26.43 -19.06 15.65
CA HIS A 44 26.73 -18.21 14.51
C HIS A 44 25.46 -17.54 14.02
N ALA A 45 25.55 -16.24 13.78
CA ALA A 45 24.41 -15.47 13.29
C ALA A 45 24.89 -14.49 12.23
N GLN A 46 23.99 -14.13 11.32
CA GLN A 46 24.28 -13.19 10.24
C GLN A 46 23.43 -11.95 10.43
N ASP A 47 24.09 -10.79 10.51
CA ASP A 47 23.39 -9.52 10.60
C ASP A 47 22.97 -9.09 9.21
N ILE A 48 21.68 -8.74 9.07
CA ILE A 48 21.13 -8.34 7.78
C ILE A 48 20.66 -6.89 7.79
N LEU A 49 21.04 -6.12 8.81
CA LEU A 49 20.64 -4.73 8.96
C LEU A 49 21.89 -3.85 9.05
N GLU A 50 21.89 -2.76 8.30
CA GLU A 50 23.00 -1.81 8.30
C GLU A 50 22.59 -0.58 9.11
N LYS A 51 23.38 -0.26 10.14
CA LYS A 51 23.07 0.86 11.03
C LYS A 51 24.21 1.88 11.09
N THR A 52 25.12 1.86 10.12
CA THR A 52 26.27 2.75 10.10
C THR A 52 26.35 3.49 8.78
N HIS A 53 26.92 4.70 8.83
CA HIS A 53 27.10 5.52 7.65
C HIS A 53 28.31 6.41 7.86
N ASN A 54 28.87 6.90 6.75
CA ASN A 54 30.05 7.76 6.83
C ASN A 54 29.73 9.12 7.46
N GLY A 55 28.48 9.56 7.40
CA GLY A 55 28.08 10.81 8.00
C GLY A 55 28.39 12.05 7.19
N LYS A 56 28.89 11.90 5.96
CA LYS A 56 29.23 13.03 5.11
C LYS A 56 28.61 12.84 3.73
N LEU A 57 28.38 13.95 3.04
CA LEU A 57 27.96 13.85 1.64
C LEU A 57 29.08 13.24 0.82
N CYS A 58 28.70 12.30 -0.06
CA CYS A 58 29.67 11.44 -0.73
C CYS A 58 29.26 11.29 -2.19
N ASP A 59 30.28 11.19 -3.05
CA ASP A 59 30.01 11.15 -4.49
C ASP A 59 29.25 9.89 -4.88
N LEU A 60 28.41 10.02 -5.90
CA LEU A 60 27.60 8.92 -6.43
C LEU A 60 28.24 8.44 -7.72
N ASN A 61 28.88 7.27 -7.67
CA ASN A 61 29.50 6.64 -8.83
C ASN A 61 30.54 7.56 -9.47
N GLY A 62 31.27 8.30 -8.63
CA GLY A 62 32.33 9.17 -9.11
C GLY A 62 31.86 10.48 -9.73
N VAL A 63 30.60 10.85 -9.55
CA VAL A 63 30.06 12.09 -10.09
C VAL A 63 29.79 13.03 -8.91
N LYS A 64 30.35 14.23 -8.97
CA LYS A 64 30.17 15.19 -7.89
C LYS A 64 28.73 15.69 -7.86
N PRO A 65 28.08 15.65 -6.70
CA PRO A 65 26.68 16.11 -6.63
C PRO A 65 26.60 17.63 -6.73
N LEU A 66 25.39 18.10 -7.04
CA LEU A 66 25.10 19.53 -7.05
C LEU A 66 24.70 19.95 -5.64
N ILE A 67 25.60 20.64 -4.96
CA ILE A 67 25.38 21.07 -3.58
C ILE A 67 25.03 22.55 -3.61
N LEU A 68 23.81 22.87 -3.19
CA LEU A 68 23.37 24.25 -3.11
C LEU A 68 23.71 24.82 -1.73
N LYS A 69 24.71 25.71 -1.69
CA LYS A 69 25.17 26.30 -0.43
C LYS A 69 24.13 27.31 0.04
N ASP A 70 23.19 26.82 0.85
CA ASP A 70 22.08 27.60 1.39
C ASP A 70 21.30 28.29 0.27
N CYS A 71 21.01 27.58 -0.80
CA CYS A 71 20.27 28.12 -1.94
C CYS A 71 19.18 27.14 -2.34
N SER A 72 18.14 27.66 -2.97
CA SER A 72 16.99 26.85 -3.38
C SER A 72 17.06 26.51 -4.86
N VAL A 73 16.21 25.57 -5.26
CA VAL A 73 16.16 25.16 -6.67
C VAL A 73 15.69 26.33 -7.53
N ALA A 74 14.65 27.03 -7.09
CA ALA A 74 14.13 28.16 -7.86
C ALA A 74 15.14 29.30 -7.92
N GLY A 75 15.83 29.56 -6.81
CA GLY A 75 16.84 30.60 -6.81
C GLY A 75 18.00 30.29 -7.75
N TRP A 76 18.40 29.02 -7.81
CA TRP A 76 19.46 28.62 -8.73
C TRP A 76 19.02 28.76 -10.18
N LEU A 77 17.80 28.33 -10.50
CA LEU A 77 17.33 28.40 -11.88
C LEU A 77 17.11 29.84 -12.33
N LEU A 78 16.56 30.68 -11.45
CA LEU A 78 16.28 32.06 -11.80
C LEU A 78 17.52 32.95 -11.76
N GLY A 79 18.64 32.45 -11.26
CA GLY A 79 19.85 33.23 -11.18
C GLY A 79 19.86 34.20 -10.02
N ASN A 80 19.78 33.65 -8.81
CA ASN A 80 19.85 34.48 -7.61
C ASN A 80 21.21 35.17 -7.56
N PRO A 81 21.28 36.51 -7.39
CA PRO A 81 22.56 37.22 -7.41
C PRO A 81 23.55 36.63 -6.40
N MET A 82 23.05 36.20 -5.24
CA MET A 82 23.92 35.60 -4.19
C MET A 82 24.39 34.23 -4.68
N CYS A 83 23.47 33.44 -5.25
CA CYS A 83 23.80 32.09 -5.72
C CYS A 83 24.42 32.22 -7.12
N ASP A 84 25.62 32.80 -7.16
CA ASP A 84 26.31 33.03 -8.43
C ASP A 84 27.43 32.01 -8.67
N GLU A 85 27.65 31.09 -7.74
CA GLU A 85 28.61 30.02 -7.98
C GLU A 85 28.03 28.92 -8.85
N PHE A 86 26.72 28.92 -9.08
CA PHE A 86 26.06 27.97 -9.96
C PHE A 86 25.75 28.56 -11.34
N ILE A 87 26.50 29.59 -11.75
CA ILE A 87 26.30 30.16 -13.08
C ILE A 87 26.57 29.11 -14.15
N ARG A 88 27.66 28.37 -14.00
CA ARG A 88 27.95 27.23 -14.86
C ARG A 88 28.26 26.03 -13.99
N VAL A 89 27.43 24.99 -14.09
CA VAL A 89 27.59 23.80 -13.26
C VAL A 89 27.95 22.61 -14.14
N PRO A 90 28.77 21.68 -13.66
CA PRO A 90 29.03 20.46 -14.42
C PRO A 90 27.92 19.44 -14.21
N GLU A 91 28.12 18.26 -14.79
CA GLU A 91 27.17 17.18 -14.60
C GLU A 91 27.15 16.74 -13.14
N TRP A 92 25.95 16.46 -12.65
CA TRP A 92 25.75 16.08 -11.26
C TRP A 92 24.99 14.76 -11.19
N SER A 93 25.15 14.07 -10.06
CA SER A 93 24.42 12.84 -9.80
C SER A 93 23.11 13.06 -9.06
N TYR A 94 23.07 14.04 -8.16
CA TYR A 94 21.83 14.40 -7.47
C TYR A 94 21.97 15.83 -6.97
N ILE A 95 20.83 16.42 -6.63
CA ILE A 95 20.76 17.78 -6.11
C ILE A 95 20.47 17.72 -4.62
N VAL A 96 21.30 18.40 -3.82
CA VAL A 96 21.14 18.44 -2.38
C VAL A 96 21.07 19.89 -1.94
N GLU A 97 20.10 20.20 -1.08
CA GLU A 97 19.91 21.56 -0.59
C GLU A 97 19.38 21.50 0.83
N ARG A 98 19.50 22.62 1.54
CA ARG A 98 19.04 22.71 2.91
C ARG A 98 17.52 22.65 2.98
N ALA A 99 17.01 22.29 4.15
CA ALA A 99 15.57 22.19 4.34
C ALA A 99 14.89 23.55 4.18
N ASN A 100 15.51 24.61 4.71
CA ASN A 100 14.98 25.96 4.62
C ASN A 100 16.09 26.86 4.07
N PRO A 101 16.28 26.88 2.75
CA PRO A 101 17.32 27.73 2.17
C PRO A 101 16.98 29.21 2.34
N SER A 102 17.94 29.98 2.82
CA SER A 102 17.72 31.41 3.01
C SER A 102 17.59 32.13 1.66
N ASN A 103 18.41 31.74 0.68
CA ASN A 103 18.39 32.36 -0.64
C ASN A 103 17.34 31.64 -1.49
N ASP A 104 16.13 32.19 -1.51
CA ASP A 104 15.03 31.60 -2.25
C ASP A 104 14.04 32.70 -2.59
N LEU A 105 14.00 33.10 -3.87
CA LEU A 105 13.10 34.16 -4.34
C LEU A 105 13.32 35.44 -3.54
N CYS A 106 14.51 36.01 -3.74
CA CYS A 106 14.90 37.23 -3.03
C CYS A 106 13.83 38.30 -3.17
N TYR A 107 13.31 38.50 -4.37
CA TYR A 107 12.12 39.32 -4.54
C TYR A 107 10.88 38.52 -4.16
N PRO A 108 9.98 39.07 -3.36
CA PRO A 108 8.79 38.32 -2.95
C PRO A 108 7.93 37.92 -4.13
N GLY A 109 7.36 36.72 -4.05
CA GLY A 109 6.54 36.19 -5.13
C GLY A 109 6.43 34.68 -5.01
N SER A 110 6.18 34.04 -6.16
CA SER A 110 6.04 32.60 -6.21
C SER A 110 6.44 32.11 -7.60
N LEU A 111 6.74 30.81 -7.67
CA LEU A 111 7.03 30.14 -8.94
C LEU A 111 5.90 29.15 -9.19
N ASN A 112 5.18 29.33 -10.30
CA ASN A 112 4.06 28.47 -10.62
C ASN A 112 4.53 27.06 -10.92
N ASP A 113 3.80 26.07 -10.41
CA ASP A 113 4.15 24.66 -10.56
C ASP A 113 5.57 24.40 -10.10
N TYR A 114 5.94 25.02 -8.97
CA TYR A 114 7.28 24.83 -8.41
C TYR A 114 7.52 23.38 -8.02
N GLU A 115 6.53 22.73 -7.42
CA GLU A 115 6.65 21.33 -7.05
C GLU A 115 6.71 20.43 -8.28
N GLU A 116 5.93 20.79 -9.32
CA GLU A 116 5.99 20.03 -10.57
C GLU A 116 7.35 20.19 -11.25
N LEU A 117 7.91 21.39 -11.21
CA LEU A 117 9.23 21.62 -11.80
C LEU A 117 10.30 20.81 -11.07
N LYS A 118 10.22 20.75 -9.74
CA LYS A 118 11.19 19.96 -8.98
C LYS A 118 11.09 18.49 -9.32
N HIS A 119 9.87 17.99 -9.53
CA HIS A 119 9.70 16.61 -9.97
C HIS A 119 10.32 16.39 -11.35
N LEU A 120 10.15 17.35 -12.26
CA LEU A 120 10.76 17.25 -13.57
C LEU A 120 12.28 17.31 -13.48
N LEU A 121 12.81 18.15 -12.58
CA LEU A 121 14.25 18.28 -12.44
C LEU A 121 14.87 17.07 -11.76
N SER A 122 14.06 16.20 -11.15
CA SER A 122 14.59 15.02 -10.48
C SER A 122 15.15 13.98 -11.44
N ARG A 123 14.92 14.14 -12.75
CA ARG A 123 15.40 13.18 -13.74
C ARG A 123 16.30 13.86 -14.77
N ILE A 124 16.97 14.95 -14.37
CA ILE A 124 17.89 15.67 -15.24
C ILE A 124 19.25 15.72 -14.55
N ASN A 125 20.30 15.33 -15.28
CA ASN A 125 21.64 15.27 -14.71
C ASN A 125 22.57 16.37 -15.22
N HIS A 126 22.18 17.10 -16.26
CA HIS A 126 23.03 18.15 -16.79
C HIS A 126 22.19 19.18 -17.52
N PHE A 127 22.59 20.45 -17.40
CA PHE A 127 21.97 21.55 -18.13
C PHE A 127 23.05 22.30 -18.91
N GLU A 128 22.74 22.77 -20.07
CA GLU A 128 23.69 23.57 -20.89
C GLU A 128 23.06 24.94 -21.10
N LYS A 129 23.30 25.87 -20.23
CA LYS A 129 22.68 27.20 -20.25
C LYS A 129 23.12 27.96 -21.50
N ILE A 130 22.14 28.47 -22.23
CA ILE A 130 22.38 29.16 -23.49
C ILE A 130 21.65 30.49 -23.49
N LEU A 131 22.18 31.45 -24.26
CA LEU A 131 21.60 32.79 -24.38
C LEU A 131 20.59 32.77 -25.52
N ILE A 132 19.35 32.40 -25.20
CA ILE A 132 18.31 32.36 -26.23
C ILE A 132 17.92 33.77 -26.66
N ILE A 133 17.80 34.69 -25.72
CA ILE A 133 17.41 36.06 -25.99
C ILE A 133 18.51 36.98 -25.46
N PRO A 134 19.36 37.51 -26.33
CA PRO A 134 20.42 38.41 -25.87
C PRO A 134 19.87 39.75 -25.41
N LYS A 135 20.67 40.44 -24.60
CA LYS A 135 20.28 41.75 -24.09
C LYS A 135 20.20 42.81 -25.18
N SER A 136 20.78 42.55 -26.35
CA SER A 136 20.73 43.48 -27.46
C SER A 136 19.44 43.37 -28.27
N SER A 137 18.54 42.47 -27.89
CA SER A 137 17.27 42.28 -28.57
C SER A 137 16.17 43.17 -28.00
N TRP A 138 16.50 44.07 -27.08
CA TRP A 138 15.56 45.01 -26.49
C TRP A 138 16.09 46.43 -26.68
N PRO A 139 16.02 46.97 -27.91
CA PRO A 139 16.51 48.34 -28.12
C PRO A 139 15.50 49.42 -27.74
N ASN A 140 14.27 49.02 -27.45
CA ASN A 140 13.22 50.01 -27.13
C ASN A 140 12.73 49.87 -25.68
N HIS A 141 13.34 48.99 -24.88
CA HIS A 141 13.03 48.84 -23.44
C HIS A 141 14.26 49.14 -22.60
N GLU A 142 14.21 48.95 -21.28
CA GLU A 142 15.36 49.31 -20.41
C GLU A 142 15.79 48.10 -19.63
N THR A 143 16.95 47.54 -19.98
CA THR A 143 17.47 46.37 -19.24
C THR A 143 18.23 46.81 -17.99
N SER A 144 18.83 48.00 -18.01
CA SER A 144 19.70 48.47 -16.89
C SER A 144 19.01 48.73 -15.54
N LEU A 145 17.81 49.29 -15.52
CA LEU A 145 17.20 49.75 -14.24
C LEU A 145 16.42 48.68 -13.48
N GLY A 146 16.36 47.45 -13.96
CA GLY A 146 15.54 46.50 -13.21
C GLY A 146 16.31 45.95 -12.04
N VAL A 147 16.56 46.79 -11.04
CA VAL A 147 17.37 46.38 -9.85
C VAL A 147 16.52 46.58 -8.61
N SER A 148 16.53 45.62 -7.68
CA SER A 148 15.82 45.81 -6.40
C SER A 148 16.79 45.72 -5.22
N ALA A 149 16.34 46.05 -4.02
CA ALA A 149 17.18 45.86 -2.82
C ALA A 149 16.71 44.60 -2.11
N ALA A 150 15.68 43.96 -2.61
CA ALA A 150 15.26 42.68 -2.06
C ALA A 150 16.20 41.65 -2.65
N CYS A 151 16.90 42.03 -3.72
CA CYS A 151 17.87 41.15 -4.44
C CYS A 151 19.15 41.94 -4.56
N PRO A 152 19.92 42.14 -3.46
CA PRO A 152 21.10 42.98 -3.46
C PRO A 152 22.38 42.25 -3.83
N TYR A 153 23.38 42.95 -4.37
CA TYR A 153 24.64 42.23 -4.64
C TYR A 153 25.82 43.07 -4.20
N GLN A 154 26.64 42.51 -3.30
CA GLN A 154 27.75 43.32 -2.77
C GLN A 154 27.09 44.58 -2.22
N GLY A 155 25.94 44.42 -1.57
CA GLY A 155 25.22 45.56 -0.99
C GLY A 155 24.83 46.61 -2.01
N ALA A 156 24.45 46.19 -3.21
CA ALA A 156 23.94 47.19 -4.18
C ALA A 156 22.64 46.65 -4.76
N PRO A 157 21.62 47.49 -5.04
CA PRO A 157 20.45 46.98 -5.69
C PRO A 157 20.89 46.05 -6.83
N SER A 158 20.27 44.89 -6.98
CA SER A 158 20.56 43.98 -8.12
C SER A 158 19.33 43.11 -8.34
N PHE A 159 19.36 42.16 -9.28
CA PHE A 159 18.15 41.37 -9.59
C PHE A 159 18.58 40.00 -10.11
N PHE A 160 17.62 39.11 -10.37
CA PHE A 160 17.99 37.74 -10.78
C PHE A 160 18.76 37.78 -12.09
N ARG A 161 19.84 37.01 -12.21
CA ARG A 161 20.71 36.98 -13.41
C ARG A 161 20.08 36.38 -14.68
N ASN A 162 19.29 35.30 -14.56
CA ASN A 162 18.80 34.56 -15.76
C ASN A 162 17.57 35.18 -16.45
N VAL A 163 16.89 36.14 -15.84
CA VAL A 163 15.75 36.81 -16.43
C VAL A 163 15.99 38.32 -16.39
N VAL A 164 15.26 39.04 -17.23
CA VAL A 164 15.43 40.48 -17.40
C VAL A 164 14.14 41.17 -17.00
N TRP A 165 14.25 42.13 -16.08
CA TRP A 165 13.12 42.98 -15.70
C TRP A 165 13.12 44.17 -16.66
N LEU A 166 12.10 44.24 -17.51
CA LEU A 166 12.02 45.28 -18.53
C LEU A 166 11.26 46.48 -18.00
N ILE A 167 11.86 47.66 -18.13
CA ILE A 167 11.28 48.91 -17.67
C ILE A 167 11.04 49.80 -18.90
N LYS A 168 10.10 50.74 -18.74
CA LYS A 168 9.80 51.66 -19.83
C LYS A 168 11.02 52.52 -20.15
N LYS A 169 11.23 52.76 -21.45
CA LYS A 169 12.35 53.56 -21.93
C LYS A 169 11.82 54.76 -22.70
N ASN A 170 12.35 55.94 -22.39
CA ASN A 170 11.92 57.19 -23.02
C ASN A 170 10.42 57.41 -22.88
N ASP A 171 9.90 57.09 -21.68
CA ASP A 171 8.48 57.27 -21.36
C ASP A 171 7.59 56.52 -22.35
N ALA A 172 7.98 55.30 -22.69
CA ALA A 172 7.22 54.49 -23.63
C ALA A 172 7.46 53.02 -23.33
N TYR A 173 6.52 52.18 -23.79
CA TYR A 173 6.62 50.72 -23.63
C TYR A 173 5.93 50.05 -24.81
N PRO A 174 6.63 49.93 -25.93
CA PRO A 174 6.02 49.27 -27.10
C PRO A 174 5.74 47.80 -26.83
N THR A 175 4.72 47.28 -27.52
CA THR A 175 4.35 45.89 -27.37
C THR A 175 5.47 44.98 -27.84
N ILE A 176 5.69 43.90 -27.09
CA ILE A 176 6.79 42.98 -27.36
C ILE A 176 6.32 41.91 -28.34
N LYS A 177 7.06 41.74 -29.43
CA LYS A 177 6.81 40.70 -30.43
C LYS A 177 8.07 39.85 -30.52
N ILE A 178 8.15 38.82 -29.68
CA ILE A 178 9.33 37.99 -29.57
C ILE A 178 8.95 36.54 -29.85
N SER A 179 9.66 35.90 -30.78
CA SER A 179 9.50 34.50 -31.10
C SER A 179 10.87 33.84 -31.15
N TYR A 180 10.91 32.54 -30.88
CA TYR A 180 12.18 31.81 -30.78
C TYR A 180 11.98 30.37 -31.23
N ASN A 181 12.71 29.96 -32.26
CA ASN A 181 12.79 28.57 -32.70
C ASN A 181 13.58 27.75 -31.69
N ASN A 182 13.18 26.50 -31.48
CA ASN A 182 14.00 25.55 -30.74
C ASN A 182 14.75 24.70 -31.76
N THR A 183 15.76 25.31 -32.37
CA THR A 183 16.56 24.64 -33.38
C THR A 183 17.45 23.54 -32.81
N ASN A 184 17.59 23.48 -31.49
CA ASN A 184 18.42 22.47 -30.86
C ASN A 184 17.72 21.12 -30.88
N GLN A 185 18.48 20.07 -30.58
CA GLN A 185 17.96 18.71 -30.56
C GLN A 185 17.50 18.28 -29.17
N GLU A 186 17.50 19.18 -28.20
CA GLU A 186 17.11 18.86 -26.83
C GLU A 186 16.05 19.83 -26.36
N ASP A 187 15.30 19.40 -25.33
CA ASP A 187 14.27 20.25 -24.75
C ASP A 187 14.90 21.47 -24.08
N LEU A 188 14.18 22.59 -24.15
CA LEU A 188 14.64 23.86 -23.58
C LEU A 188 13.68 24.29 -22.48
N LEU A 189 14.23 24.56 -21.31
CA LEU A 189 13.45 25.07 -20.18
C LEU A 189 13.52 26.59 -20.18
N ILE A 190 12.37 27.24 -20.35
CA ILE A 190 12.29 28.68 -20.46
C ILE A 190 11.57 29.23 -19.24
N LEU A 191 12.19 30.21 -18.57
CA LEU A 191 11.65 30.81 -17.36
C LEU A 191 11.28 32.25 -17.66
N TRP A 192 10.02 32.61 -17.43
CA TRP A 192 9.56 33.99 -17.52
C TRP A 192 8.68 34.29 -16.31
N GLY A 193 8.24 35.53 -16.19
CA GLY A 193 7.42 35.90 -15.06
C GLY A 193 6.61 37.15 -15.32
N ILE A 194 5.77 37.47 -14.33
CA ILE A 194 4.91 38.65 -14.37
C ILE A 194 5.06 39.38 -13.03
N HIS A 195 5.12 40.70 -13.10
CA HIS A 195 5.28 41.54 -11.91
C HIS A 195 3.94 42.16 -11.53
N HIS A 196 3.55 41.98 -10.27
CA HIS A 196 2.33 42.56 -9.72
C HIS A 196 2.70 43.85 -8.99
N SER A 197 2.14 44.96 -9.43
CA SER A 197 2.45 46.26 -8.85
C SER A 197 1.65 46.45 -7.56
N ASN A 198 1.80 47.63 -6.94
CA ASN A 198 1.10 47.96 -5.71
C ASN A 198 -0.08 48.88 -5.93
N ASN A 199 0.10 49.96 -6.69
CA ASN A 199 -0.96 50.93 -6.95
C ASN A 199 -0.88 51.37 -8.40
N ALA A 200 -1.83 52.22 -8.80
CA ALA A 200 -1.93 52.65 -10.19
C ALA A 200 -0.79 53.57 -10.59
N GLU A 201 -0.33 54.42 -9.67
CA GLU A 201 0.76 55.34 -9.99
C GLU A 201 2.06 54.59 -10.22
N GLU A 202 2.31 53.57 -9.41
CA GLU A 202 3.53 52.74 -9.57
C GLU A 202 3.49 52.09 -10.95
N GLN A 203 2.33 51.61 -11.37
CA GLN A 203 2.19 50.95 -12.66
C GLN A 203 2.55 51.89 -13.81
N THR A 204 2.04 53.13 -13.76
CA THR A 204 2.31 54.07 -14.85
C THR A 204 3.71 54.68 -14.73
N ASN A 205 4.28 54.71 -13.52
CA ASN A 205 5.59 55.29 -13.32
C ASN A 205 6.71 54.33 -13.72
N LEU A 206 6.41 53.06 -13.98
CA LEU A 206 7.46 52.08 -14.23
C LEU A 206 7.19 51.30 -15.50
N TYR A 207 5.93 51.27 -15.94
CA TYR A 207 5.55 50.53 -17.14
C TYR A 207 4.82 51.35 -18.19
N LYS A 208 4.27 52.51 -17.83
CA LYS A 208 3.60 53.46 -18.72
C LYS A 208 2.26 52.91 -19.23
N ASN A 209 1.91 51.66 -18.92
CA ASN A 209 0.67 51.06 -19.38
C ASN A 209 -0.18 50.67 -18.17
N PRO A 210 -1.37 51.25 -18.01
CA PRO A 210 -2.21 50.87 -16.86
C PRO A 210 -2.72 49.43 -16.96
N THR A 211 -3.26 49.07 -18.11
CA THR A 211 -3.79 47.73 -18.35
C THR A 211 -2.81 46.97 -19.23
N THR A 212 -2.11 45.99 -18.65
CA THR A 212 -1.12 45.20 -19.35
C THR A 212 -1.54 43.74 -19.41
N TYR A 213 -0.80 42.96 -20.19
CA TYR A 213 -1.05 41.54 -20.34
C TYR A 213 0.23 40.85 -20.74
N ILE A 214 0.26 39.53 -20.54
CA ILE A 214 1.37 38.70 -20.98
C ILE A 214 0.76 37.43 -21.58
N SER A 215 0.93 37.26 -22.89
CA SER A 215 0.42 36.09 -23.60
C SER A 215 1.59 35.27 -24.10
N VAL A 216 1.62 33.99 -23.73
CA VAL A 216 2.66 33.06 -24.13
C VAL A 216 2.00 31.94 -24.92
N GLY A 217 2.54 31.66 -26.11
CA GLY A 217 1.93 30.66 -26.97
C GLY A 217 2.91 29.67 -27.55
N THR A 218 2.69 28.38 -27.27
CA THR A 218 3.48 27.30 -27.87
C THR A 218 2.53 26.30 -28.51
N SER A 219 3.06 25.15 -28.93
CA SER A 219 2.21 24.11 -29.49
C SER A 219 1.19 23.61 -28.48
N THR A 220 1.60 23.47 -27.22
CA THR A 220 0.74 22.93 -26.18
C THR A 220 0.34 23.94 -25.12
N LEU A 221 0.91 25.13 -25.11
CA LEU A 221 0.67 26.12 -24.07
C LEU A 221 -0.04 27.34 -24.65
N ASN A 222 -1.15 27.71 -24.03
CA ASN A 222 -1.91 28.91 -24.38
C ASN A 222 -2.22 29.64 -23.07
N GLN A 223 -1.43 30.65 -22.74
CA GLN A 223 -1.49 31.31 -21.45
C GLN A 223 -1.62 32.82 -21.62
N ARG A 224 -2.48 33.42 -20.80
CA ARG A 224 -2.62 34.87 -20.73
C ARG A 224 -2.60 35.28 -19.27
N LEU A 225 -1.83 36.33 -18.96
CA LEU A 225 -1.63 36.76 -17.59
C LEU A 225 -1.95 38.25 -17.45
N VAL A 226 -2.62 38.60 -16.36
CA VAL A 226 -2.93 39.99 -16.05
C VAL A 226 -2.43 40.28 -14.64
N PRO A 227 -1.66 41.35 -14.44
CA PRO A 227 -1.16 41.64 -13.09
C PRO A 227 -2.29 41.99 -12.13
N LYS A 228 -2.08 41.64 -10.85
CA LYS A 228 -3.02 41.92 -9.78
C LYS A 228 -2.47 43.10 -8.98
N ILE A 229 -2.93 44.30 -9.32
CA ILE A 229 -2.49 45.51 -8.63
C ILE A 229 -3.31 45.68 -7.36
N ALA A 230 -2.81 45.15 -6.24
CA ALA A 230 -3.51 45.23 -4.98
C ALA A 230 -2.59 45.72 -3.86
N THR A 231 -3.08 45.71 -2.62
CA THR A 231 -2.31 46.11 -1.46
C THR A 231 -2.01 44.87 -0.62
N ARG A 232 -0.73 44.53 -0.51
CA ARG A 232 -0.27 43.40 0.27
C ARG A 232 0.66 43.88 1.37
N SER A 233 1.26 42.92 2.02
CA SER A 233 2.09 43.30 3.16
C SER A 233 3.56 43.14 2.77
N GLN A 234 4.46 43.89 3.40
CA GLN A 234 5.92 43.86 3.13
C GLN A 234 6.51 42.50 3.40
N VAL A 235 7.07 41.85 2.38
CA VAL A 235 7.91 40.67 2.40
C VAL A 235 9.26 41.05 1.82
N ASN A 236 10.32 40.90 2.62
CA ASN A 236 11.66 41.35 2.24
C ASN A 236 11.67 42.84 1.90
N GLY A 237 10.81 43.60 2.57
CA GLY A 237 10.75 45.03 2.40
C GLY A 237 9.95 45.51 1.21
N GLN A 238 9.35 44.59 0.47
CA GLN A 238 8.61 44.94 -0.78
C GLN A 238 7.16 44.46 -0.71
N ARG A 239 6.21 45.33 -1.04
CA ARG A 239 4.76 44.97 -1.05
C ARG A 239 4.38 44.50 -2.46
N GLY A 240 5.33 44.45 -3.41
CA GLY A 240 5.09 43.94 -4.77
C GLY A 240 5.41 42.48 -4.86
N ARG A 241 4.92 41.80 -5.88
CA ARG A 241 5.09 40.36 -6.07
C ARG A 241 5.49 40.08 -7.52
N MET A 242 6.18 38.97 -7.71
CA MET A 242 6.55 38.49 -9.04
C MET A 242 6.26 36.99 -9.11
N ASP A 243 5.35 36.60 -10.00
CA ASP A 243 5.00 35.21 -10.21
C ASP A 243 5.72 34.71 -11.46
N PHE A 244 6.50 33.64 -11.31
CA PHE A 244 7.32 33.11 -12.39
C PHE A 244 6.68 31.84 -12.95
N PHE A 245 6.87 31.64 -14.25
CA PHE A 245 6.30 30.50 -14.96
C PHE A 245 7.38 29.81 -15.78
N TRP A 246 7.17 28.52 -16.04
CA TRP A 246 8.14 27.72 -16.77
C TRP A 246 7.42 26.84 -17.79
N THR A 247 8.17 26.44 -18.81
CA THR A 247 7.67 25.54 -19.83
C THR A 247 8.84 24.74 -20.40
N ILE A 248 8.50 23.62 -21.03
CA ILE A 248 9.50 22.76 -21.67
C ILE A 248 9.25 22.84 -23.17
N LEU A 249 10.14 23.52 -23.88
CA LEU A 249 9.99 23.68 -25.31
C LEU A 249 10.60 22.48 -26.05
N LYS A 250 9.78 21.79 -26.83
CA LYS A 250 10.20 20.62 -27.58
C LYS A 250 11.04 21.04 -28.79
N PRO A 251 11.86 20.14 -29.31
CA PRO A 251 12.65 20.46 -30.51
C PRO A 251 11.73 20.79 -31.68
N ASP A 252 12.18 21.74 -32.52
CA ASP A 252 11.47 22.26 -33.68
C ASP A 252 10.16 22.94 -33.29
N ASP A 253 9.99 23.32 -32.03
CA ASP A 253 8.80 24.01 -31.56
C ASP A 253 9.15 25.45 -31.22
N ALA A 254 8.29 26.37 -31.64
CA ALA A 254 8.51 27.79 -31.42
C ALA A 254 7.71 28.29 -30.22
N ILE A 255 8.26 29.28 -29.53
CA ILE A 255 7.60 29.91 -28.39
C ILE A 255 7.47 31.40 -28.68
N HIS A 256 6.30 31.95 -28.39
CA HIS A 256 5.99 33.34 -28.72
C HIS A 256 5.61 34.09 -27.45
N PHE A 257 6.10 35.32 -27.35
CA PHE A 257 5.83 36.19 -26.20
C PHE A 257 5.24 37.50 -26.71
N GLU A 258 4.05 37.84 -26.21
CA GLU A 258 3.43 39.13 -26.47
C GLU A 258 3.06 39.75 -25.13
N SER A 259 3.61 40.93 -24.85
CA SER A 259 3.41 41.58 -23.56
C SER A 259 3.28 43.08 -23.74
N ASN A 260 2.36 43.68 -22.98
CA ASN A 260 2.20 45.13 -22.92
C ASN A 260 2.89 45.74 -21.71
N GLY A 261 3.35 44.92 -20.77
CA GLY A 261 4.01 45.41 -19.59
C GLY A 261 4.07 44.33 -18.54
N ASN A 262 4.73 44.67 -17.42
CA ASN A 262 4.89 43.77 -16.28
C ASN A 262 5.56 42.45 -16.68
N PHE A 263 6.45 42.51 -17.67
CA PHE A 263 7.07 41.32 -18.23
C PHE A 263 8.47 41.14 -17.69
N ILE A 264 8.75 39.97 -17.12
CA ILE A 264 10.10 39.58 -16.74
C ILE A 264 10.59 38.67 -17.87
N ALA A 265 11.21 39.28 -18.87
CA ALA A 265 11.55 38.56 -20.09
C ALA A 265 12.66 37.54 -19.82
N PRO A 266 12.55 36.34 -20.40
CA PRO A 266 13.64 35.37 -20.26
C PRO A 266 14.89 35.84 -20.99
N GLU A 267 16.03 35.47 -20.43
CA GLU A 267 17.33 35.76 -21.04
C GLU A 267 18.16 34.51 -21.27
N TYR A 268 18.16 33.57 -20.34
CA TYR A 268 18.91 32.33 -20.45
C TYR A 268 17.96 31.16 -20.30
N ALA A 269 18.05 30.21 -21.23
CA ALA A 269 17.29 28.96 -21.14
C ALA A 269 18.23 27.84 -20.69
N TYR A 270 17.69 26.62 -20.63
CA TYR A 270 18.45 25.47 -20.16
C TYR A 270 18.22 24.30 -21.08
N LYS A 271 19.30 23.76 -21.64
CA LYS A 271 19.21 22.57 -22.48
C LYS A 271 19.20 21.32 -21.61
N ILE A 272 18.25 20.42 -21.88
CA ILE A 272 18.21 19.13 -21.19
C ILE A 272 19.01 18.16 -22.06
N VAL A 273 20.33 18.18 -21.84
CA VAL A 273 21.24 17.39 -22.65
C VAL A 273 21.36 15.96 -22.13
N LYS A 274 21.42 15.79 -20.81
CA LYS A 274 21.44 14.47 -20.20
C LYS A 274 20.22 14.30 -19.30
N LYS A 275 19.49 13.20 -19.50
CA LYS A 275 18.24 12.95 -18.81
C LYS A 275 18.27 11.52 -18.27
N GLY A 276 18.75 11.37 -17.05
CA GLY A 276 18.82 10.09 -16.35
C GLY A 276 17.93 10.08 -15.13
N ASP A 277 18.46 9.55 -14.03
CA ASP A 277 17.76 9.49 -12.77
C ASP A 277 18.54 10.21 -11.67
N SER A 278 17.82 10.84 -10.76
CA SER A 278 18.41 11.60 -9.66
C SER A 278 17.31 11.86 -8.63
N THR A 279 17.69 12.55 -7.55
CA THR A 279 16.74 12.98 -6.53
C THR A 279 17.11 14.38 -6.08
N ILE A 280 16.13 15.07 -5.50
CA ILE A 280 16.36 16.33 -4.80
C ILE A 280 16.32 16.01 -3.31
N MET A 281 17.46 16.17 -2.65
CA MET A 281 17.67 15.67 -1.29
C MET A 281 17.82 16.85 -0.33
N LYS A 282 17.15 16.75 0.81
CA LYS A 282 17.16 17.81 1.82
C LYS A 282 18.06 17.36 2.97
N SER A 283 19.26 17.94 3.07
CA SER A 283 20.18 17.61 4.13
C SER A 283 21.15 18.78 4.34
N GLY A 284 21.59 18.94 5.57
CA GLY A 284 22.53 19.99 5.91
C GLY A 284 23.95 19.49 6.10
N VAL A 285 24.21 18.27 5.65
CA VAL A 285 25.53 17.66 5.79
C VAL A 285 26.49 18.33 4.80
N GLU A 286 27.78 18.30 5.13
CA GLU A 286 28.79 18.90 4.28
C GLU A 286 29.41 17.86 3.34
N TYR A 287 30.01 18.35 2.27
CA TYR A 287 30.73 17.49 1.34
C TYR A 287 31.96 16.90 2.00
N GLY A 288 32.33 15.70 1.56
CA GLY A 288 33.42 14.99 2.20
C GLY A 288 34.51 14.47 1.28
N HIS A 289 34.43 14.79 -0.01
CA HIS A 289 35.41 14.32 -1.00
C HIS A 289 35.52 12.79 -0.94
N CYS A 290 34.43 12.14 -1.34
CA CYS A 290 34.14 10.75 -1.07
C CYS A 290 33.78 10.02 -2.36
N ASN A 291 33.35 8.76 -2.23
CA ASN A 291 32.88 7.99 -3.41
C ASN A 291 31.96 6.85 -2.93
N THR A 292 30.64 6.95 -3.17
CA THR A 292 29.68 5.92 -2.67
C THR A 292 28.73 5.47 -3.77
N LYS A 293 28.19 4.25 -3.66
CA LYS A 293 27.20 3.75 -4.65
C LYS A 293 25.79 4.22 -4.28
N CYS A 294 25.45 4.23 -2.99
CA CYS A 294 24.11 4.70 -2.53
C CYS A 294 24.28 5.87 -1.55
N GLN A 295 23.46 6.92 -1.71
CA GLN A 295 23.59 8.13 -0.84
C GLN A 295 22.41 8.23 0.12
N THR A 296 22.55 9.02 1.19
CA THR A 296 21.49 9.18 2.19
C THR A 296 21.60 10.60 2.72
N PRO A 297 20.48 11.27 3.05
CA PRO A 297 20.56 12.62 3.63
C PRO A 297 21.36 12.64 4.92
N VAL A 298 21.41 11.50 5.61
CA VAL A 298 22.19 11.39 6.85
C VAL A 298 23.64 11.03 6.56
N GLY A 299 23.88 10.14 5.59
CA GLY A 299 25.23 9.73 5.26
C GLY A 299 25.33 8.89 4.00
N ALA A 300 26.14 7.82 4.04
CA ALA A 300 26.30 6.94 2.90
C ALA A 300 26.53 5.52 3.41
N ILE A 301 25.84 4.56 2.80
CA ILE A 301 25.93 3.16 3.20
C ILE A 301 27.10 2.51 2.47
N ASN A 302 28.18 2.26 3.19
CA ASN A 302 29.33 1.54 2.65
C ASN A 302 29.24 0.08 3.08
N SER A 303 28.25 -0.60 2.53
CA SER A 303 28.01 -2.02 2.84
C SER A 303 27.07 -2.60 1.80
N SER A 304 26.96 -3.93 1.83
CA SER A 304 26.11 -4.69 0.92
C SER A 304 25.08 -5.49 1.70
N MET A 305 24.62 -4.93 2.83
CA MET A 305 23.66 -5.64 3.71
C MET A 305 22.30 -5.74 3.02
N PRO A 306 21.47 -6.76 3.37
CA PRO A 306 20.13 -6.87 2.80
C PRO A 306 19.27 -5.67 3.21
N PHE A 307 19.42 -5.19 4.45
CA PHE A 307 18.54 -4.09 4.92
C PHE A 307 19.32 -2.99 5.65
N HIS A 308 18.71 -1.80 5.76
CA HIS A 308 19.29 -0.68 6.47
C HIS A 308 18.17 0.13 7.12
N ASN A 309 18.54 0.95 8.11
CA ASN A 309 17.57 1.76 8.83
C ASN A 309 18.05 3.19 9.01
N ILE A 310 18.77 3.73 8.03
CA ILE A 310 19.30 5.08 8.15
C ILE A 310 18.23 6.11 7.79
N HIS A 311 17.73 6.06 6.56
CA HIS A 311 16.74 7.03 6.10
C HIS A 311 15.92 6.41 4.98
N PRO A 312 14.61 6.63 4.94
CA PRO A 312 13.81 6.05 3.83
C PRO A 312 14.22 6.55 2.46
N LEU A 313 14.65 7.80 2.34
CA LEU A 313 14.98 8.39 1.05
C LEU A 313 16.44 8.07 0.72
N THR A 314 16.65 7.28 -0.33
CA THR A 314 18.05 6.84 -0.64
C THR A 314 18.24 6.76 -2.15
N ILE A 315 19.37 7.27 -2.64
CA ILE A 315 19.66 7.28 -4.12
C ILE A 315 20.84 6.35 -4.40
N GLY A 316 20.90 5.77 -5.60
CA GLY A 316 22.04 4.90 -5.98
C GLY A 316 21.72 3.43 -5.80
N GLU A 317 22.74 2.60 -5.55
CA GLU A 317 22.47 1.16 -5.25
C GLU A 317 22.17 1.12 -3.76
N CYS A 318 20.88 1.05 -3.40
CA CYS A 318 20.51 1.19 -1.96
C CYS A 318 19.85 -0.06 -1.40
N PRO A 319 20.24 -0.51 -0.19
CA PRO A 319 19.57 -1.64 0.45
C PRO A 319 18.16 -1.19 0.86
N LYS A 320 17.30 -2.15 1.20
CA LYS A 320 15.89 -1.85 1.60
C LYS A 320 15.82 -1.18 2.96
N TYR A 321 14.93 -0.23 3.14
CA TYR A 321 14.72 0.47 4.40
C TYR A 321 13.66 -0.21 5.24
N VAL A 322 13.98 -0.44 6.51
CA VAL A 322 13.02 -0.94 7.48
C VAL A 322 13.15 -0.11 8.76
N LYS A 323 12.07 -0.07 9.54
CA LYS A 323 12.03 0.71 10.78
C LYS A 323 12.35 -0.13 12.00
N SER A 324 13.13 -1.20 11.85
CA SER A 324 13.49 -2.07 12.96
C SER A 324 14.88 -1.72 13.45
N ASN A 325 15.04 -1.69 14.79
CA ASN A 325 16.33 -1.36 15.37
C ASN A 325 17.34 -2.48 15.23
N LYS A 326 16.89 -3.72 15.01
CA LYS A 326 17.80 -4.83 14.84
C LYS A 326 17.15 -5.88 13.96
N LEU A 327 17.97 -6.58 13.17
CA LEU A 327 17.50 -7.64 12.29
C LEU A 327 18.65 -8.64 12.13
N VAL A 328 18.57 -9.75 12.87
CA VAL A 328 19.61 -10.77 12.87
C VAL A 328 18.97 -12.10 12.48
N LEU A 329 19.55 -12.75 11.46
CA LEU A 329 19.07 -14.05 11.01
C LEU A 329 19.96 -15.14 11.60
N ALA A 330 19.35 -16.07 12.31
CA ALA A 330 20.09 -17.16 12.92
C ALA A 330 20.68 -18.07 11.85
N THR A 331 21.96 -18.41 12.02
CA THR A 331 22.66 -19.31 11.12
C THR A 331 23.15 -20.57 11.82
N GLY A 332 23.82 -20.42 12.96
CA GLY A 332 24.28 -21.56 13.73
C GLY A 332 23.24 -22.05 14.72
N LEU A 333 23.67 -22.99 15.55
CA LEU A 333 22.79 -23.57 16.55
C LEU A 333 22.76 -22.70 17.80
N ARG A 334 21.94 -23.09 18.77
CA ARG A 334 21.87 -22.36 20.04
C ARG A 334 23.18 -22.51 20.80
N ASN A 335 23.64 -21.40 21.37
CA ASN A 335 24.91 -21.37 22.10
C ASN A 335 24.61 -21.66 23.58
N SER A 336 24.90 -22.88 24.00
CA SER A 336 24.65 -23.28 25.39
C SER A 336 25.56 -24.44 25.79
N ASP B 17 7.65 -62.93 4.74
CA ASP B 17 6.77 -62.70 5.87
C ASP B 17 7.15 -61.42 6.61
N GLN B 18 6.96 -60.27 5.96
CA GLN B 18 7.33 -59.01 6.58
C GLN B 18 6.49 -57.87 6.00
N ILE B 19 6.09 -56.94 6.88
CA ILE B 19 5.41 -55.72 6.43
C ILE B 19 6.44 -54.61 6.24
N CYS B 20 6.05 -53.58 5.47
CA CYS B 20 6.95 -52.49 5.17
C CYS B 20 6.14 -51.23 4.88
N ILE B 21 6.79 -50.07 4.99
CA ILE B 21 6.12 -48.79 4.78
C ILE B 21 6.94 -47.97 3.78
N GLY B 22 6.23 -47.32 2.87
CA GLY B 22 6.81 -46.41 1.90
C GLY B 22 5.75 -45.43 1.46
N TYR B 23 6.05 -44.70 0.38
CA TYR B 23 5.10 -43.73 -0.13
C TYR B 23 4.96 -43.91 -1.64
N HIS B 24 3.95 -43.23 -2.19
CA HIS B 24 3.70 -43.29 -3.62
C HIS B 24 4.82 -42.62 -4.40
N ALA B 25 5.26 -43.29 -5.47
CA ALA B 25 6.26 -42.73 -6.36
C ALA B 25 5.79 -42.91 -7.79
N ASN B 26 5.90 -41.85 -8.58
CA ASN B 26 5.55 -41.89 -9.99
C ASN B 26 6.77 -41.47 -10.81
N ASN B 27 6.56 -41.27 -12.11
CA ASN B 27 7.65 -40.95 -13.02
C ASN B 27 7.56 -39.52 -13.56
N SER B 28 6.74 -38.68 -12.94
CA SER B 28 6.56 -37.31 -13.37
C SER B 28 7.77 -36.46 -13.01
N THR B 29 7.88 -35.30 -13.66
CA THR B 29 8.98 -34.37 -13.48
C THR B 29 8.52 -33.01 -12.97
N GLU B 30 7.38 -32.97 -12.27
CA GLU B 30 6.90 -31.72 -11.71
C GLU B 30 7.86 -31.19 -10.65
N GLN B 31 8.11 -29.89 -10.68
CA GLN B 31 9.08 -29.26 -9.80
C GLN B 31 8.43 -28.12 -9.03
N VAL B 32 8.76 -28.00 -7.74
CA VAL B 32 8.23 -26.96 -6.87
C VAL B 32 9.38 -26.15 -6.31
N ASP B 33 9.05 -25.04 -5.67
CA ASP B 33 10.04 -24.13 -5.10
C ASP B 33 9.91 -24.13 -3.58
N THR B 34 11.03 -24.36 -2.91
CA THR B 34 11.13 -24.29 -1.46
C THR B 34 12.26 -23.33 -1.10
N ILE B 35 12.04 -22.49 -0.09
CA ILE B 35 12.97 -21.41 0.22
C ILE B 35 14.35 -21.94 0.59
N MET B 36 14.43 -23.20 1.04
CA MET B 36 15.71 -23.79 1.39
C MET B 36 16.23 -24.78 0.37
N GLU B 37 15.45 -25.09 -0.67
CA GLU B 37 15.88 -26.03 -1.72
C GLU B 37 15.11 -25.73 -2.99
N LYS B 38 15.81 -25.23 -4.00
CA LYS B 38 15.21 -25.01 -5.31
C LYS B 38 15.07 -26.33 -6.07
N ASN B 39 14.14 -26.33 -7.02
CA ASN B 39 14.08 -27.35 -8.07
C ASN B 39 13.84 -28.75 -7.49
N VAL B 40 12.78 -28.86 -6.69
CA VAL B 40 12.45 -30.10 -5.99
C VAL B 40 11.41 -30.86 -6.79
N THR B 41 11.73 -32.09 -7.17
CA THR B 41 10.80 -32.92 -7.94
C THR B 41 9.77 -33.56 -7.01
N VAL B 42 8.50 -33.47 -7.39
CA VAL B 42 7.41 -34.00 -6.59
C VAL B 42 6.55 -34.92 -7.44
N THR B 43 5.85 -35.84 -6.79
CA THR B 43 5.00 -36.78 -7.50
C THR B 43 3.82 -36.08 -8.14
N HIS B 44 3.11 -35.25 -7.37
CA HIS B 44 1.96 -34.52 -7.86
C HIS B 44 2.05 -33.07 -7.40
N ALA B 45 1.80 -32.15 -8.33
CA ALA B 45 1.83 -30.72 -8.04
C ALA B 45 0.68 -30.04 -8.74
N GLN B 46 0.24 -28.93 -8.18
CA GLN B 46 -0.86 -28.14 -8.73
C GLN B 46 -0.32 -26.77 -9.16
N ASP B 47 -0.52 -26.43 -10.42
CA ASP B 47 -0.12 -25.12 -10.92
C ASP B 47 -1.21 -24.11 -10.57
N ILE B 48 -0.82 -22.99 -9.97
CA ILE B 48 -1.75 -21.96 -9.56
C ILE B 48 -1.51 -20.66 -10.30
N LEU B 49 -0.74 -20.69 -11.39
CA LEU B 49 -0.43 -19.50 -12.18
C LEU B 49 -0.84 -19.73 -13.62
N GLU B 50 -1.52 -18.75 -14.21
CA GLU B 50 -1.96 -18.82 -15.60
C GLU B 50 -1.04 -17.94 -16.44
N LYS B 51 -0.43 -18.55 -17.47
CA LYS B 51 0.52 -17.85 -18.33
C LYS B 51 0.11 -17.90 -19.80
N THR B 52 -1.15 -18.22 -20.08
CA THR B 52 -1.63 -18.35 -21.45
C THR B 52 -2.85 -17.48 -21.67
N HIS B 53 -3.03 -17.03 -22.91
CA HIS B 53 -4.18 -16.22 -23.30
C HIS B 53 -4.47 -16.46 -24.77
N ASN B 54 -5.70 -16.15 -25.17
CA ASN B 54 -6.11 -16.35 -26.55
C ASN B 54 -5.40 -15.39 -27.51
N GLY B 55 -4.93 -14.25 -27.02
CA GLY B 55 -4.20 -13.30 -27.83
C GLY B 55 -5.05 -12.40 -28.69
N LYS B 56 -6.37 -12.45 -28.56
CA LYS B 56 -7.28 -11.64 -29.36
C LYS B 56 -8.27 -10.95 -28.44
N LEU B 57 -8.81 -9.81 -28.90
CA LEU B 57 -9.90 -9.18 -28.18
C LEU B 57 -11.13 -10.08 -28.20
N CYS B 58 -11.78 -10.22 -27.05
CA CYS B 58 -12.79 -11.24 -26.86
C CYS B 58 -13.96 -10.64 -26.08
N ASP B 59 -15.16 -11.10 -26.40
CA ASP B 59 -16.37 -10.52 -25.82
C ASP B 59 -16.42 -10.77 -24.32
N LEU B 60 -17.00 -9.82 -23.60
CA LEU B 60 -17.16 -9.90 -22.14
C LEU B 60 -18.61 -10.25 -21.84
N ASN B 61 -18.83 -11.49 -21.40
CA ASN B 61 -20.15 -11.98 -21.03
C ASN B 61 -21.16 -11.82 -22.17
N GLY B 62 -20.69 -12.04 -23.40
CA GLY B 62 -21.55 -11.99 -24.56
C GLY B 62 -21.90 -10.60 -25.04
N VAL B 63 -21.22 -9.57 -24.56
CA VAL B 63 -21.47 -8.18 -24.97
C VAL B 63 -20.28 -7.71 -25.79
N LYS B 64 -20.55 -7.23 -27.00
CA LYS B 64 -19.49 -6.78 -27.88
C LYS B 64 -18.86 -5.52 -27.33
N PRO B 65 -17.53 -5.45 -27.22
CA PRO B 65 -16.88 -4.25 -26.70
C PRO B 65 -16.93 -3.11 -27.70
N LEU B 66 -16.70 -1.91 -27.18
CA LEU B 66 -16.57 -0.72 -28.02
C LEU B 66 -15.13 -0.59 -28.47
N ILE B 67 -14.86 -0.92 -29.73
CA ILE B 67 -13.51 -0.90 -30.28
C ILE B 67 -13.37 0.36 -31.12
N LEU B 68 -12.48 1.26 -30.70
CA LEU B 68 -12.22 2.48 -31.44
C LEU B 68 -11.10 2.22 -32.45
N LYS B 69 -11.46 2.18 -33.73
CA LYS B 69 -10.49 1.90 -34.80
C LYS B 69 -9.63 3.13 -35.00
N ASP B 70 -8.50 3.16 -34.28
CA ASP B 70 -7.55 4.27 -34.29
C ASP B 70 -8.23 5.60 -33.98
N CYS B 71 -9.10 5.63 -32.98
CA CYS B 71 -9.82 6.82 -32.59
C CYS B 71 -9.75 6.98 -31.07
N SER B 72 -9.89 8.22 -30.61
CA SER B 72 -9.80 8.53 -29.20
C SER B 72 -11.18 8.69 -28.57
N VAL B 73 -11.20 8.73 -27.25
CA VAL B 73 -12.46 8.91 -26.53
C VAL B 73 -13.05 10.28 -26.83
N ALA B 74 -12.20 11.32 -26.79
CA ALA B 74 -12.68 12.67 -27.06
C ALA B 74 -13.13 12.82 -28.51
N GLY B 75 -12.41 12.21 -29.45
CA GLY B 75 -12.81 12.28 -30.84
C GLY B 75 -14.14 11.59 -31.09
N TRP B 76 -14.38 10.46 -30.40
CA TRP B 76 -15.66 9.77 -30.53
C TRP B 76 -16.80 10.60 -29.97
N LEU B 77 -16.60 11.20 -28.78
CA LEU B 77 -17.66 11.98 -28.15
C LEU B 77 -17.95 13.26 -28.92
N LEU B 78 -16.92 13.92 -29.43
CA LEU B 78 -17.11 15.18 -30.15
C LEU B 78 -17.57 14.97 -31.58
N GLY B 79 -17.58 13.73 -32.07
CA GLY B 79 -18.01 13.46 -33.43
C GLY B 79 -16.94 13.76 -34.45
N ASN B 80 -15.81 13.08 -34.35
CA ASN B 80 -14.74 13.24 -35.32
C ASN B 80 -15.25 12.81 -36.69
N PRO B 81 -15.11 13.64 -37.75
CA PRO B 81 -15.64 13.31 -39.07
C PRO B 81 -15.14 11.94 -39.56
N MET B 82 -13.88 11.62 -39.25
CA MET B 82 -13.31 10.31 -39.67
C MET B 82 -13.95 9.20 -38.83
N CYS B 83 -14.10 9.44 -37.52
CA CYS B 83 -14.68 8.43 -36.63
C CYS B 83 -16.20 8.54 -36.73
N ASP B 84 -16.74 8.17 -37.90
CA ASP B 84 -18.17 8.26 -38.15
C ASP B 84 -18.87 6.90 -38.05
N GLU B 85 -18.11 5.83 -37.79
CA GLU B 85 -18.75 4.54 -37.56
C GLU B 85 -19.32 4.41 -36.16
N PHE B 86 -18.98 5.35 -35.26
CA PHE B 86 -19.53 5.39 -33.91
C PHE B 86 -20.64 6.41 -33.77
N ILE B 87 -21.32 6.77 -34.85
CA ILE B 87 -22.43 7.70 -34.77
C ILE B 87 -23.53 7.13 -33.89
N ARG B 88 -23.85 5.85 -34.08
CA ARG B 88 -24.78 5.14 -33.22
C ARG B 88 -24.12 3.83 -32.78
N VAL B 89 -23.88 3.69 -31.48
CA VAL B 89 -23.21 2.51 -30.96
C VAL B 89 -24.18 1.72 -30.08
N PRO B 90 -24.08 0.39 -30.07
CA PRO B 90 -24.90 -0.39 -29.13
C PRO B 90 -24.26 -0.43 -27.76
N GLU B 91 -24.88 -1.22 -26.87
CA GLU B 91 -24.33 -1.40 -25.54
C GLU B 91 -23.00 -2.13 -25.62
N TRP B 92 -22.05 -1.70 -24.79
CA TRP B 92 -20.71 -2.25 -24.78
C TRP B 92 -20.35 -2.70 -23.37
N SER B 93 -19.39 -3.61 -23.29
CA SER B 93 -18.87 -4.08 -22.01
C SER B 93 -17.65 -3.28 -21.55
N TYR B 94 -16.81 -2.85 -22.47
CA TYR B 94 -15.66 -2.01 -22.14
C TYR B 94 -15.24 -1.27 -23.40
N ILE B 95 -14.46 -0.20 -23.19
CA ILE B 95 -13.94 0.62 -24.28
C ILE B 95 -12.46 0.30 -24.46
N VAL B 96 -12.08 0.00 -25.70
CA VAL B 96 -10.70 -0.33 -26.03
C VAL B 96 -10.25 0.60 -27.17
N GLU B 97 -9.06 1.19 -27.01
CA GLU B 97 -8.52 2.10 -28.00
C GLU B 97 -7.01 1.98 -28.02
N ARG B 98 -6.40 2.46 -29.10
CA ARG B 98 -4.96 2.39 -29.26
C ARG B 98 -4.27 3.34 -28.27
N ALA B 99 -2.99 3.05 -28.02
CA ALA B 99 -2.22 3.87 -27.09
C ALA B 99 -2.08 5.31 -27.59
N ASN B 100 -1.84 5.47 -28.89
CA ASN B 100 -1.69 6.78 -29.50
C ASN B 100 -2.63 6.86 -30.70
N PRO B 101 -3.91 7.14 -30.47
CA PRO B 101 -4.87 7.23 -31.58
C PRO B 101 -4.56 8.43 -32.47
N SER B 102 -4.51 8.18 -33.78
CA SER B 102 -4.23 9.26 -34.73
C SER B 102 -5.39 10.25 -34.78
N ASN B 103 -6.62 9.74 -34.76
CA ASN B 103 -7.81 10.59 -34.82
C ASN B 103 -8.16 11.04 -33.40
N ASP B 104 -7.67 12.22 -33.02
CA ASP B 104 -7.91 12.75 -31.68
C ASP B 104 -7.79 14.27 -31.75
N LEU B 105 -8.93 14.96 -31.65
CA LEU B 105 -8.98 16.42 -31.72
C LEU B 105 -8.32 16.92 -33.02
N CYS B 106 -8.99 16.60 -34.13
CA CYS B 106 -8.49 16.98 -35.44
C CYS B 106 -8.16 18.46 -35.50
N TYR B 107 -9.04 19.30 -34.97
CA TYR B 107 -8.70 20.70 -34.76
C TYR B 107 -7.84 20.84 -33.51
N PRO B 108 -6.73 21.57 -33.57
CA PRO B 108 -5.87 21.69 -32.38
C PRO B 108 -6.61 22.34 -31.21
N GLY B 109 -6.31 21.86 -30.01
CA GLY B 109 -6.95 22.35 -28.81
C GLY B 109 -6.83 21.35 -27.68
N SER B 110 -7.77 21.42 -26.75
CA SER B 110 -7.78 20.53 -25.61
C SER B 110 -9.20 20.35 -25.11
N LEU B 111 -9.42 19.28 -24.35
CA LEU B 111 -10.69 19.01 -23.69
C LEU B 111 -10.48 19.13 -22.19
N ASN B 112 -11.18 20.08 -21.56
CA ASN B 112 -11.01 20.31 -20.13
C ASN B 112 -11.51 19.12 -19.33
N ASP B 113 -10.74 18.75 -18.30
CA ASP B 113 -11.05 17.59 -17.46
C ASP B 113 -11.22 16.33 -18.31
N TYR B 114 -10.33 16.18 -19.29
CA TYR B 114 -10.39 15.01 -20.17
C TYR B 114 -10.14 13.72 -19.39
N GLU B 115 -9.19 13.75 -18.45
CA GLU B 115 -8.93 12.57 -17.63
C GLU B 115 -10.08 12.31 -16.67
N GLU B 116 -10.70 13.36 -16.14
CA GLU B 116 -11.87 13.18 -15.29
C GLU B 116 -13.04 12.62 -16.07
N LEU B 117 -13.23 13.07 -17.31
CA LEU B 117 -14.31 12.54 -18.14
C LEU B 117 -14.10 11.07 -18.44
N LYS B 118 -12.86 10.67 -18.72
CA LYS B 118 -12.57 9.26 -18.99
C LYS B 118 -12.86 8.40 -17.76
N HIS B 119 -12.55 8.92 -16.56
CA HIS B 119 -12.90 8.21 -15.34
C HIS B 119 -14.41 8.07 -15.20
N LEU B 120 -15.16 9.14 -15.52
CA LEU B 120 -16.61 9.07 -15.47
C LEU B 120 -17.15 8.08 -16.51
N LEU B 121 -16.55 8.04 -17.69
CA LEU B 121 -17.00 7.14 -18.74
C LEU B 121 -16.65 5.69 -18.45
N SER B 122 -15.78 5.43 -17.48
CA SER B 122 -15.39 4.06 -17.15
C SER B 122 -16.51 3.28 -16.50
N ARG B 123 -17.60 3.94 -16.09
CA ARG B 123 -18.72 3.25 -15.44
C ARG B 123 -20.02 3.46 -16.21
N ILE B 124 -19.93 3.65 -17.53
CA ILE B 124 -21.09 3.81 -18.39
C ILE B 124 -21.02 2.74 -19.48
N ASN B 125 -22.12 2.01 -19.66
CA ASN B 125 -22.16 0.93 -20.62
C ASN B 125 -22.99 1.23 -21.86
N HIS B 126 -23.77 2.32 -21.86
CA HIS B 126 -24.60 2.64 -23.01
C HIS B 126 -24.90 4.14 -23.01
N PHE B 127 -24.94 4.71 -24.21
CA PHE B 127 -25.34 6.10 -24.41
C PHE B 127 -26.49 6.16 -25.41
N GLU B 128 -27.42 7.05 -25.23
CA GLU B 128 -28.54 7.22 -26.19
C GLU B 128 -28.45 8.65 -26.71
N LYS B 129 -27.75 8.87 -27.78
CA LYS B 129 -27.51 10.19 -28.34
C LYS B 129 -28.81 10.82 -28.82
N ILE B 130 -29.07 12.04 -28.36
CA ILE B 130 -30.31 12.74 -28.66
C ILE B 130 -29.99 14.15 -29.16
N LEU B 131 -30.89 14.69 -29.97
CA LEU B 131 -30.75 16.04 -30.54
C LEU B 131 -31.37 17.04 -29.57
N ILE B 132 -30.58 17.50 -28.60
CA ILE B 132 -31.08 18.46 -27.63
C ILE B 132 -31.30 19.82 -28.26
N ILE B 133 -30.38 20.25 -29.12
CA ILE B 133 -30.45 21.54 -29.80
C ILE B 133 -30.41 21.30 -31.29
N PRO B 134 -31.54 21.38 -31.98
CA PRO B 134 -31.56 21.17 -33.43
C PRO B 134 -30.90 22.31 -34.18
N LYS B 135 -30.48 22.02 -35.40
CA LYS B 135 -29.84 23.02 -36.25
C LYS B 135 -30.78 24.14 -36.64
N SER B 136 -32.09 23.94 -36.50
CA SER B 136 -33.08 24.96 -36.83
C SER B 136 -33.28 25.97 -35.71
N SER B 137 -32.57 25.81 -34.59
CA SER B 137 -32.66 26.72 -33.46
C SER B 137 -31.69 27.89 -33.56
N TRP B 138 -30.97 28.01 -34.69
CA TRP B 138 -30.04 29.11 -34.92
C TRP B 138 -30.42 29.79 -36.24
N PRO B 139 -31.50 30.59 -36.24
CA PRO B 139 -31.89 31.28 -37.47
C PRO B 139 -31.10 32.57 -37.72
N ASN B 140 -30.34 33.01 -36.73
CA ASN B 140 -29.60 34.29 -36.88
C ASN B 140 -28.08 34.07 -36.87
N HIS B 141 -27.61 32.82 -36.83
CA HIS B 141 -26.17 32.48 -36.94
C HIS B 141 -25.91 31.62 -38.17
N GLU B 142 -24.69 31.11 -38.36
CA GLU B 142 -24.37 30.36 -39.60
C GLU B 142 -23.86 28.98 -39.22
N THR B 143 -24.65 27.96 -39.45
CA THR B 143 -24.21 26.59 -39.14
C THR B 143 -23.39 26.01 -40.29
N SER B 144 -23.64 26.44 -41.53
CA SER B 144 -22.97 25.86 -42.73
C SER B 144 -21.46 26.08 -42.85
N LEU B 145 -20.93 27.24 -42.50
CA LEU B 145 -19.51 27.57 -42.81
C LEU B 145 -18.51 27.11 -41.75
N GLY B 146 -18.93 26.44 -40.70
CA GLY B 146 -17.92 26.09 -39.69
C GLY B 146 -17.18 24.84 -40.11
N VAL B 147 -16.37 24.96 -41.16
CA VAL B 147 -15.62 23.79 -41.70
C VAL B 147 -14.13 24.10 -41.65
N SER B 148 -13.31 23.14 -41.24
CA SER B 148 -11.84 23.35 -41.28
C SER B 148 -11.18 22.30 -42.14
N ALA B 149 -9.88 22.45 -42.44
CA ALA B 149 -9.15 21.40 -43.17
C ALA B 149 -8.32 20.62 -42.17
N ALA B 150 -8.36 21.01 -40.91
CA ALA B 150 -7.69 20.22 -39.87
C ALA B 150 -8.63 19.08 -39.56
N CYS B 151 -9.89 19.21 -39.99
CA CYS B 151 -10.96 18.19 -39.77
C CYS B 151 -11.59 17.93 -41.11
N PRO B 152 -10.91 17.23 -42.04
CA PRO B 152 -11.38 17.04 -43.41
C PRO B 152 -12.26 15.81 -43.58
N TYR B 153 -13.15 15.81 -44.56
CA TYR B 153 -13.93 14.57 -44.77
C TYR B 153 -14.00 14.25 -46.25
N GLN B 154 -13.53 13.05 -46.62
CA GLN B 154 -13.49 12.72 -48.05
C GLN B 154 -12.72 13.85 -48.70
N GLY B 155 -11.65 14.29 -48.04
CA GLY B 155 -10.81 15.38 -48.57
C GLY B 155 -11.56 16.67 -48.80
N ALA B 156 -12.51 17.00 -47.91
CA ALA B 156 -13.17 18.32 -48.04
C ALA B 156 -13.15 18.98 -46.67
N PRO B 157 -12.98 20.31 -46.55
CA PRO B 157 -13.09 20.91 -45.25
C PRO B 157 -14.33 20.33 -44.55
N SER B 158 -14.22 19.98 -43.28
CA SER B 158 -15.38 19.51 -42.49
C SER B 158 -15.09 19.78 -41.01
N PHE B 159 -15.97 19.39 -40.09
CA PHE B 159 -15.76 19.73 -38.66
C PHE B 159 -16.43 18.66 -37.80
N PHE B 160 -16.28 18.74 -36.48
CA PHE B 160 -16.82 17.68 -35.61
C PHE B 160 -18.33 17.61 -35.76
N ARG B 161 -18.89 16.41 -35.86
CA ARG B 161 -20.35 16.18 -36.05
C ARG B 161 -21.24 16.56 -34.86
N ASN B 162 -20.83 16.29 -33.61
CA ASN B 162 -21.73 16.47 -32.44
C ASN B 162 -21.83 17.90 -31.91
N VAL B 163 -20.99 18.84 -32.35
CA VAL B 163 -21.05 20.23 -31.94
C VAL B 163 -21.10 21.09 -33.19
N VAL B 164 -21.55 22.33 -33.02
CA VAL B 164 -21.76 23.27 -34.11
C VAL B 164 -20.85 24.47 -33.91
N TRP B 165 -20.05 24.78 -34.91
CA TRP B 165 -19.24 25.99 -34.93
C TRP B 165 -20.09 27.12 -35.51
N LEU B 166 -20.44 28.08 -34.68
CA LEU B 166 -21.32 29.17 -35.10
C LEU B 166 -20.51 30.33 -35.64
N ILE B 167 -20.87 30.80 -36.83
CA ILE B 167 -20.20 31.91 -37.49
C ILE B 167 -21.20 33.05 -37.64
N LYS B 168 -20.67 34.27 -37.77
CA LYS B 168 -21.52 35.43 -37.93
C LYS B 168 -22.31 35.33 -39.23
N LYS B 169 -23.56 35.76 -39.18
CA LYS B 169 -24.46 35.73 -40.34
C LYS B 169 -24.93 37.14 -40.64
N ASN B 170 -24.86 37.52 -41.92
CA ASN B 170 -25.24 38.86 -42.37
C ASN B 170 -24.48 39.94 -41.62
N ASP B 171 -23.18 39.70 -41.39
CA ASP B 171 -22.30 40.65 -40.71
C ASP B 171 -22.84 41.02 -39.33
N ALA B 172 -23.33 40.02 -38.60
CA ALA B 172 -23.87 40.25 -37.27
C ALA B 172 -23.73 38.97 -36.44
N TYR B 173 -23.76 39.15 -35.12
CA TYR B 173 -23.68 38.03 -34.18
C TYR B 173 -24.46 38.37 -32.93
N PRO B 174 -25.78 38.17 -32.96
CA PRO B 174 -26.59 38.47 -31.78
C PRO B 174 -26.26 37.56 -30.62
N THR B 175 -26.47 38.07 -29.41
CA THR B 175 -26.19 37.30 -28.21
C THR B 175 -27.09 36.08 -28.13
N ILE B 176 -26.52 34.96 -27.71
CA ILE B 176 -27.23 33.69 -27.65
C ILE B 176 -27.94 33.56 -26.32
N LYS B 177 -29.24 33.28 -26.36
CA LYS B 177 -30.06 33.03 -25.17
C LYS B 177 -30.67 31.64 -25.33
N ILE B 178 -29.94 30.62 -24.88
CA ILE B 178 -30.34 29.24 -25.06
C ILE B 178 -30.45 28.57 -23.69
N SER B 179 -31.61 27.96 -23.43
CA SER B 179 -31.85 27.18 -22.22
C SER B 179 -32.46 25.84 -22.61
N TYR B 180 -32.26 24.83 -21.77
CA TYR B 180 -32.70 23.48 -22.06
C TYR B 180 -33.04 22.74 -20.79
N ASN B 181 -34.28 22.29 -20.67
CA ASN B 181 -34.73 21.41 -19.59
C ASN B 181 -34.15 20.02 -19.79
N ASN B 182 -33.81 19.35 -18.68
CA ASN B 182 -33.48 17.93 -18.72
C ASN B 182 -34.73 17.16 -18.30
N THR B 183 -35.70 17.12 -19.20
CA THR B 183 -36.96 16.44 -18.95
C THR B 183 -36.82 14.92 -18.88
N ASN B 184 -35.67 14.39 -19.30
CA ASN B 184 -35.44 12.95 -19.27
C ASN B 184 -35.19 12.48 -17.85
N GLN B 185 -35.25 11.16 -17.66
CA GLN B 185 -35.03 10.55 -16.35
C GLN B 185 -33.58 10.14 -16.13
N GLU B 186 -32.68 10.45 -17.06
CA GLU B 186 -31.29 10.07 -16.96
C GLU B 186 -30.40 11.30 -17.12
N ASP B 187 -29.17 11.18 -16.62
CA ASP B 187 -28.19 12.25 -16.74
C ASP B 187 -27.84 12.48 -18.20
N LEU B 188 -27.60 13.75 -18.54
CA LEU B 188 -27.24 14.16 -19.90
C LEU B 188 -25.84 14.74 -19.91
N LEU B 189 -24.99 14.22 -20.78
CA LEU B 189 -23.65 14.73 -20.96
C LEU B 189 -23.66 15.74 -22.11
N ILE B 190 -23.33 16.99 -21.80
CA ILE B 190 -23.39 18.09 -22.77
C ILE B 190 -21.97 18.56 -23.04
N LEU B 191 -21.60 18.63 -24.32
CA LEU B 191 -20.28 19.03 -24.75
C LEU B 191 -20.37 20.37 -25.48
N TRP B 192 -19.64 21.37 -25.00
CA TRP B 192 -19.51 22.64 -25.68
C TRP B 192 -18.05 23.06 -25.66
N GLY B 193 -17.75 24.18 -26.32
CA GLY B 193 -16.36 24.61 -26.38
C GLY B 193 -16.25 26.08 -26.71
N ILE B 194 -15.00 26.56 -26.67
CA ILE B 194 -14.66 27.95 -26.97
C ILE B 194 -13.51 27.95 -27.96
N HIS B 195 -13.58 28.85 -28.94
CA HIS B 195 -12.55 28.96 -29.97
C HIS B 195 -11.65 30.14 -29.67
N HIS B 196 -10.33 29.89 -29.65
CA HIS B 196 -9.33 30.93 -29.45
C HIS B 196 -8.79 31.35 -30.81
N SER B 197 -8.96 32.63 -31.14
CA SER B 197 -8.54 33.15 -32.43
C SER B 197 -7.03 33.40 -32.43
N ASN B 198 -6.52 33.94 -33.54
CA ASN B 198 -5.10 34.24 -33.68
C ASN B 198 -4.80 35.73 -33.53
N ASN B 199 -5.56 36.58 -34.22
CA ASN B 199 -5.35 38.02 -34.17
C ASN B 199 -6.70 38.73 -34.13
N ALA B 200 -6.66 40.06 -34.03
CA ALA B 200 -7.88 40.84 -33.89
C ALA B 200 -8.71 40.86 -35.17
N GLU B 201 -8.05 40.87 -36.34
CA GLU B 201 -8.78 40.89 -37.60
C GLU B 201 -9.54 39.58 -37.82
N GLU B 202 -8.90 38.46 -37.46
CA GLU B 202 -9.57 37.15 -37.60
C GLU B 202 -10.82 37.14 -36.72
N GLN B 203 -10.72 37.70 -35.51
CA GLN B 203 -11.86 37.72 -34.59
C GLN B 203 -13.04 38.50 -35.18
N THR B 204 -12.76 39.68 -35.77
CA THR B 204 -13.86 40.48 -36.31
C THR B 204 -14.31 39.95 -37.66
N ASN B 205 -13.45 39.23 -38.38
CA ASN B 205 -13.82 38.70 -39.69
C ASN B 205 -14.64 37.43 -39.60
N LEU B 206 -14.78 36.84 -38.41
CA LEU B 206 -15.44 35.55 -38.32
C LEU B 206 -16.51 35.58 -37.22
N TYR B 207 -16.38 36.50 -36.27
CA TYR B 207 -17.32 36.60 -35.16
C TYR B 207 -17.96 37.98 -35.00
N LYS B 208 -17.40 39.03 -35.60
CA LYS B 208 -17.92 40.39 -35.60
C LYS B 208 -17.84 41.04 -34.22
N ASN B 209 -17.43 40.31 -33.18
CA ASN B 209 -17.34 40.84 -31.83
C ASN B 209 -15.90 40.77 -31.35
N PRO B 210 -15.24 41.89 -31.06
CA PRO B 210 -13.86 41.83 -30.57
C PRO B 210 -13.75 41.20 -29.19
N THR B 211 -14.58 41.65 -28.26
CA THR B 211 -14.60 41.13 -26.89
C THR B 211 -15.81 40.24 -26.72
N THR B 212 -15.58 38.93 -26.62
CA THR B 212 -16.64 37.94 -26.48
C THR B 212 -16.53 37.24 -25.14
N TYR B 213 -17.57 36.45 -24.84
CA TYR B 213 -17.61 35.68 -23.61
C TYR B 213 -18.51 34.47 -23.81
N ILE B 214 -18.35 33.49 -22.94
CA ILE B 214 -19.22 32.31 -22.91
C ILE B 214 -19.54 32.02 -21.46
N SER B 215 -20.80 32.19 -21.06
CA SER B 215 -21.25 31.94 -19.70
C SER B 215 -22.20 30.75 -19.72
N VAL B 216 -21.88 29.73 -18.92
CA VAL B 216 -22.69 28.52 -18.79
C VAL B 216 -23.15 28.42 -17.34
N GLY B 217 -24.46 28.24 -17.14
CA GLY B 217 -25.01 28.21 -15.80
C GLY B 217 -25.95 27.05 -15.55
N THR B 218 -25.62 26.22 -14.56
CA THR B 218 -26.49 25.15 -14.11
C THR B 218 -26.71 25.27 -12.61
N SER B 219 -27.31 24.25 -12.00
CA SER B 219 -27.49 24.26 -10.55
C SER B 219 -26.15 24.27 -9.83
N THR B 220 -25.17 23.52 -10.34
CA THR B 220 -23.88 23.39 -9.69
C THR B 220 -22.73 24.03 -10.46
N LEU B 221 -22.95 24.49 -11.69
CA LEU B 221 -21.89 25.00 -12.54
C LEU B 221 -22.11 26.49 -12.81
N ASN B 222 -21.08 27.28 -12.54
CA ASN B 222 -21.08 28.72 -12.84
C ASN B 222 -19.75 29.03 -13.51
N GLN B 223 -19.77 29.11 -14.84
CA GLN B 223 -18.55 29.21 -15.64
C GLN B 223 -18.65 30.39 -16.59
N ARG B 224 -17.54 31.13 -16.72
CA ARG B 224 -17.39 32.19 -17.69
C ARG B 224 -16.07 32.02 -18.41
N LEU B 225 -16.09 32.14 -19.75
CA LEU B 225 -14.92 31.90 -20.56
C LEU B 225 -14.65 33.09 -21.47
N VAL B 226 -13.38 33.44 -21.61
CA VAL B 226 -12.94 34.52 -22.50
C VAL B 226 -11.86 33.97 -23.41
N PRO B 227 -11.98 34.13 -24.73
CA PRO B 227 -10.96 33.60 -25.64
C PRO B 227 -9.61 34.27 -25.44
N LYS B 228 -8.55 33.50 -25.67
CA LYS B 228 -7.18 33.99 -25.58
C LYS B 228 -6.66 34.21 -27.00
N ILE B 229 -6.77 35.44 -27.49
CA ILE B 229 -6.31 35.78 -28.82
C ILE B 229 -4.81 36.06 -28.78
N ALA B 230 -4.02 35.01 -29.04
CA ALA B 230 -2.56 35.14 -29.00
C ALA B 230 -1.93 34.54 -30.24
N THR B 231 -0.60 34.47 -30.27
CA THR B 231 0.15 33.90 -31.37
C THR B 231 0.77 32.58 -30.91
N ARG B 232 0.35 31.48 -31.50
CA ARG B 232 0.85 30.15 -31.19
C ARG B 232 1.48 29.54 -32.44
N SER B 233 1.80 28.29 -32.31
CA SER B 233 2.51 27.65 -33.42
C SER B 233 1.55 26.71 -34.13
N GLN B 234 1.75 26.45 -35.42
CA GLN B 234 0.91 25.57 -36.24
C GLN B 234 0.88 24.15 -35.72
N VAL B 235 -0.28 23.65 -35.32
CA VAL B 235 -0.61 22.26 -35.00
C VAL B 235 -1.70 21.83 -35.97
N ASN B 236 -1.41 20.79 -36.76
CA ASN B 236 -2.30 20.34 -37.83
C ASN B 236 -2.61 21.47 -38.82
N GLY B 237 -1.62 22.35 -39.01
CA GLY B 237 -1.75 23.43 -39.95
C GLY B 237 -2.50 24.65 -39.46
N GLN B 238 -2.93 24.63 -38.21
CA GLN B 238 -3.76 25.74 -37.64
C GLN B 238 -3.09 26.33 -36.40
N ARG B 239 -3.00 27.66 -36.33
CA ARG B 239 -2.41 28.36 -35.16
C ARG B 239 -3.54 28.71 -34.17
N GLY B 240 -4.80 28.35 -34.47
CA GLY B 240 -5.95 28.57 -33.58
C GLY B 240 -6.18 27.37 -32.70
N ARG B 241 -6.92 27.54 -31.61
CA ARG B 241 -7.17 26.49 -30.64
C ARG B 241 -8.65 26.48 -30.28
N MET B 242 -9.13 25.31 -29.85
CA MET B 242 -10.50 25.14 -29.37
C MET B 242 -10.46 24.32 -28.10
N ASP B 243 -10.90 24.91 -27.00
CA ASP B 243 -10.96 24.23 -25.70
C ASP B 243 -12.40 23.80 -25.46
N PHE B 244 -12.60 22.50 -25.22
CA PHE B 244 -13.93 21.93 -25.05
C PHE B 244 -14.19 21.64 -23.58
N PHE B 245 -15.45 21.77 -23.18
CA PHE B 245 -15.88 21.58 -21.80
C PHE B 245 -17.08 20.64 -21.77
N TRP B 246 -17.24 19.97 -20.63
CA TRP B 246 -18.32 19.00 -20.47
C TRP B 246 -18.95 19.17 -19.09
N THR B 247 -20.20 18.72 -18.99
CA THR B 247 -20.93 18.73 -17.74
C THR B 247 -21.94 17.59 -17.74
N ILE B 248 -22.39 17.22 -16.55
CA ILE B 248 -23.40 16.17 -16.38
C ILE B 248 -24.65 16.85 -15.87
N LEU B 249 -25.66 16.96 -16.73
CA LEU B 249 -26.91 17.60 -16.34
C LEU B 249 -27.84 16.59 -15.66
N LYS B 250 -28.22 16.90 -14.43
CA LYS B 250 -29.09 16.04 -13.64
C LYS B 250 -30.53 16.15 -14.13
N PRO B 251 -31.36 15.14 -13.86
CA PRO B 251 -32.77 15.22 -14.26
C PRO B 251 -33.46 16.40 -13.59
N ASP B 252 -34.39 17.03 -14.32
CA ASP B 252 -35.14 18.21 -13.92
C ASP B 252 -34.25 19.41 -13.69
N ASP B 253 -33.02 19.39 -14.21
CA ASP B 253 -32.10 20.51 -14.08
C ASP B 253 -31.91 21.18 -15.44
N ALA B 254 -31.94 22.50 -15.45
CA ALA B 254 -31.81 23.28 -16.67
C ALA B 254 -30.38 23.78 -16.85
N ILE B 255 -29.96 23.90 -18.11
CA ILE B 255 -28.65 24.41 -18.46
C ILE B 255 -28.85 25.62 -19.37
N HIS B 256 -28.09 26.68 -19.11
CA HIS B 256 -28.24 27.95 -19.81
C HIS B 256 -26.92 28.33 -20.47
N PHE B 257 -27.01 28.83 -21.70
CA PHE B 257 -25.85 29.25 -22.48
C PHE B 257 -26.05 30.70 -22.91
N GLU B 258 -25.10 31.56 -22.54
CA GLU B 258 -25.07 32.94 -23.00
C GLU B 258 -23.70 33.21 -23.59
N SER B 259 -23.65 33.58 -24.86
CA SER B 259 -22.39 33.77 -25.57
C SER B 259 -22.48 34.95 -26.52
N ASN B 260 -21.41 35.73 -26.57
CA ASN B 260 -21.26 36.81 -27.54
C ASN B 260 -20.44 36.41 -28.75
N GLY B 261 -19.79 35.27 -28.72
CA GLY B 261 -18.96 34.81 -29.82
C GLY B 261 -18.06 33.70 -29.37
N ASN B 262 -17.31 33.17 -30.34
CA ASN B 262 -16.34 32.10 -30.11
C ASN B 262 -17.00 30.87 -29.48
N PHE B 263 -18.26 30.62 -29.81
CA PHE B 263 -19.05 29.57 -29.18
C PHE B 263 -19.14 28.36 -30.11
N ILE B 264 -18.74 27.20 -29.59
CA ILE B 264 -18.97 25.93 -30.27
C ILE B 264 -20.21 25.32 -29.60
N ALA B 265 -21.37 25.64 -30.16
CA ALA B 265 -22.62 25.30 -29.52
C ALA B 265 -22.85 23.79 -29.56
N PRO B 266 -23.34 23.20 -28.46
CA PRO B 266 -23.68 21.78 -28.50
C PRO B 266 -24.86 21.50 -29.43
N GLU B 267 -24.82 20.32 -30.04
CA GLU B 267 -25.91 19.86 -30.90
C GLU B 267 -26.48 18.53 -30.46
N TYR B 268 -25.64 17.59 -30.05
CA TYR B 268 -26.07 16.28 -29.59
C TYR B 268 -25.55 16.04 -28.18
N ALA B 269 -26.44 15.61 -27.29
CA ALA B 269 -26.06 15.21 -25.95
C ALA B 269 -26.05 13.68 -25.86
N TYR B 270 -25.80 13.18 -24.66
CA TYR B 270 -25.68 11.75 -24.44
C TYR B 270 -26.44 11.37 -23.18
N LYS B 271 -27.41 10.45 -23.32
CA LYS B 271 -28.15 9.95 -22.18
C LYS B 271 -27.37 8.82 -21.51
N ILE B 272 -27.23 8.91 -20.19
CA ILE B 272 -26.60 7.82 -19.42
C ILE B 272 -27.74 6.89 -19.01
N VAL B 273 -28.08 5.98 -19.90
CA VAL B 273 -29.21 5.07 -19.69
C VAL B 273 -28.80 3.85 -18.87
N LYS B 274 -27.62 3.30 -19.15
CA LYS B 274 -27.08 2.18 -18.39
C LYS B 274 -25.76 2.59 -17.75
N LYS B 275 -25.66 2.36 -16.44
CA LYS B 275 -24.51 2.79 -15.65
C LYS B 275 -24.05 1.62 -14.78
N GLY B 276 -23.14 0.82 -15.33
CA GLY B 276 -22.55 -0.31 -14.64
C GLY B 276 -21.06 -0.12 -14.41
N ASP B 277 -20.30 -1.17 -14.67
CA ASP B 277 -18.85 -1.13 -14.54
C ASP B 277 -18.18 -1.48 -15.86
N SER B 278 -17.03 -0.84 -16.11
CA SER B 278 -16.26 -1.05 -17.34
C SER B 278 -14.88 -0.46 -17.12
N THR B 279 -14.04 -0.57 -18.15
CA THR B 279 -12.72 0.05 -18.15
C THR B 279 -12.44 0.64 -19.52
N ILE B 280 -11.50 1.57 -19.56
CA ILE B 280 -10.94 2.09 -20.80
C ILE B 280 -9.58 1.44 -20.97
N MET B 281 -9.45 0.60 -21.99
CA MET B 281 -8.30 -0.29 -22.14
C MET B 281 -7.48 0.12 -23.36
N LYS B 282 -6.16 0.15 -23.18
CA LYS B 282 -5.23 0.55 -24.23
C LYS B 282 -4.55 -0.69 -24.80
N SER B 283 -4.96 -1.09 -25.99
CA SER B 283 -4.37 -2.25 -26.65
C SER B 283 -4.58 -2.14 -28.15
N GLY B 284 -3.63 -2.69 -28.90
CA GLY B 284 -3.70 -2.68 -30.35
C GLY B 284 -4.12 -4.01 -30.94
N VAL B 285 -4.66 -4.89 -30.10
CA VAL B 285 -5.09 -6.22 -30.54
C VAL B 285 -6.37 -6.08 -31.35
N GLU B 286 -6.60 -7.04 -32.24
CA GLU B 286 -7.79 -7.03 -33.08
C GLU B 286 -8.91 -7.87 -32.45
N TYR B 287 -10.13 -7.59 -32.90
CA TYR B 287 -11.28 -8.37 -32.46
C TYR B 287 -11.20 -9.79 -33.01
N GLY B 288 -11.76 -10.73 -32.26
CA GLY B 288 -11.64 -12.12 -32.61
C GLY B 288 -12.94 -12.92 -32.68
N HIS B 289 -14.08 -12.26 -32.49
CA HIS B 289 -15.38 -12.91 -32.49
C HIS B 289 -15.40 -14.06 -31.48
N CYS B 290 -15.32 -13.68 -30.22
CA CYS B 290 -14.96 -14.54 -29.10
C CYS B 290 -15.99 -14.41 -27.99
N ASN B 291 -15.71 -15.04 -26.84
CA ASN B 291 -16.61 -14.91 -25.65
C ASN B 291 -15.81 -15.25 -24.38
N THR B 292 -15.48 -14.24 -23.55
CA THR B 292 -14.64 -14.48 -22.35
C THR B 292 -15.25 -13.84 -21.10
N LYS B 293 -14.93 -14.36 -19.91
CA LYS B 293 -15.43 -13.76 -18.65
C LYS B 293 -14.51 -12.62 -18.20
N CYS B 294 -13.19 -12.79 -18.34
CA CYS B 294 -12.21 -11.73 -17.96
C CYS B 294 -11.38 -11.32 -19.18
N GLN B 295 -11.17 -10.01 -19.38
CA GLN B 295 -10.42 -9.53 -20.58
C GLN B 295 -9.05 -8.98 -20.17
N THR B 296 -8.13 -8.86 -21.12
CA THR B 296 -6.78 -8.35 -20.86
C THR B 296 -6.32 -7.60 -22.10
N PRO B 297 -5.55 -6.50 -21.95
CA PRO B 297 -5.04 -5.81 -23.14
C PRO B 297 -4.20 -6.71 -24.02
N VAL B 298 -3.60 -7.75 -23.43
CA VAL B 298 -2.81 -8.70 -24.19
C VAL B 298 -3.68 -9.81 -24.77
N GLY B 299 -4.67 -10.28 -24.01
CA GLY B 299 -5.52 -11.36 -24.48
C GLY B 299 -6.72 -11.62 -23.59
N ALA B 300 -7.03 -12.90 -23.34
CA ALA B 300 -8.14 -13.26 -22.48
C ALA B 300 -7.79 -14.56 -21.75
N ILE B 301 -8.08 -14.58 -20.46
CA ILE B 301 -7.77 -15.73 -19.61
C ILE B 301 -8.92 -16.72 -19.68
N ASN B 302 -8.72 -17.82 -20.39
CA ASN B 302 -9.69 -18.90 -20.45
C ASN B 302 -9.28 -20.00 -19.45
N SER B 303 -9.37 -19.65 -18.17
CA SER B 303 -9.01 -20.58 -17.10
C SER B 303 -9.58 -20.04 -15.79
N SER B 304 -9.53 -20.90 -14.76
CA SER B 304 -10.01 -20.59 -13.43
C SER B 304 -8.88 -20.72 -12.41
N MET B 305 -7.66 -20.37 -12.85
CA MET B 305 -6.46 -20.51 -11.97
C MET B 305 -6.53 -19.48 -10.84
N PRO B 306 -5.89 -19.74 -9.68
CA PRO B 306 -5.84 -18.76 -8.59
C PRO B 306 -5.11 -17.50 -9.03
N PHE B 307 -4.03 -17.64 -9.81
CA PHE B 307 -3.22 -16.45 -10.17
C PHE B 307 -2.87 -16.42 -11.66
N HIS B 308 -2.50 -15.24 -12.16
CA HIS B 308 -2.08 -15.05 -13.55
C HIS B 308 -1.02 -13.97 -13.60
N ASN B 309 -0.27 -13.95 -14.69
CA ASN B 309 0.81 -12.97 -14.86
C ASN B 309 0.78 -12.34 -16.25
N ILE B 310 -0.41 -12.13 -16.82
CA ILE B 310 -0.50 -11.58 -18.17
C ILE B 310 -0.36 -10.06 -18.14
N HIS B 311 -1.28 -9.39 -17.44
CA HIS B 311 -1.28 -7.93 -17.38
C HIS B 311 -1.97 -7.50 -16.11
N PRO B 312 -1.46 -6.47 -15.42
CA PRO B 312 -2.15 -6.00 -14.19
C PRO B 312 -3.56 -5.51 -14.42
N LEU B 313 -3.84 -4.88 -15.56
CA LEU B 313 -5.14 -4.30 -15.84
C LEU B 313 -6.04 -5.37 -16.44
N THR B 314 -7.10 -5.74 -15.71
CA THR B 314 -7.95 -6.86 -16.19
C THR B 314 -9.42 -6.57 -15.84
N ILE B 315 -10.33 -6.82 -16.80
CA ILE B 315 -11.79 -6.55 -16.56
C ILE B 315 -12.54 -7.88 -16.57
N GLY B 316 -13.68 -7.96 -15.85
CA GLY B 316 -14.50 -9.18 -15.83
C GLY B 316 -14.21 -10.05 -14.63
N GLU B 317 -14.42 -11.37 -14.74
CA GLU B 317 -14.06 -12.28 -13.62
C GLU B 317 -12.56 -12.57 -13.80
N CYS B 318 -11.71 -11.89 -13.05
CA CYS B 318 -10.25 -11.98 -13.31
C CYS B 318 -9.47 -12.59 -12.15
N PRO B 319 -8.54 -13.53 -12.40
CA PRO B 319 -7.69 -14.07 -11.35
C PRO B 319 -6.73 -12.96 -10.88
N LYS B 320 -6.08 -13.16 -9.75
CA LYS B 320 -5.13 -12.15 -9.18
C LYS B 320 -3.85 -12.05 -10.01
N TYR B 321 -3.31 -10.87 -10.18
CA TYR B 321 -2.08 -10.64 -10.90
C TYR B 321 -0.87 -10.67 -9.96
N VAL B 322 0.15 -11.43 -10.36
CA VAL B 322 1.43 -11.46 -9.66
C VAL B 322 2.54 -11.34 -10.69
N LYS B 323 3.69 -10.85 -10.26
CA LYS B 323 4.85 -10.67 -11.14
C LYS B 323 5.82 -11.83 -11.08
N SER B 324 5.36 -13.03 -10.76
CA SER B 324 6.20 -14.21 -10.67
C SER B 324 6.08 -15.03 -11.95
N ASN B 325 7.23 -15.51 -12.44
CA ASN B 325 7.24 -16.30 -13.66
C ASN B 325 6.67 -17.70 -13.45
N LYS B 326 6.65 -18.19 -12.22
CA LYS B 326 6.09 -19.51 -11.94
C LYS B 326 5.56 -19.55 -10.51
N LEU B 327 4.50 -20.33 -10.32
CA LEU B 327 3.87 -20.49 -9.01
C LEU B 327 3.24 -21.88 -8.97
N VAL B 328 3.94 -22.82 -8.33
CA VAL B 328 3.49 -24.20 -8.26
C VAL B 328 3.38 -24.59 -6.79
N LEU B 329 2.22 -25.10 -6.40
CA LEU B 329 1.97 -25.56 -5.03
C LEU B 329 2.15 -27.07 -4.97
N ALA B 330 3.03 -27.54 -4.10
CA ALA B 330 3.27 -28.97 -3.97
C ALA B 330 2.04 -29.66 -3.39
N THR B 331 1.66 -30.77 -4.00
CA THR B 331 0.54 -31.58 -3.55
C THR B 331 0.95 -32.98 -3.14
N GLY B 332 1.73 -33.67 -3.99
CA GLY B 332 2.22 -34.99 -3.68
C GLY B 332 3.54 -34.96 -2.94
N LEU B 333 4.12 -36.14 -2.77
CA LEU B 333 5.38 -36.27 -2.06
C LEU B 333 6.55 -36.03 -3.03
N ARG B 334 7.76 -36.06 -2.50
CA ARG B 334 8.95 -35.90 -3.33
C ARG B 334 9.11 -37.09 -4.26
N ASN B 335 9.44 -36.80 -5.52
CA ASN B 335 9.59 -37.83 -6.54
C ASN B 335 11.05 -38.28 -6.56
N SER B 336 11.31 -39.45 -5.98
CA SER B 336 12.66 -39.99 -5.93
C SER B 336 12.63 -41.51 -5.78
N ASP C 17 0.43 -50.03 39.22
CA ASP C 17 1.83 -49.64 39.30
C ASP C 17 2.36 -49.23 37.93
N GLN C 18 1.86 -48.11 37.40
CA GLN C 18 2.29 -47.67 36.07
C GLN C 18 2.11 -46.15 35.96
N ILE C 19 3.08 -45.51 35.30
CA ILE C 19 2.97 -44.09 34.97
C ILE C 19 2.39 -43.93 33.57
N CYS C 20 1.86 -42.74 33.29
CA CYS C 20 1.23 -42.48 32.01
C CYS C 20 1.31 -40.98 31.71
N ILE C 21 1.17 -40.63 30.43
CA ILE C 21 1.26 -39.26 29.97
C ILE C 21 0.03 -38.91 29.15
N GLY C 22 -0.51 -37.72 29.38
CA GLY C 22 -1.63 -37.18 28.63
C GLY C 22 -1.58 -35.67 28.72
N TYR C 23 -2.67 -35.03 28.31
CA TYR C 23 -2.74 -33.58 28.35
C TYR C 23 -4.05 -33.15 28.99
N HIS C 24 -4.13 -31.85 29.29
CA HIS C 24 -5.32 -31.29 29.89
C HIS C 24 -6.49 -31.32 28.92
N ALA C 25 -7.65 -31.74 29.41
CA ALA C 25 -8.87 -31.74 28.63
C ALA C 25 -9.99 -31.12 29.46
N ASN C 26 -10.74 -30.22 28.85
CA ASN C 26 -11.88 -29.59 29.49
C ASN C 26 -13.13 -29.84 28.63
N ASN C 27 -14.22 -29.16 28.99
CA ASN C 27 -15.50 -29.38 28.32
C ASN C 27 -15.94 -28.17 27.51
N SER C 28 -15.01 -27.24 27.24
CA SER C 28 -15.32 -26.04 26.49
C SER C 28 -15.48 -26.36 25.00
N THR C 29 -16.10 -25.42 24.28
CA THR C 29 -16.38 -25.56 22.86
C THR C 29 -15.71 -24.47 22.03
N GLU C 30 -14.60 -23.91 22.52
CA GLU C 30 -13.88 -22.89 21.78
C GLU C 30 -13.31 -23.48 20.50
N GLN C 31 -13.42 -22.74 19.40
CA GLN C 31 -13.01 -23.21 18.08
C GLN C 31 -12.03 -22.22 17.46
N VAL C 32 -11.01 -22.75 16.81
CA VAL C 32 -9.98 -21.95 16.16
C VAL C 32 -9.92 -22.32 14.67
N ASP C 33 -9.20 -21.52 13.91
CA ASP C 33 -9.08 -21.71 12.47
C ASP C 33 -7.64 -22.10 12.12
N THR C 34 -7.49 -23.19 11.38
CA THR C 34 -6.21 -23.65 10.87
C THR C 34 -6.34 -23.83 9.37
N ILE C 35 -5.32 -23.41 8.62
CA ILE C 35 -5.40 -23.37 7.16
C ILE C 35 -5.65 -24.75 6.57
N MET C 36 -5.28 -25.81 7.29
CA MET C 36 -5.50 -27.17 6.81
C MET C 36 -6.66 -27.88 7.48
N GLU C 37 -7.30 -27.27 8.49
CA GLU C 37 -8.43 -27.88 9.18
C GLU C 37 -9.27 -26.78 9.82
N LYS C 38 -10.47 -26.58 9.29
CA LYS C 38 -11.41 -25.64 9.87
C LYS C 38 -12.06 -26.23 11.13
N ASN C 39 -12.55 -25.33 11.99
CA ASN C 39 -13.48 -25.68 13.05
C ASN C 39 -12.88 -26.66 14.05
N VAL C 40 -11.71 -26.29 14.58
CA VAL C 40 -10.95 -27.15 15.50
C VAL C 40 -11.26 -26.75 16.93
N THR C 41 -11.75 -27.70 17.72
CA THR C 41 -12.07 -27.43 19.11
C THR C 41 -10.82 -27.49 19.97
N VAL C 42 -10.63 -26.48 20.82
CA VAL C 42 -9.45 -26.38 21.67
C VAL C 42 -9.90 -26.19 23.12
N THR C 43 -9.02 -26.57 24.04
CA THR C 43 -9.33 -26.45 25.46
C THR C 43 -9.41 -24.99 25.88
N HIS C 44 -8.40 -24.19 25.52
CA HIS C 44 -8.37 -22.78 25.85
C HIS C 44 -7.97 -21.98 24.62
N ALA C 45 -8.70 -20.90 24.37
CA ALA C 45 -8.43 -20.02 23.23
C ALA C 45 -8.59 -18.57 23.68
N GLN C 46 -7.87 -17.69 23.00
CA GLN C 46 -7.92 -16.26 23.28
C GLN C 46 -8.51 -15.53 22.07
N ASP C 47 -9.58 -14.78 22.29
CA ASP C 47 -10.18 -13.98 21.25
C ASP C 47 -9.40 -12.68 21.11
N ILE C 48 -9.01 -12.35 19.89
CA ILE C 48 -8.23 -11.14 19.62
C ILE C 48 -9.00 -10.17 18.74
N LEU C 49 -10.29 -10.36 18.57
CA LEU C 49 -11.13 -9.50 17.74
C LEU C 49 -12.28 -8.95 18.57
N GLU C 50 -12.53 -7.65 18.46
CA GLU C 50 -13.60 -6.98 19.17
C GLU C 50 -14.75 -6.72 18.20
N LYS C 51 -15.94 -7.22 18.53
CA LYS C 51 -17.11 -7.11 17.66
C LYS C 51 -18.28 -6.42 18.37
N THR C 52 -18.02 -5.73 19.47
CA THR C 52 -19.08 -5.09 20.26
C THR C 52 -18.75 -3.62 20.47
N HIS C 53 -19.80 -2.82 20.60
CA HIS C 53 -19.67 -1.39 20.85
C HIS C 53 -20.89 -0.91 21.62
N ASN C 54 -20.74 0.23 22.29
CA ASN C 54 -21.84 0.78 23.07
C ASN C 54 -22.98 1.28 22.20
N GLY C 55 -22.72 1.61 20.94
CA GLY C 55 -23.75 2.04 20.03
C GLY C 55 -24.19 3.48 20.15
N LYS C 56 -23.52 4.27 21.00
CA LYS C 56 -23.85 5.67 21.21
C LYS C 56 -22.60 6.51 21.08
N LEU C 57 -22.78 7.79 20.72
CA LEU C 57 -21.66 8.73 20.76
C LEU C 57 -21.19 8.91 22.19
N CYS C 58 -19.88 8.89 22.39
CA CYS C 58 -19.29 8.78 23.71
C CYS C 58 -18.10 9.72 23.81
N ASP C 59 -17.89 10.30 25.00
CA ASP C 59 -16.86 11.30 25.17
C ASP C 59 -15.48 10.70 24.96
N LEU C 60 -14.56 11.52 24.46
CA LEU C 60 -13.18 11.12 24.20
C LEU C 60 -12.30 11.74 25.29
N ASN C 61 -11.84 10.89 26.20
CA ASN C 61 -10.95 11.30 27.29
C ASN C 61 -11.58 12.41 28.13
N GLY C 62 -12.89 12.33 28.34
CA GLY C 62 -13.59 13.29 29.17
C GLY C 62 -13.87 14.63 28.52
N VAL C 63 -13.69 14.75 27.21
CA VAL C 63 -13.95 15.99 26.48
C VAL C 63 -15.19 15.79 25.62
N LYS C 64 -16.17 16.67 25.78
CA LYS C 64 -17.41 16.56 25.03
C LYS C 64 -17.16 16.85 23.56
N PRO C 65 -17.60 15.99 22.65
CA PRO C 65 -17.37 16.25 21.22
C PRO C 65 -18.25 17.37 20.70
N LEU C 66 -17.87 17.89 19.55
CA LEU C 66 -18.67 18.89 18.85
C LEU C 66 -19.68 18.17 17.96
N ILE C 67 -20.94 18.16 18.38
CA ILE C 67 -22.00 17.45 17.67
C ILE C 67 -22.81 18.49 16.91
N LEU C 68 -22.77 18.41 15.57
CA LEU C 68 -23.55 19.30 14.73
C LEU C 68 -24.93 18.71 14.49
N LYS C 69 -25.95 19.30 15.11
CA LYS C 69 -27.32 18.80 14.99
C LYS C 69 -27.86 19.16 13.61
N ASP C 70 -27.66 18.22 12.68
CA ASP C 70 -28.05 18.37 11.28
C ASP C 70 -27.48 19.64 10.67
N CYS C 71 -26.21 19.92 10.92
CA CYS C 71 -25.53 21.10 10.40
C CYS C 71 -24.18 20.70 9.82
N SER C 72 -23.69 21.50 8.88
CA SER C 72 -22.44 21.22 8.20
C SER C 72 -21.30 22.05 8.79
N VAL C 73 -20.08 21.69 8.42
CA VAL C 73 -18.90 22.42 8.88
C VAL C 73 -18.91 23.85 8.34
N ALA C 74 -19.23 24.00 7.05
CA ALA C 74 -19.26 25.33 6.45
C ALA C 74 -20.38 26.17 7.03
N GLY C 75 -21.54 25.57 7.28
CA GLY C 75 -22.64 26.30 7.88
C GLY C 75 -22.33 26.77 9.29
N TRP C 76 -21.61 25.93 10.06
CA TRP C 76 -21.21 26.33 11.41
C TRP C 76 -20.21 27.48 11.37
N LEU C 77 -19.22 27.40 10.48
CA LEU C 77 -18.20 28.43 10.41
C LEU C 77 -18.76 29.75 9.89
N LEU C 78 -19.63 29.69 8.89
CA LEU C 78 -20.20 30.91 8.32
C LEU C 78 -21.32 31.50 9.16
N GLY C 79 -21.77 30.79 10.19
CA GLY C 79 -22.84 31.31 11.03
C GLY C 79 -24.21 31.13 10.43
N ASN C 80 -24.59 29.89 10.18
CA ASN C 80 -25.91 29.59 9.66
C ASN C 80 -26.95 30.05 10.67
N PRO C 81 -27.96 30.86 10.28
CA PRO C 81 -28.96 31.38 11.23
C PRO C 81 -29.62 30.26 12.03
N MET C 82 -29.87 29.11 11.38
CA MET C 82 -30.49 27.95 12.07
C MET C 82 -29.48 27.36 13.05
N CYS C 83 -28.23 27.21 12.60
CA CYS C 83 -27.18 26.63 13.46
C CYS C 83 -26.64 27.73 14.37
N ASP C 84 -27.49 28.17 15.29
CA ASP C 84 -27.13 29.25 16.22
C ASP C 84 -26.77 28.74 17.60
N GLU C 85 -26.85 27.42 17.84
CA GLU C 85 -26.39 26.87 19.10
C GLU C 85 -24.89 26.73 19.15
N PHE C 86 -24.20 26.88 18.02
CA PHE C 86 -22.74 26.86 17.96
C PHE C 86 -22.13 28.25 17.89
N ILE C 87 -22.85 29.26 18.36
CA ILE C 87 -22.29 30.62 18.37
C ILE C 87 -21.05 30.67 19.24
N ARG C 88 -21.10 30.05 20.42
CA ARG C 88 -19.94 29.90 21.28
C ARG C 88 -19.83 28.43 21.68
N VAL C 89 -18.75 27.79 21.27
CA VAL C 89 -18.56 26.36 21.54
C VAL C 89 -17.37 26.18 22.48
N PRO C 90 -17.41 25.20 23.38
CA PRO C 90 -16.24 24.90 24.20
C PRO C 90 -15.24 24.03 23.44
N GLU C 91 -14.20 23.62 24.15
CA GLU C 91 -13.21 22.73 23.57
C GLU C 91 -13.85 21.38 23.27
N TRP C 92 -13.46 20.81 22.13
CA TRP C 92 -14.02 19.54 21.67
C TRP C 92 -12.89 18.57 21.37
N SER C 93 -13.22 17.29 21.40
CA SER C 93 -12.28 16.23 21.05
C SER C 93 -12.36 15.85 19.58
N TYR C 94 -13.54 15.88 18.98
CA TYR C 94 -13.71 15.61 17.56
C TYR C 94 -15.02 16.23 17.10
N ILE C 95 -15.14 16.40 15.80
CA ILE C 95 -16.34 16.96 15.17
C ILE C 95 -17.11 15.83 14.52
N VAL C 96 -18.41 15.74 14.84
CA VAL C 96 -19.29 14.72 14.28
C VAL C 96 -20.49 15.41 13.64
N GLU C 97 -20.84 14.99 12.43
CA GLU C 97 -21.95 15.58 11.70
C GLU C 97 -22.60 14.51 10.84
N ARG C 98 -23.82 14.78 10.41
CA ARG C 98 -24.56 13.84 9.59
C ARG C 98 -23.94 13.74 8.20
N ALA C 99 -24.23 12.63 7.52
CA ALA C 99 -23.69 12.41 6.18
C ALA C 99 -24.20 13.47 5.20
N ASN C 100 -25.48 13.82 5.28
CA ASN C 100 -26.10 14.82 4.42
C ASN C 100 -26.79 15.85 5.29
N PRO C 101 -26.04 16.81 5.84
CA PRO C 101 -26.67 17.84 6.69
C PRO C 101 -27.58 18.74 5.88
N SER C 102 -28.81 18.93 6.38
CA SER C 102 -29.75 19.79 5.69
C SER C 102 -29.32 21.25 5.74
N ASN C 103 -28.79 21.70 6.87
CA ASN C 103 -28.34 23.08 7.03
C ASN C 103 -26.91 23.18 6.53
N ASP C 104 -26.75 23.57 5.27
CA ASP C 104 -25.43 23.68 4.66
C ASP C 104 -25.53 24.68 3.52
N LEU C 105 -24.95 25.87 3.70
CA LEU C 105 -24.98 26.93 2.70
C LEU C 105 -26.43 27.25 2.28
N CYS C 106 -27.16 27.80 3.26
CA CYS C 106 -28.57 28.13 3.03
C CYS C 106 -28.74 28.97 1.77
N TYR C 107 -27.88 29.96 1.57
CA TYR C 107 -27.82 30.64 0.28
C TYR C 107 -27.03 29.80 -0.71
N PRO C 108 -27.53 29.59 -1.92
CA PRO C 108 -26.80 28.75 -2.89
C PRO C 108 -25.43 29.32 -3.21
N GLY C 109 -24.47 28.44 -3.39
CA GLY C 109 -23.10 28.83 -3.67
C GLY C 109 -22.14 27.71 -3.34
N SER C 110 -20.90 28.08 -3.06
CA SER C 110 -19.86 27.13 -2.72
C SER C 110 -18.82 27.78 -1.83
N LEU C 111 -18.06 26.95 -1.14
CA LEU C 111 -16.93 27.39 -0.32
C LEU C 111 -15.65 26.88 -0.96
N ASN C 112 -14.78 27.80 -1.37
CA ASN C 112 -13.55 27.41 -2.04
C ASN C 112 -12.63 26.67 -1.09
N ASP C 113 -12.01 25.60 -1.60
CA ASP C 113 -11.12 24.74 -0.81
C ASP C 113 -11.85 24.23 0.44
N TYR C 114 -13.11 23.85 0.27
CA TYR C 114 -13.90 23.35 1.39
C TYR C 114 -13.30 22.05 1.95
N GLU C 115 -12.84 21.17 1.06
CA GLU C 115 -12.22 19.93 1.52
C GLU C 115 -10.87 20.20 2.17
N GLU C 116 -10.13 21.18 1.66
CA GLU C 116 -8.86 21.55 2.28
C GLU C 116 -9.10 22.17 3.66
N LEU C 117 -10.14 22.99 3.79
CA LEU C 117 -10.46 23.58 5.10
C LEU C 117 -10.83 22.51 6.11
N LYS C 118 -11.61 21.51 5.69
CA LYS C 118 -11.98 20.43 6.59
C LYS C 118 -10.75 19.64 7.05
N HIS C 119 -9.79 19.44 6.15
CA HIS C 119 -8.54 18.80 6.54
C HIS C 119 -7.78 19.65 7.56
N LEU C 120 -7.76 20.97 7.35
CA LEU C 120 -7.12 21.86 8.31
C LEU C 120 -7.84 21.85 9.65
N LEU C 121 -9.18 21.78 9.63
CA LEU C 121 -9.95 21.78 10.87
C LEU C 121 -9.86 20.46 11.61
N SER C 122 -9.33 19.42 10.97
CA SER C 122 -9.20 18.11 11.62
C SER C 122 -8.15 18.11 12.71
N ARG C 123 -7.33 19.14 12.82
CA ARG C 123 -6.28 19.20 13.83
C ARG C 123 -6.44 20.43 14.72
N ILE C 124 -7.68 20.90 14.90
CA ILE C 124 -7.98 22.04 15.76
C ILE C 124 -9.01 21.59 16.79
N ASN C 125 -8.73 21.86 18.07
CA ASN C 125 -9.61 21.43 19.15
C ASN C 125 -10.38 22.56 19.79
N HIS C 126 -10.05 23.82 19.49
CA HIS C 126 -10.74 24.94 20.12
C HIS C 126 -10.61 26.17 19.23
N PHE C 127 -11.67 26.96 19.18
CA PHE C 127 -11.68 28.24 18.49
C PHE C 127 -12.12 29.34 19.45
N GLU C 128 -11.56 30.51 19.34
CA GLU C 128 -11.95 31.65 20.20
C GLU C 128 -12.46 32.74 19.26
N LYS C 129 -13.71 32.76 18.95
CA LYS C 129 -14.31 33.69 18.00
C LYS C 129 -14.21 35.13 18.50
N ILE C 130 -13.67 36.00 17.67
CA ILE C 130 -13.42 37.39 18.02
C ILE C 130 -13.99 38.31 16.94
N LEU C 131 -14.34 39.52 17.35
CA LEU C 131 -14.90 40.53 16.45
C LEU C 131 -13.75 41.34 15.86
N ILE C 132 -13.20 40.84 14.75
CA ILE C 132 -12.09 41.53 14.10
C ILE C 132 -12.57 42.82 13.45
N ILE C 133 -13.72 42.77 12.79
CA ILE C 133 -14.29 43.92 12.09
C ILE C 133 -15.68 44.18 12.65
N PRO C 134 -15.83 45.19 13.51
CA PRO C 134 -17.15 45.49 14.07
C PRO C 134 -18.09 46.08 13.03
N LYS C 135 -19.38 45.99 13.32
CA LYS C 135 -20.40 46.51 12.43
C LYS C 135 -20.36 48.03 12.33
N SER C 136 -19.69 48.71 13.27
CA SER C 136 -19.58 50.15 13.25
C SER C 136 -18.46 50.64 12.33
N SER C 137 -17.73 49.73 11.69
CA SER C 137 -16.65 50.08 10.78
C SER C 137 -17.13 50.28 9.34
N TRP C 138 -18.45 50.23 9.12
CA TRP C 138 -19.04 50.46 7.79
C TRP C 138 -20.07 51.58 7.92
N PRO C 139 -19.62 52.84 8.02
CA PRO C 139 -20.58 53.95 8.11
C PRO C 139 -21.10 54.40 6.75
N ASN C 140 -20.52 53.90 5.67
CA ASN C 140 -20.94 54.35 4.32
C ASN C 140 -21.57 53.21 3.52
N HIS C 141 -21.74 52.03 4.11
CA HIS C 141 -22.43 50.88 3.48
C HIS C 141 -23.67 50.49 4.28
N GLU C 142 -24.36 49.40 3.93
CA GLU C 142 -25.63 49.05 4.61
C GLU C 142 -25.51 47.64 5.17
N THR C 143 -25.40 47.53 6.48
CA THR C 143 -25.32 46.19 7.10
C THR C 143 -26.72 45.61 7.32
N SER C 144 -27.74 46.45 7.50
CA SER C 144 -29.11 45.97 7.83
C SER C 144 -29.84 45.18 6.75
N LEU C 145 -29.72 45.52 5.48
CA LEU C 145 -30.59 44.93 4.43
C LEU C 145 -30.05 43.63 3.83
N GLY C 146 -28.93 43.12 4.30
CA GLY C 146 -28.43 41.91 3.63
C GLY C 146 -29.13 40.69 4.17
N VAL C 147 -30.42 40.55 3.86
CA VAL C 147 -31.24 39.43 4.38
C VAL C 147 -31.81 38.66 3.21
N SER C 148 -31.78 37.33 3.26
CA SER C 148 -32.42 36.53 2.19
C SER C 148 -33.50 35.62 2.77
N ALA C 149 -34.29 34.98 1.92
CA ALA C 149 -35.28 33.99 2.41
C ALA C 149 -34.72 32.60 2.17
N ALA C 150 -33.55 32.51 1.56
CA ALA C 150 -32.89 31.22 1.43
C ALA C 150 -32.24 30.94 2.76
N CYS C 151 -32.10 31.99 3.58
CA CYS C 151 -31.47 31.91 4.93
C CYS C 151 -32.44 32.55 5.89
N PRO C 152 -33.57 31.91 6.23
CA PRO C 152 -34.62 32.50 7.04
C PRO C 152 -34.43 32.28 8.53
N TYR C 153 -34.95 33.16 9.37
CA TYR C 153 -34.83 32.88 10.82
C TYR C 153 -36.16 33.15 11.51
N GLN C 154 -36.70 32.13 12.18
CA GLN C 154 -38.03 32.32 12.80
C GLN C 154 -38.93 32.78 11.66
N GLY C 155 -38.76 32.19 10.48
CA GLY C 155 -39.58 32.55 9.31
C GLY C 155 -39.45 34.01 8.92
N ALA C 156 -38.26 34.59 9.05
CA ALA C 156 -38.09 35.98 8.54
C ALA C 156 -36.83 36.00 7.68
N PRO C 157 -36.78 36.77 6.58
CA PRO C 157 -35.54 36.87 5.85
C PRO C 157 -34.40 37.06 6.86
N SER C 158 -33.29 36.36 6.68
CA SER C 158 -32.09 36.55 7.53
C SER C 158 -30.88 36.09 6.75
N PHE C 159 -29.68 36.11 7.33
CA PHE C 159 -28.46 35.77 6.56
C PHE C 159 -27.41 35.21 7.50
N PHE C 160 -26.27 34.76 6.98
CA PHE C 160 -25.26 34.12 7.85
C PHE C 160 -24.78 35.10 8.90
N ARG C 161 -24.65 34.67 10.15
CA ARG C 161 -24.22 35.52 11.30
C ARG C 161 -22.77 36.00 11.25
N ASN C 162 -21.80 35.17 10.84
CA ASN C 162 -20.36 35.52 10.96
C ASN C 162 -19.82 36.42 9.84
N VAL C 163 -20.56 36.65 8.75
CA VAL C 163 -20.15 37.53 7.67
C VAL C 163 -21.25 38.54 7.42
N VAL C 164 -20.89 39.64 6.77
CA VAL C 164 -21.79 40.75 6.54
C VAL C 164 -21.96 40.94 5.04
N TRP C 165 -23.21 40.93 4.58
CA TRP C 165 -23.55 41.24 3.20
C TRP C 165 -23.72 42.76 3.09
N LEU C 166 -22.81 43.40 2.38
CA LEU C 166 -22.81 44.86 2.27
C LEU C 166 -23.62 45.30 1.06
N ILE C 167 -24.55 46.22 1.30
CA ILE C 167 -25.41 46.75 0.25
C ILE C 167 -25.12 48.24 0.11
N LYS C 168 -25.45 48.77 -1.07
CA LYS C 168 -25.23 50.19 -1.33
C LYS C 168 -26.09 51.04 -0.39
N LYS C 169 -25.52 52.14 0.09
CA LYS C 169 -26.20 53.05 0.99
C LYS C 169 -26.27 54.43 0.36
N ASN C 170 -27.45 55.04 0.39
CA ASN C 170 -27.70 56.35 -0.19
C ASN C 170 -27.31 56.37 -1.67
N ASP C 171 -27.64 55.29 -2.38
CA ASP C 171 -27.38 55.16 -3.82
C ASP C 171 -25.89 55.35 -4.13
N ALA C 172 -25.04 54.76 -3.30
CA ALA C 172 -23.59 54.86 -3.49
C ALA C 172 -22.92 53.63 -2.90
N TYR C 173 -21.70 53.37 -3.36
CA TYR C 173 -20.90 52.25 -2.88
C TYR C 173 -19.42 52.63 -2.97
N PRO C 174 -18.91 53.35 -1.98
CA PRO C 174 -17.50 53.73 -2.01
C PRO C 174 -16.59 52.52 -1.89
N THR C 175 -15.39 52.65 -2.46
CA THR C 175 -14.42 51.56 -2.43
C THR C 175 -13.99 51.29 -1.00
N ILE C 176 -13.85 50.01 -0.67
CA ILE C 176 -13.54 49.58 0.69
C ILE C 176 -12.02 49.54 0.85
N LYS C 177 -11.53 50.21 1.89
CA LYS C 177 -10.12 50.21 2.26
C LYS C 177 -10.03 49.70 3.69
N ILE C 178 -9.92 48.38 3.84
CA ILE C 178 -9.93 47.74 5.15
C ILE C 178 -8.65 46.93 5.32
N SER C 179 -7.94 47.18 6.42
CA SER C 179 -6.76 46.42 6.78
C SER C 179 -6.86 46.02 8.25
N TYR C 180 -6.20 44.93 8.62
CA TYR C 180 -6.30 44.37 9.96
C TYR C 180 -5.01 43.68 10.35
N ASN C 181 -4.39 44.16 11.43
CA ASN C 181 -3.23 43.51 12.04
C ASN C 181 -3.67 42.22 12.73
N ASN C 182 -2.81 41.20 12.69
CA ASN C 182 -2.99 40.02 13.52
C ASN C 182 -2.10 40.17 14.75
N THR C 183 -2.53 41.05 15.65
CA THR C 183 -1.78 41.33 16.87
C THR C 183 -1.80 40.16 17.85
N ASN C 184 -2.66 39.17 17.63
CA ASN C 184 -2.74 38.02 18.51
C ASN C 184 -1.55 37.09 18.29
N GLN C 185 -1.38 36.16 19.22
CA GLN C 185 -0.29 35.19 19.17
C GLN C 185 -0.68 33.90 18.49
N GLU C 186 -1.89 33.81 17.95
CA GLU C 186 -2.39 32.60 17.31
C GLU C 186 -2.89 32.92 15.91
N ASP C 187 -2.95 31.89 15.08
CA ASP C 187 -3.44 32.03 13.71
C ASP C 187 -4.92 32.40 13.73
N LEU C 188 -5.32 33.22 12.75
CA LEU C 188 -6.69 33.69 12.62
C LEU C 188 -7.27 33.18 11.32
N LEU C 189 -8.42 32.53 11.40
CA LEU C 189 -9.14 32.06 10.22
C LEU C 189 -10.17 33.12 9.82
N ILE C 190 -10.02 33.67 8.62
CA ILE C 190 -10.85 34.76 8.13
C ILE C 190 -11.68 34.25 6.97
N LEU C 191 -13.00 34.45 7.05
CA LEU C 191 -13.93 34.00 6.04
C LEU C 191 -14.55 35.20 5.33
N TRP C 192 -14.41 35.26 4.01
CA TRP C 192 -15.05 36.28 3.21
C TRP C 192 -15.64 35.61 1.98
N GLY C 193 -16.35 36.38 1.16
CA GLY C 193 -16.98 35.80 -0.01
C GLY C 193 -17.30 36.84 -1.06
N ILE C 194 -17.78 36.35 -2.20
CA ILE C 194 -18.18 37.18 -3.33
C ILE C 194 -19.55 36.73 -3.79
N HIS C 195 -20.40 37.69 -4.12
CA HIS C 195 -21.76 37.42 -4.57
C HIS C 195 -21.85 37.55 -6.07
N HIS C 196 -22.38 36.51 -6.73
CA HIS C 196 -22.60 36.52 -8.17
C HIS C 196 -24.05 36.88 -8.43
N SER C 197 -24.27 37.97 -9.16
CA SER C 197 -25.62 38.45 -9.44
C SER C 197 -26.24 37.64 -10.58
N ASN C 198 -27.45 38.01 -10.99
CA ASN C 198 -28.17 37.34 -12.06
C ASN C 198 -28.13 38.13 -13.36
N ASN C 199 -28.43 39.43 -13.31
CA ASN C 199 -28.46 40.27 -14.50
C ASN C 199 -27.86 41.63 -14.15
N ALA C 200 -27.77 42.50 -15.17
CA ALA C 200 -27.13 43.79 -15.00
C ALA C 200 -27.95 44.73 -14.14
N GLU C 201 -29.29 44.67 -14.23
CA GLU C 201 -30.13 45.55 -13.43
C GLU C 201 -30.03 45.20 -11.95
N GLU C 202 -29.98 43.90 -11.64
CA GLU C 202 -29.85 43.47 -10.23
C GLU C 202 -28.53 44.02 -9.68
N GLN C 203 -27.47 43.97 -10.48
CA GLN C 203 -26.16 44.45 -10.03
C GLN C 203 -26.20 45.93 -9.69
N THR C 204 -26.83 46.75 -10.54
CA THR C 204 -26.87 48.18 -10.28
C THR C 204 -27.91 48.53 -9.22
N ASN C 205 -28.93 47.69 -9.06
CA ASN C 205 -29.98 47.96 -8.08
C ASN C 205 -29.57 47.59 -6.66
N LEU C 206 -28.45 46.91 -6.48
CA LEU C 206 -28.10 46.42 -5.15
C LEU C 206 -26.66 46.80 -4.81
N TYR C 207 -25.83 47.07 -5.82
CA TYR C 207 -24.43 47.41 -5.61
C TYR C 207 -24.01 48.74 -6.23
N LYS C 208 -24.77 49.28 -7.17
CA LYS C 208 -24.53 50.56 -7.84
C LYS C 208 -23.30 50.54 -8.74
N ASN C 209 -22.54 49.44 -8.76
CA ASN C 209 -21.34 49.35 -9.58
C ASN C 209 -21.50 48.20 -10.57
N PRO C 210 -21.50 48.46 -11.88
CA PRO C 210 -21.62 47.37 -12.85
C PRO C 210 -20.42 46.44 -12.84
N THR C 211 -19.21 47.01 -12.90
CA THR C 211 -17.98 46.24 -12.91
C THR C 211 -17.33 46.37 -11.53
N THR C 212 -17.34 45.28 -10.78
CA THR C 212 -16.80 45.24 -9.42
C THR C 212 -15.63 44.28 -9.35
N TYR C 213 -14.94 44.31 -8.22
CA TYR C 213 -13.81 43.43 -7.98
C TYR C 213 -13.63 43.25 -6.48
N ILE C 214 -12.91 42.20 -6.11
CA ILE C 214 -12.55 41.94 -4.72
C ILE C 214 -11.09 41.50 -4.72
N SER C 215 -10.21 42.33 -4.14
CA SER C 215 -8.79 42.02 -4.06
C SER C 215 -8.42 41.82 -2.60
N VAL C 216 -7.83 40.67 -2.29
CA VAL C 216 -7.40 40.32 -0.94
C VAL C 216 -5.89 40.11 -0.98
N GLY C 217 -5.18 40.78 -0.07
CA GLY C 217 -3.73 40.71 -0.08
C GLY C 217 -3.12 40.44 1.28
N THR C 218 -2.37 39.35 1.39
CA THR C 218 -1.61 39.04 2.60
C THR C 218 -0.15 38.81 2.23
N SER C 219 0.64 38.30 3.18
CA SER C 219 2.04 37.99 2.89
C SER C 219 2.14 36.90 1.83
N THR C 220 1.26 35.90 1.89
CA THR C 220 1.32 34.77 0.98
C THR C 220 0.14 34.69 0.00
N LEU C 221 -0.87 35.53 0.16
CA LEU C 221 -2.08 35.45 -0.65
C LEU C 221 -2.22 36.71 -1.50
N ASN C 222 -2.39 36.50 -2.81
CA ASN C 222 -2.64 37.58 -3.77
C ASN C 222 -3.82 37.14 -4.64
N GLN C 223 -5.01 37.62 -4.32
CA GLN C 223 -6.24 37.13 -4.94
C GLN C 223 -7.06 38.30 -5.47
N ARG C 224 -7.62 38.12 -6.66
CA ARG C 224 -8.55 39.07 -7.25
C ARG C 224 -9.75 38.31 -7.77
N LEU C 225 -10.96 38.81 -7.47
CA LEU C 225 -12.19 38.13 -7.81
C LEU C 225 -13.11 39.05 -8.59
N VAL C 226 -13.76 38.50 -9.61
CA VAL C 226 -14.74 39.24 -10.41
C VAL C 226 -16.03 38.43 -10.44
N PRO C 227 -17.18 39.02 -10.11
CA PRO C 227 -18.43 38.26 -10.13
C PRO C 227 -18.79 37.79 -11.52
N LYS C 228 -19.45 36.64 -11.58
CA LYS C 228 -19.93 36.05 -12.83
C LYS C 228 -21.43 36.29 -12.92
N ILE C 229 -21.82 37.37 -13.60
CA ILE C 229 -23.23 37.71 -13.76
C ILE C 229 -23.80 36.91 -14.92
N ALA C 230 -24.38 35.75 -14.61
CA ALA C 230 -24.94 34.88 -15.63
C ALA C 230 -26.34 34.42 -15.25
N THR C 231 -26.91 33.51 -16.04
CA THR C 231 -28.25 32.96 -15.79
C THR C 231 -28.09 31.50 -15.37
N ARG C 232 -28.47 31.20 -14.13
CA ARG C 232 -28.40 29.85 -13.58
C ARG C 232 -29.81 29.41 -13.19
N SER C 233 -29.84 28.28 -12.53
CA SER C 233 -31.15 27.74 -12.20
C SER C 233 -31.41 27.92 -10.72
N GLN C 234 -32.67 28.00 -10.31
CA GLN C 234 -33.08 28.19 -8.89
C GLN C 234 -32.61 27.06 -8.01
N VAL C 235 -31.78 27.35 -7.02
CA VAL C 235 -31.36 26.51 -5.89
C VAL C 235 -31.80 27.22 -4.63
N ASN C 236 -32.65 26.56 -3.84
CA ASN C 236 -33.26 27.16 -2.64
C ASN C 236 -34.02 28.44 -3.00
N GLY C 237 -34.59 28.46 -4.20
CA GLY C 237 -35.39 29.58 -4.65
C GLY C 237 -34.62 30.76 -5.19
N GLN C 238 -33.29 30.65 -5.24
CA GLN C 238 -32.42 31.78 -5.68
C GLN C 238 -31.56 31.38 -6.87
N ARG C 239 -31.52 32.22 -7.90
CA ARG C 239 -30.68 31.96 -9.11
C ARG C 239 -29.32 32.64 -8.93
N GLY C 240 -29.08 33.30 -7.78
CA GLY C 240 -27.79 33.93 -7.46
C GLY C 240 -26.91 32.99 -6.69
N ARG C 241 -25.61 33.25 -6.66
CA ARG C 241 -24.63 32.40 -6.00
C ARG C 241 -23.69 33.25 -5.15
N MET C 242 -23.12 32.62 -4.13
CA MET C 242 -22.12 33.24 -3.28
C MET C 242 -20.98 32.27 -3.06
N ASP C 243 -19.79 32.62 -3.52
CA ASP C 243 -18.60 31.79 -3.35
C ASP C 243 -17.78 32.37 -2.19
N PHE C 244 -17.49 31.53 -1.20
CA PHE C 244 -16.80 31.94 0.00
C PHE C 244 -15.35 31.46 -0.03
N PHE C 245 -14.47 32.26 0.57
CA PHE C 245 -13.04 31.98 0.59
C PHE C 245 -12.53 32.11 2.02
N TRP C 246 -11.43 31.40 2.29
CA TRP C 246 -10.85 31.38 3.63
C TRP C 246 -9.34 31.49 3.52
N THR C 247 -8.73 31.97 4.61
CA THR C 247 -7.28 32.07 4.71
C THR C 247 -6.88 31.94 6.18
N ILE C 248 -5.62 31.61 6.40
CA ILE C 248 -5.06 31.49 7.75
C ILE C 248 -4.06 32.63 7.91
N LEU C 249 -4.42 33.63 8.71
CA LEU C 249 -3.54 34.76 8.93
C LEU C 249 -2.56 34.47 10.05
N LYS C 250 -1.28 34.55 9.73
CA LYS C 250 -0.21 34.29 10.69
C LYS C 250 -0.05 35.45 11.65
N PRO C 251 0.52 35.22 12.84
CA PRO C 251 0.74 36.31 13.78
C PRO C 251 1.65 37.37 13.18
N ASP C 252 1.37 38.64 13.53
CA ASP C 252 2.07 39.83 13.04
C ASP C 252 1.92 40.01 11.54
N ASP C 253 0.94 39.35 10.92
CA ASP C 253 0.68 39.49 9.49
C ASP C 253 -0.62 40.24 9.27
N ALA C 254 -0.60 41.17 8.33
CA ALA C 254 -1.76 42.00 8.03
C ALA C 254 -2.51 41.47 6.82
N ILE C 255 -3.82 41.66 6.81
CA ILE C 255 -4.69 41.27 5.71
C ILE C 255 -5.42 42.51 5.21
N HIS C 256 -5.48 42.68 3.90
CA HIS C 256 -6.05 43.86 3.28
C HIS C 256 -7.18 43.47 2.36
N PHE C 257 -8.26 44.25 2.40
CA PHE C 257 -9.43 44.03 1.57
C PHE C 257 -9.73 45.29 0.77
N GLU C 258 -9.78 45.15 -0.55
CA GLU C 258 -10.21 46.23 -1.44
C GLU C 258 -11.30 45.69 -2.34
N SER C 259 -12.48 46.31 -2.28
CA SER C 259 -13.63 45.83 -3.03
C SER C 259 -14.44 47.00 -3.55
N ASN C 260 -14.94 46.85 -4.79
CA ASN C 260 -15.85 47.81 -5.38
C ASN C 260 -17.31 47.36 -5.27
N GLY C 261 -17.56 46.13 -4.88
CA GLY C 261 -18.91 45.61 -4.76
C GLY C 261 -18.90 44.12 -4.66
N ASN C 262 -20.10 43.56 -4.48
CA ASN C 262 -20.29 42.11 -4.38
C ASN C 262 -19.47 41.49 -3.26
N PHE C 263 -19.24 42.25 -2.19
CA PHE C 263 -18.36 41.84 -1.11
C PHE C 263 -19.18 41.35 0.08
N ILE C 264 -18.88 40.13 0.53
CA ILE C 264 -19.42 39.60 1.77
C ILE C 264 -18.32 39.78 2.81
N ALA C 265 -18.34 40.94 3.47
CA ALA C 265 -17.23 41.33 4.33
C ALA C 265 -17.19 40.44 5.58
N PRO C 266 -16.00 40.02 6.02
CA PRO C 266 -15.91 39.27 7.27
C PRO C 266 -16.27 40.13 8.47
N GLU C 267 -16.86 39.48 9.47
CA GLU C 267 -17.19 40.13 10.72
C GLU C 267 -16.57 39.45 11.93
N TYR C 268 -16.56 38.12 11.96
CA TYR C 268 -15.98 37.35 13.05
C TYR C 268 -14.92 36.41 12.50
N ALA C 269 -13.74 36.43 13.12
CA ALA C 269 -12.67 35.50 12.80
C ALA C 269 -12.61 34.40 13.87
N TYR C 270 -11.64 33.52 13.73
CA TYR C 270 -11.50 32.38 14.64
C TYR C 270 -10.04 32.24 15.04
N LYS C 271 -9.78 32.28 16.35
CA LYS C 271 -8.44 32.06 16.87
C LYS C 271 -8.16 30.57 17.00
N ILE C 272 -7.02 30.13 16.48
CA ILE C 272 -6.59 28.73 16.64
C ILE C 272 -5.75 28.71 17.91
N VAL C 273 -6.44 28.58 19.06
CA VAL C 273 -5.78 28.62 20.36
C VAL C 273 -5.24 27.25 20.75
N LYS C 274 -5.98 26.18 20.49
CA LYS C 274 -5.52 24.82 20.73
C LYS C 274 -5.47 24.05 19.43
N LYS C 275 -4.33 23.42 19.16
CA LYS C 275 -4.09 22.73 17.90
C LYS C 275 -3.49 21.35 18.21
N GLY C 276 -4.38 20.37 18.36
CA GLY C 276 -4.01 19.00 18.60
C GLY C 276 -4.41 18.09 17.47
N ASP C 277 -4.98 16.94 17.81
CA ASP C 277 -5.46 15.98 16.83
C ASP C 277 -6.94 15.70 17.02
N SER C 278 -7.63 15.47 15.91
CA SER C 278 -9.07 15.20 15.91
C SER C 278 -9.44 14.63 14.55
N THR C 279 -10.72 14.33 14.38
CA THR C 279 -11.26 13.89 13.10
C THR C 279 -12.62 14.54 12.87
N ILE C 280 -13.03 14.58 11.61
CA ILE C 280 -14.40 14.95 11.24
C ILE C 280 -15.12 13.66 10.89
N MET C 281 -16.11 13.31 11.70
CA MET C 281 -16.73 11.99 11.66
C MET C 281 -18.18 12.11 11.17
N LYS C 282 -18.56 11.21 10.27
CA LYS C 282 -19.90 11.20 9.67
C LYS C 282 -20.70 10.08 10.31
N SER C 283 -21.63 10.43 11.19
CA SER C 283 -22.48 9.44 11.83
C SER C 283 -23.77 10.11 12.30
N GLY C 284 -24.85 9.34 12.31
CA GLY C 284 -26.13 9.84 12.75
C GLY C 284 -26.52 9.37 14.14
N VAL C 285 -25.53 8.85 14.87
CA VAL C 285 -25.77 8.35 16.23
C VAL C 285 -25.98 9.53 17.17
N GLU C 286 -26.70 9.29 18.26
CA GLU C 286 -26.98 10.33 19.24
C GLU C 286 -25.96 10.29 20.38
N TYR C 287 -25.85 11.41 21.07
CA TYR C 287 -24.99 11.50 22.25
C TYR C 287 -25.53 10.62 23.37
N GLY C 288 -24.63 10.11 24.20
CA GLY C 288 -25.02 9.17 25.23
C GLY C 288 -24.55 9.49 26.64
N HIS C 289 -23.90 10.64 26.84
CA HIS C 289 -23.37 11.04 28.14
C HIS C 289 -22.45 9.94 28.69
N CYS C 290 -21.34 9.77 28.01
CA CYS C 290 -20.47 8.60 28.09
C CYS C 290 -19.03 9.02 28.35
N ASN C 291 -18.11 8.05 28.30
CA ASN C 291 -16.66 8.36 28.43
C ASN C 291 -15.84 7.22 27.83
N THR C 292 -15.21 7.45 26.66
CA THR C 292 -14.47 6.36 25.96
C THR C 292 -13.07 6.83 25.54
N LYS C 293 -12.13 5.89 25.39
CA LYS C 293 -10.76 6.25 24.92
C LYS C 293 -10.72 6.30 23.39
N CYS C 294 -11.40 5.36 22.71
CA CYS C 294 -11.44 5.35 21.22
C CYS C 294 -12.90 5.45 20.73
N GLN C 295 -13.15 6.28 19.72
CA GLN C 295 -14.54 6.50 19.23
C GLN C 295 -14.73 5.86 17.85
N THR C 296 -15.97 5.63 17.44
CA THR C 296 -16.28 5.03 16.15
C THR C 296 -17.60 5.62 15.66
N PRO C 297 -17.77 5.83 14.35
CA PRO C 297 -19.06 6.34 13.85
C PRO C 297 -20.22 5.44 14.21
N VAL C 298 -19.93 4.15 14.41
CA VAL C 298 -20.96 3.20 14.81
C VAL C 298 -21.14 3.18 16.32
N GLY C 299 -20.06 3.27 17.08
CA GLY C 299 -20.13 3.22 18.54
C GLY C 299 -18.83 3.56 19.23
N ALA C 300 -18.50 2.80 20.27
CA ALA C 300 -17.26 3.01 21.01
C ALA C 300 -16.75 1.66 21.52
N ILE C 301 -15.45 1.43 21.35
CA ILE C 301 -14.83 0.17 21.75
C ILE C 301 -14.42 0.27 23.21
N ASN C 302 -15.17 -0.41 24.07
CA ASN C 302 -14.82 -0.51 25.49
C ASN C 302 -14.11 -1.85 25.74
N SER C 303 -12.90 -1.93 25.19
CA SER C 303 -12.08 -3.13 25.33
C SER C 303 -10.65 -2.80 24.94
N SER C 304 -9.75 -3.74 25.23
CA SER C 304 -8.32 -3.62 24.94
C SER C 304 -7.86 -4.76 24.03
N MET C 305 -8.76 -5.18 23.14
CA MET C 305 -8.46 -6.32 22.23
C MET C 305 -7.39 -5.91 21.21
N PRO C 306 -6.61 -6.86 20.68
CA PRO C 306 -5.63 -6.55 19.64
C PRO C 306 -6.31 -6.02 18.38
N PHE C 307 -7.47 -6.59 18.03
CA PHE C 307 -8.12 -6.18 16.75
C PHE C 307 -9.62 -5.94 16.92
N HIS C 308 -10.22 -5.20 15.98
CA HIS C 308 -11.65 -4.92 15.97
C HIS C 308 -12.12 -4.85 14.52
N ASN C 309 -13.44 -4.99 14.33
CA ASN C 309 -14.02 -4.97 12.99
C ASN C 309 -15.26 -4.09 12.94
N ILE C 310 -15.29 -3.00 13.70
CA ILE C 310 -16.47 -2.14 13.74
C ILE C 310 -16.48 -1.18 12.56
N HIS C 311 -15.45 -0.33 12.46
CA HIS C 311 -15.39 0.66 11.38
C HIS C 311 -13.94 1.02 11.16
N PRO C 312 -13.50 1.19 9.90
CA PRO C 312 -12.10 1.58 9.65
C PRO C 312 -11.72 2.92 10.26
N LEU C 313 -12.64 3.88 10.30
CA LEU C 313 -12.35 5.22 10.78
C LEU C 313 -12.54 5.25 12.30
N THR C 314 -11.44 5.47 13.03
CA THR C 314 -11.53 5.40 14.51
C THR C 314 -10.60 6.45 15.14
N ILE C 315 -11.09 7.17 16.16
CA ILE C 315 -10.28 8.23 16.82
C ILE C 315 -9.99 7.80 18.26
N GLY C 316 -8.87 8.27 18.83
CA GLY C 316 -8.52 7.96 20.24
C GLY C 316 -7.56 6.79 20.34
N GLU C 317 -7.59 6.05 21.46
CA GLU C 317 -6.73 4.84 21.57
C GLU C 317 -7.52 3.73 20.89
N CYS C 318 -7.17 3.41 19.64
CA CYS C 318 -8.02 2.47 18.86
C CYS C 318 -7.29 1.18 18.48
N PRO C 319 -7.92 0.01 18.64
CA PRO C 319 -7.32 -1.25 18.19
C PRO C 319 -7.28 -1.25 16.65
N LYS C 320 -6.52 -2.16 16.06
CA LYS C 320 -6.37 -2.25 14.59
C LYS C 320 -7.66 -2.77 13.93
N TYR C 321 -8.03 -2.25 12.78
CA TYR C 321 -9.20 -2.68 12.03
C TYR C 321 -8.84 -3.78 11.03
N VAL C 322 -9.63 -4.85 11.04
CA VAL C 322 -9.51 -5.92 10.05
C VAL C 322 -10.92 -6.25 9.57
N LYS C 323 -11.01 -6.79 8.34
CA LYS C 323 -12.27 -7.15 7.73
C LYS C 323 -12.64 -8.61 7.93
N SER C 324 -12.16 -9.23 9.01
CA SER C 324 -12.44 -10.63 9.30
C SER C 324 -13.57 -10.74 10.32
N ASN C 325 -14.50 -11.66 10.08
CA ASN C 325 -15.62 -11.84 10.99
C ASN C 325 -15.21 -12.51 12.29
N LYS C 326 -14.09 -13.21 12.32
CA LYS C 326 -13.61 -13.85 13.54
C LYS C 326 -12.10 -13.96 13.51
N LEU C 327 -11.49 -13.86 14.69
CA LEU C 327 -10.03 -13.97 14.84
C LEU C 327 -9.77 -14.53 16.23
N VAL C 328 -9.48 -15.83 16.29
CA VAL C 328 -9.24 -16.52 17.55
C VAL C 328 -7.86 -17.16 17.49
N LEU C 329 -7.03 -16.88 18.49
CA LEU C 329 -5.70 -17.45 18.58
C LEU C 329 -5.73 -18.63 19.55
N ALA C 330 -5.31 -19.80 19.09
CA ALA C 330 -5.30 -20.98 19.93
C ALA C 330 -4.27 -20.83 21.05
N THR C 331 -4.69 -21.17 22.27
CA THR C 331 -3.81 -21.14 23.43
C THR C 331 -3.64 -22.51 24.06
N GLY C 332 -4.74 -23.22 24.30
CA GLY C 332 -4.68 -24.56 24.86
C GLY C 332 -4.55 -25.63 23.79
N LEU C 333 -4.64 -26.88 24.23
CA LEU C 333 -4.53 -28.01 23.33
C LEU C 333 -5.88 -28.31 22.69
N ARG C 334 -5.90 -29.28 21.79
CA ARG C 334 -7.15 -29.69 21.15
C ARG C 334 -8.08 -30.33 22.17
N ASN C 335 -9.35 -29.97 22.10
CA ASN C 335 -10.37 -30.47 23.04
C ASN C 335 -10.98 -31.73 22.44
N SER C 336 -10.58 -32.89 22.96
CA SER C 336 -11.09 -34.16 22.47
C SER C 336 -10.97 -35.24 23.55
N GLY D 10 13.29 -26.19 19.39
CA GLY D 10 12.80 -26.93 20.55
C GLY D 10 11.66 -27.88 20.20
N LEU D 11 11.14 -27.76 18.98
CA LEU D 11 10.04 -28.61 18.55
C LEU D 11 10.45 -30.07 18.50
N PHE D 12 11.60 -30.36 17.91
CA PHE D 12 12.11 -31.72 17.82
C PHE D 12 12.85 -32.16 19.07
N GLY D 13 13.17 -31.22 19.97
CA GLY D 13 13.69 -31.53 21.28
C GLY D 13 14.97 -32.32 21.30
N ALA D 14 15.97 -31.89 20.52
CA ALA D 14 17.27 -32.55 20.58
C ALA D 14 18.35 -31.60 21.09
N ILE D 15 18.52 -30.45 20.40
CA ILE D 15 19.62 -29.56 20.73
C ILE D 15 19.39 -28.88 22.08
N ALA D 16 18.15 -28.53 22.39
CA ALA D 16 17.88 -27.72 23.58
C ALA D 16 17.85 -28.57 24.84
N GLY D 17 16.93 -29.54 24.91
CA GLY D 17 16.70 -30.26 26.14
C GLY D 17 17.27 -31.66 26.21
N PHE D 18 17.22 -32.39 25.08
CA PHE D 18 17.62 -33.79 25.10
C PHE D 18 19.10 -33.92 25.46
N ILE D 19 19.98 -33.39 24.63
CA ILE D 19 21.40 -33.33 24.95
C ILE D 19 21.66 -32.01 25.68
N GLU D 20 22.45 -32.09 26.75
CA GLU D 20 22.55 -30.97 27.68
C GLU D 20 23.11 -29.72 27.01
N GLY D 21 24.14 -29.88 26.18
CA GLY D 21 24.73 -28.74 25.52
C GLY D 21 25.68 -29.18 24.43
N GLY D 22 26.07 -28.21 23.60
CA GLY D 22 27.01 -28.48 22.54
C GLY D 22 28.42 -28.65 23.06
N TRP D 23 29.29 -29.18 22.21
CA TRP D 23 30.68 -29.40 22.59
C TRP D 23 31.50 -28.16 22.27
N GLN D 24 32.21 -27.64 23.27
CA GLN D 24 32.99 -26.43 23.07
C GLN D 24 34.25 -26.70 22.26
N GLY D 25 34.85 -27.88 22.41
CA GLY D 25 36.09 -28.21 21.74
C GLY D 25 35.97 -28.67 20.31
N MET D 26 34.75 -28.79 19.78
CA MET D 26 34.54 -29.20 18.40
C MET D 26 34.38 -27.95 17.54
N VAL D 27 35.38 -27.66 16.72
CA VAL D 27 35.42 -26.42 15.95
C VAL D 27 35.19 -26.63 14.46
N ASP D 28 35.13 -27.87 13.98
CA ASP D 28 34.94 -28.15 12.57
C ASP D 28 33.49 -28.56 12.33
N GLY D 29 32.83 -27.86 11.40
CA GLY D 29 31.45 -28.17 11.09
C GLY D 29 30.51 -27.74 12.21
N TRP D 30 29.31 -28.32 12.17
CA TRP D 30 28.28 -28.05 13.16
C TRP D 30 27.81 -29.30 13.92
N TYR D 31 27.80 -30.46 13.27
CA TYR D 31 27.34 -31.69 13.90
C TYR D 31 28.49 -32.69 13.93
N GLY D 32 28.77 -33.23 15.11
CA GLY D 32 29.91 -34.10 15.25
C GLY D 32 29.72 -35.29 16.16
N TYR D 33 30.77 -36.09 16.32
CA TYR D 33 30.71 -37.36 17.04
C TYR D 33 31.87 -37.41 18.02
N HIS D 34 31.56 -37.49 19.31
CA HIS D 34 32.55 -37.61 20.37
C HIS D 34 32.94 -39.08 20.44
N HIS D 35 33.78 -39.49 19.49
CA HIS D 35 34.20 -40.88 19.43
C HIS D 35 35.19 -41.17 20.56
N SER D 36 34.78 -42.05 21.47
CA SER D 36 35.58 -42.42 22.63
C SER D 36 36.02 -43.86 22.45
N ASN D 37 37.33 -44.09 22.51
CA ASN D 37 37.89 -45.39 22.24
C ASN D 37 39.18 -45.55 23.03
N GLU D 38 39.61 -46.80 23.17
CA GLU D 38 40.86 -47.08 23.86
C GLU D 38 42.04 -46.46 23.14
N GLN D 39 41.94 -46.27 21.82
CA GLN D 39 43.01 -45.62 21.07
C GLN D 39 43.07 -44.13 21.38
N GLY D 40 41.92 -43.48 21.47
CA GLY D 40 41.87 -42.06 21.76
C GLY D 40 40.48 -41.48 21.85
N SER D 41 40.27 -40.55 22.78
CA SER D 41 38.97 -39.88 22.93
C SER D 41 39.05 -38.47 22.34
N GLY D 42 38.76 -38.40 21.03
CA GLY D 42 38.77 -37.16 20.30
C GLY D 42 37.41 -36.87 19.68
N TYR D 43 37.25 -35.64 19.23
CA TYR D 43 36.03 -35.21 18.55
C TYR D 43 36.08 -35.55 17.06
N ALA D 44 34.96 -35.30 16.39
CA ALA D 44 34.86 -35.56 14.95
C ALA D 44 33.75 -34.67 14.41
N ALA D 45 33.46 -34.78 13.11
CA ALA D 45 32.39 -34.02 12.49
C ALA D 45 31.86 -34.80 11.30
N ASP D 46 30.56 -34.65 11.04
CA ASP D 46 29.92 -35.30 9.90
C ASP D 46 29.88 -34.31 8.74
N LYS D 47 30.73 -34.53 7.74
CA LYS D 47 30.82 -33.61 6.61
C LYS D 47 29.52 -33.58 5.82
N GLU D 48 28.93 -34.75 5.57
CA GLU D 48 27.74 -34.82 4.73
C GLU D 48 26.56 -34.11 5.40
N SER D 49 26.32 -34.38 6.68
CA SER D 49 25.20 -33.76 7.38
C SER D 49 25.40 -32.25 7.54
N THR D 50 26.63 -31.83 7.88
CA THR D 50 26.89 -30.42 8.06
C THR D 50 26.78 -29.66 6.74
N GLN D 51 27.30 -30.22 5.65
CA GLN D 51 27.31 -29.51 4.38
C GLN D 51 25.89 -29.24 3.89
N LYS D 52 25.01 -30.23 3.96
CA LYS D 52 23.62 -30.01 3.56
C LYS D 52 22.91 -29.06 4.51
N ALA D 53 23.32 -29.04 5.79
CA ALA D 53 22.79 -28.04 6.71
C ALA D 53 23.28 -26.65 6.36
N ILE D 54 24.57 -26.52 6.03
CA ILE D 54 25.10 -25.23 5.59
C ILE D 54 24.49 -24.83 4.26
N ASP D 55 24.32 -25.77 3.34
CA ASP D 55 23.70 -25.47 2.06
C ASP D 55 22.26 -24.99 2.23
N GLY D 56 21.51 -25.64 3.12
CA GLY D 56 20.14 -25.21 3.35
C GLY D 56 20.05 -23.83 3.98
N VAL D 57 20.91 -23.56 4.97
CA VAL D 57 20.91 -22.25 5.61
C VAL D 57 21.31 -21.16 4.63
N THR D 58 22.36 -21.41 3.84
CA THR D 58 22.79 -20.43 2.84
C THR D 58 21.72 -20.22 1.79
N ASN D 59 21.04 -21.29 1.37
CA ASN D 59 19.94 -21.14 0.42
C ASN D 59 18.79 -20.34 1.02
N LYS D 60 18.52 -20.54 2.32
CA LYS D 60 17.43 -19.82 2.96
C LYS D 60 17.71 -18.32 3.00
N VAL D 61 18.90 -17.92 3.44
CA VAL D 61 19.22 -16.51 3.56
C VAL D 61 19.34 -15.86 2.18
N ASN D 62 19.94 -16.56 1.22
CA ASN D 62 20.06 -16.01 -0.12
C ASN D 62 18.69 -15.81 -0.77
N SER D 63 17.81 -16.79 -0.62
CA SER D 63 16.46 -16.67 -1.18
C SER D 63 15.66 -15.59 -0.45
N ILE D 64 15.90 -15.42 0.85
CA ILE D 64 15.24 -14.33 1.58
C ILE D 64 15.67 -12.98 1.02
N ILE D 65 16.97 -12.81 0.78
CA ILE D 65 17.47 -11.58 0.17
C ILE D 65 16.96 -11.44 -1.26
N ASP D 66 16.94 -12.55 -2.00
CA ASP D 66 16.51 -12.50 -3.40
C ASP D 66 15.06 -12.05 -3.53
N LYS D 67 14.18 -12.54 -2.65
CA LYS D 67 12.78 -12.13 -2.68
C LYS D 67 12.54 -10.78 -2.03
N MET D 68 13.56 -10.20 -1.38
CA MET D 68 13.42 -8.91 -0.74
C MET D 68 14.06 -7.77 -1.54
N ASN D 69 14.62 -8.06 -2.71
CA ASN D 69 15.20 -7.00 -3.53
C ASN D 69 14.15 -6.11 -4.16
N THR D 70 12.89 -6.55 -4.20
CA THR D 70 11.81 -5.79 -4.83
C THR D 70 10.86 -5.32 -3.73
N GLN D 71 11.06 -4.11 -3.25
CA GLN D 71 10.15 -3.47 -2.30
C GLN D 71 9.94 -2.02 -2.74
N PHE D 72 9.32 -1.23 -1.87
CA PHE D 72 8.97 0.14 -2.19
C PHE D 72 10.20 1.04 -2.06
N GLU D 73 10.34 1.97 -3.01
CA GLU D 73 11.56 2.76 -3.12
C GLU D 73 11.58 4.02 -2.27
N ALA D 74 10.42 4.44 -1.74
CA ALA D 74 10.30 5.63 -0.90
C ALA D 74 10.81 6.88 -1.64
N VAL D 75 10.10 7.20 -2.71
CA VAL D 75 10.42 8.38 -3.51
C VAL D 75 9.79 9.61 -2.86
N GLY D 76 10.60 10.66 -2.67
CA GLY D 76 10.11 11.87 -2.04
C GLY D 76 9.49 12.81 -3.06
N ARG D 77 8.45 13.51 -2.63
CA ARG D 77 7.74 14.47 -3.46
C ARG D 77 7.47 15.74 -2.67
N GLU D 78 7.29 16.84 -3.40
CA GLU D 78 7.05 18.15 -2.81
C GLU D 78 5.61 18.56 -3.06
N PHE D 79 4.97 19.12 -2.04
CA PHE D 79 3.62 19.64 -2.14
C PHE D 79 3.56 21.02 -1.49
N ASN D 80 2.71 21.88 -2.06
CA ASN D 80 2.58 23.25 -1.56
C ASN D 80 1.62 23.29 -0.38
N ASN D 81 1.29 24.50 0.07
CA ASN D 81 0.46 24.65 1.26
C ASN D 81 -0.98 24.24 1.00
N LEU D 82 -1.47 24.41 -0.22
CA LEU D 82 -2.86 24.12 -0.54
C LEU D 82 -3.10 22.66 -0.94
N GLU D 83 -2.06 21.84 -0.93
CA GLU D 83 -2.17 20.42 -1.26
C GLU D 83 -1.86 19.54 -0.06
N ARG D 84 -2.36 19.93 1.11
CA ARG D 84 -2.12 19.16 2.32
C ARG D 84 -2.85 17.82 2.28
N ARG D 85 -4.04 17.78 1.66
CA ARG D 85 -4.76 16.52 1.53
C ARG D 85 -3.97 15.52 0.68
N ILE D 86 -3.41 15.97 -0.44
CA ILE D 86 -2.60 15.10 -1.28
C ILE D 86 -1.29 14.76 -0.59
N GLU D 87 -0.71 15.73 0.12
CA GLU D 87 0.52 15.47 0.87
C GLU D 87 0.28 14.42 1.95
N ASN D 88 -0.82 14.55 2.70
CA ASN D 88 -1.17 13.52 3.69
C ASN D 88 -1.51 12.21 2.99
N LEU D 89 -2.16 12.28 1.83
CA LEU D 89 -2.40 11.09 1.03
C LEU D 89 -1.09 10.41 0.66
N ASN D 90 -0.09 11.18 0.24
CA ASN D 90 1.21 10.61 -0.06
C ASN D 90 1.92 10.14 1.21
N LYS D 91 1.83 10.93 2.28
CA LYS D 91 2.56 10.61 3.50
C LYS D 91 2.09 9.28 4.10
N LYS D 92 0.78 9.04 4.10
CA LYS D 92 0.25 7.81 4.68
C LYS D 92 0.64 6.60 3.84
N MET D 93 0.66 6.72 2.54
CA MET D 93 1.10 5.60 1.68
C MET D 93 2.58 5.31 2.00
N GLU D 94 3.40 6.40 2.03
CA GLU D 94 4.80 6.20 2.39
C GLU D 94 4.93 5.40 3.67
N ASP D 95 4.24 5.83 4.73
CA ASP D 95 4.33 5.13 6.01
C ASP D 95 3.66 3.77 5.95
N GLY D 96 2.53 3.68 5.23
CA GLY D 96 1.83 2.39 5.14
C GLY D 96 2.66 1.32 4.47
N PHE D 97 3.35 1.68 3.38
CA PHE D 97 4.20 0.70 2.70
C PHE D 97 5.44 0.37 3.53
N LEU D 98 5.97 1.35 4.25
CA LEU D 98 7.10 1.08 5.14
C LEU D 98 6.68 0.22 6.32
N ASP D 99 5.45 0.39 6.81
CA ASP D 99 4.99 -0.40 7.95
C ASP D 99 4.83 -1.86 7.58
N VAL D 100 4.21 -2.14 6.44
CA VAL D 100 3.99 -3.54 6.04
C VAL D 100 5.32 -4.21 5.68
N TRP D 101 6.23 -3.47 5.05
CA TRP D 101 7.53 -4.05 4.71
C TRP D 101 8.37 -4.28 5.96
N THR D 102 8.28 -3.37 6.93
CA THR D 102 8.93 -3.60 8.22
C THR D 102 8.31 -4.79 8.92
N TYR D 103 6.97 -4.90 8.87
CA TYR D 103 6.30 -6.07 9.44
C TYR D 103 6.70 -7.34 8.70
N ASN D 104 6.79 -7.27 7.38
CA ASN D 104 7.20 -8.44 6.59
C ASN D 104 8.63 -8.85 6.93
N ALA D 105 9.54 -7.88 7.05
CA ALA D 105 10.93 -8.20 7.34
C ALA D 105 11.08 -8.73 8.76
N GLU D 106 10.44 -8.09 9.73
CA GLU D 106 10.56 -8.52 11.12
C GLU D 106 9.93 -9.89 11.33
N LEU D 107 8.73 -10.10 10.78
CA LEU D 107 8.04 -11.38 10.96
C LEU D 107 8.78 -12.51 10.26
N LEU D 108 9.31 -12.25 9.05
CA LEU D 108 10.04 -13.28 8.32
C LEU D 108 11.26 -13.73 9.10
N VAL D 109 11.99 -12.80 9.72
CA VAL D 109 13.12 -13.17 10.55
C VAL D 109 12.66 -14.02 11.73
N LEU D 110 11.55 -13.63 12.35
CA LEU D 110 11.04 -14.38 13.51
C LEU D 110 10.66 -15.80 13.13
N MET D 111 9.88 -15.96 12.05
CA MET D 111 9.47 -17.29 11.64
C MET D 111 10.66 -18.12 11.16
N GLU D 112 11.53 -17.53 10.34
CA GLU D 112 12.69 -18.27 9.84
C GLU D 112 13.66 -18.61 10.96
N ASN D 113 13.66 -17.83 12.04
CA ASN D 113 14.48 -18.19 13.20
C ASN D 113 13.99 -19.48 13.83
N GLU D 114 12.67 -19.68 13.91
CA GLU D 114 12.15 -20.96 14.36
C GLU D 114 12.58 -22.09 13.43
N ARG D 115 12.39 -21.89 12.13
CA ARG D 115 12.71 -22.94 11.16
C ARG D 115 14.20 -23.28 11.19
N THR D 116 15.05 -22.25 11.27
CA THR D 116 16.49 -22.51 11.33
C THR D 116 16.85 -23.28 12.59
N LEU D 117 16.30 -22.88 13.74
CA LEU D 117 16.57 -23.61 14.97
C LEU D 117 15.91 -24.99 14.96
N ASP D 118 14.70 -25.08 14.40
CA ASP D 118 14.08 -26.38 14.25
C ASP D 118 14.85 -27.26 13.26
N PHE D 119 15.36 -26.66 12.18
CA PHE D 119 16.17 -27.40 11.24
C PHE D 119 17.42 -27.95 11.93
N HIS D 120 18.08 -27.10 12.71
CA HIS D 120 19.21 -27.55 13.52
C HIS D 120 18.77 -28.56 14.58
N ASP D 121 17.62 -28.32 15.20
CA ASP D 121 17.11 -29.27 16.18
C ASP D 121 16.76 -30.61 15.54
N SER D 122 16.14 -30.57 14.36
CA SER D 122 15.77 -31.81 13.68
C SER D 122 16.99 -32.56 13.17
N ASN D 123 18.03 -31.84 12.74
CA ASN D 123 19.22 -32.50 12.22
C ASN D 123 19.89 -33.36 13.28
N VAL D 124 20.11 -32.81 14.47
CA VAL D 124 20.72 -33.59 15.54
C VAL D 124 19.84 -34.79 15.89
N LYS D 125 18.52 -34.59 15.87
CA LYS D 125 17.60 -35.71 16.02
C LYS D 125 17.75 -36.70 14.87
N ASN D 126 17.95 -36.18 13.65
CA ASN D 126 18.14 -37.06 12.50
C ASN D 126 19.43 -37.86 12.62
N LEU D 127 20.54 -37.19 12.95
CA LEU D 127 21.78 -37.92 13.19
C LEU D 127 21.68 -38.81 14.42
N TYR D 128 20.85 -38.42 15.39
CA TYR D 128 20.57 -39.33 16.50
C TYR D 128 19.92 -40.62 16.03
N ASP D 129 18.90 -40.51 15.17
CA ASP D 129 18.20 -41.69 14.71
C ASP D 129 19.06 -42.51 13.75
N LYS D 130 19.85 -41.84 12.91
CA LYS D 130 20.66 -42.56 11.93
C LYS D 130 21.64 -43.50 12.60
N VAL D 131 22.32 -43.04 13.66
CA VAL D 131 23.23 -43.91 14.39
C VAL D 131 22.47 -45.01 15.12
N ARG D 132 21.32 -44.67 15.72
CA ARG D 132 20.56 -45.67 16.46
C ARG D 132 20.03 -46.77 15.54
N LEU D 133 19.55 -46.42 14.35
CA LEU D 133 18.97 -47.41 13.46
C LEU D 133 20.03 -48.34 12.89
N GLN D 134 21.25 -47.85 12.72
CA GLN D 134 22.33 -48.73 12.27
C GLN D 134 22.82 -49.61 13.41
N LEU D 135 22.95 -49.05 14.61
CA LEU D 135 23.56 -49.77 15.72
C LEU D 135 22.59 -50.81 16.29
N ARG D 136 21.31 -50.46 16.41
CA ARG D 136 20.24 -51.37 16.88
C ARG D 136 20.61 -51.85 18.28
N ASP D 137 20.53 -53.15 18.57
CA ASP D 137 20.71 -53.64 19.94
C ASP D 137 22.19 -53.79 20.31
N ASN D 138 23.09 -53.66 19.34
CA ASN D 138 24.51 -53.85 19.62
C ASN D 138 25.07 -52.73 20.48
N ALA D 139 24.32 -51.63 20.64
CA ALA D 139 24.75 -50.49 21.43
C ALA D 139 23.70 -50.17 22.48
N LYS D 140 24.16 -49.84 23.69
CA LYS D 140 23.24 -49.45 24.75
C LYS D 140 22.99 -47.95 24.70
N GLU D 141 21.74 -47.57 24.42
CA GLU D 141 21.35 -46.18 24.33
C GLU D 141 21.17 -45.59 25.73
N LEU D 142 21.67 -44.38 25.91
CA LEU D 142 21.70 -43.73 27.21
C LEU D 142 20.83 -42.47 27.18
N GLY D 143 20.71 -41.84 28.35
CA GLY D 143 19.91 -40.65 28.47
C GLY D 143 20.42 -39.48 27.66
N ASN D 144 21.73 -39.37 27.51
CA ASN D 144 22.31 -38.36 26.64
C ASN D 144 22.35 -38.88 25.20
N GLY D 145 22.97 -38.09 24.32
CA GLY D 145 23.12 -38.50 22.94
C GLY D 145 24.17 -39.56 22.72
N CYS D 146 24.88 -39.97 23.78
CA CYS D 146 25.95 -40.93 23.66
C CYS D 146 25.41 -42.36 23.63
N PHE D 147 26.06 -43.19 22.81
CA PHE D 147 25.74 -44.61 22.70
C PHE D 147 26.88 -45.44 23.28
N GLU D 148 26.59 -46.23 24.31
CA GLU D 148 27.58 -47.11 24.92
C GLU D 148 27.55 -48.45 24.20
N PHE D 149 28.60 -48.74 23.44
CA PHE D 149 28.69 -49.98 22.69
C PHE D 149 28.78 -51.18 23.63
N TYR D 150 28.01 -52.22 23.34
CA TYR D 150 28.14 -53.47 24.07
C TYR D 150 29.48 -54.14 23.75
N HIS D 151 29.94 -54.02 22.52
CA HIS D 151 31.19 -54.62 22.07
C HIS D 151 32.22 -53.54 21.83
N LYS D 152 33.44 -53.76 22.31
CA LYS D 152 34.54 -52.84 22.02
C LYS D 152 34.97 -52.99 20.57
N CYS D 153 35.27 -51.87 19.93
CA CYS D 153 35.70 -51.86 18.53
C CYS D 153 36.70 -50.74 18.30
N ASP D 154 37.53 -50.93 17.27
CA ASP D 154 38.61 -50.02 16.94
C ASP D 154 38.04 -48.76 16.29
N ASN D 155 38.94 -47.85 15.87
CA ASN D 155 38.51 -46.65 15.18
C ASN D 155 37.84 -46.96 13.84
N GLU D 156 38.01 -48.19 13.34
CA GLU D 156 37.32 -48.59 12.12
C GLU D 156 35.81 -48.53 12.30
N CYS D 157 35.32 -48.98 13.47
CA CYS D 157 33.89 -48.94 13.73
C CYS D 157 33.40 -47.51 13.93
N MET D 158 34.21 -46.65 14.56
CA MET D 158 33.87 -45.24 14.65
C MET D 158 33.64 -44.62 13.28
N GLU D 159 34.57 -44.83 12.34
CA GLU D 159 34.40 -44.25 11.02
C GLU D 159 33.35 -44.98 10.20
N SER D 160 33.13 -46.27 10.49
CA SER D 160 32.06 -47.00 9.83
C SER D 160 30.70 -46.41 10.17
N VAL D 161 30.49 -46.05 11.44
CA VAL D 161 29.26 -45.38 11.83
C VAL D 161 29.15 -44.03 11.13
N ARG D 162 30.25 -43.28 11.06
CA ARG D 162 30.24 -42.01 10.36
C ARG D 162 29.94 -42.18 8.88
N ASN D 163 30.51 -43.21 8.25
CA ASN D 163 30.31 -43.43 6.82
C ASN D 163 28.94 -44.01 6.52
N GLY D 164 28.22 -44.51 7.51
CA GLY D 164 26.93 -45.11 7.27
C GLY D 164 26.97 -46.53 6.74
N THR D 165 28.08 -47.24 6.93
CA THR D 165 28.27 -48.60 6.44
C THR D 165 28.65 -49.52 7.59
N TYR D 166 27.91 -49.43 8.69
CA TYR D 166 28.15 -50.29 9.84
C TYR D 166 27.86 -51.74 9.50
N ASP D 167 28.78 -52.63 9.90
CA ASP D 167 28.62 -54.07 9.72
C ASP D 167 27.90 -54.62 10.94
N TYR D 168 26.61 -54.88 10.78
CA TYR D 168 25.78 -55.38 11.87
C TYR D 168 26.00 -56.86 12.16
N PRO D 169 25.91 -57.76 11.18
CA PRO D 169 25.97 -59.19 11.51
C PRO D 169 27.27 -59.62 12.19
N GLN D 170 28.39 -59.00 11.84
CA GLN D 170 29.67 -59.38 12.45
C GLN D 170 29.68 -59.07 13.95
N TYR D 171 29.20 -57.90 14.33
CA TYR D 171 29.18 -57.50 15.73
C TYR D 171 27.90 -57.92 16.45
N SER D 172 26.90 -58.42 15.74
CA SER D 172 25.67 -58.88 16.39
C SER D 172 25.94 -60.08 17.29
N GLY D 173 26.76 -61.02 16.82
CA GLY D 173 27.07 -62.18 17.64
C GLY D 173 27.88 -61.83 18.88
N GLU D 174 28.80 -60.87 18.76
CA GLU D 174 29.61 -60.47 19.90
C GLU D 174 28.74 -59.84 20.99
N ALA D 175 27.79 -58.99 20.60
CA ALA D 175 26.91 -58.37 21.58
C ALA D 175 26.00 -59.40 22.24
N ARG D 176 25.48 -60.36 21.46
CA ARG D 176 24.61 -61.38 22.02
C ARG D 176 25.36 -62.25 23.03
N LEU D 177 26.61 -62.62 22.71
CA LEU D 177 27.39 -63.42 23.64
C LEU D 177 27.70 -62.64 24.92
N LYS D 178 28.04 -61.36 24.79
CA LYS D 178 28.33 -60.55 25.97
C LYS D 178 27.09 -60.37 26.84
N ARG D 179 25.95 -60.08 26.22
CA ARG D 179 24.73 -59.88 26.97
C ARG D 179 24.25 -61.19 27.58
N GLU D 180 23.77 -61.11 28.81
CA GLU D 180 23.30 -62.30 29.53
C GLU D 180 21.99 -62.01 30.26
N GLY E 10 11.88 -32.76 5.06
CA GLY E 10 13.11 -33.29 5.58
C GLY E 10 13.25 -33.10 7.08
N LEU E 11 12.36 -32.30 7.66
CA LEU E 11 12.43 -32.04 9.09
C LEU E 11 12.19 -33.31 9.90
N PHE E 12 11.17 -34.09 9.54
CA PHE E 12 10.87 -35.33 10.23
C PHE E 12 11.70 -36.50 9.71
N GLY E 13 12.39 -36.32 8.59
CA GLY E 13 13.37 -37.28 8.13
C GLY E 13 12.85 -38.68 7.86
N ALA E 14 11.73 -38.80 7.15
CA ALA E 14 11.23 -40.12 6.78
C ALA E 14 11.25 -40.32 5.27
N ILE E 15 10.58 -39.43 4.53
CA ILE E 15 10.44 -39.62 3.09
C ILE E 15 11.76 -39.42 2.36
N ALA E 16 12.57 -38.46 2.83
CA ALA E 16 13.77 -38.08 2.09
C ALA E 16 14.92 -39.04 2.36
N GLY E 17 15.35 -39.13 3.62
CA GLY E 17 16.56 -39.85 3.94
C GLY E 17 16.37 -41.21 4.57
N PHE E 18 15.36 -41.34 5.44
CA PHE E 18 15.18 -42.58 6.20
C PHE E 18 14.90 -43.75 5.26
N ILE E 19 13.79 -43.71 4.53
CA ILE E 19 13.49 -44.69 3.51
C ILE E 19 14.06 -44.17 2.19
N GLU E 20 14.72 -45.07 1.44
CA GLU E 20 15.53 -44.65 0.31
C GLU E 20 14.70 -43.94 -0.75
N GLY E 21 13.53 -44.48 -1.06
CA GLY E 21 12.69 -43.86 -2.08
C GLY E 21 11.30 -44.46 -2.06
N GLY E 22 10.40 -43.78 -2.78
CA GLY E 22 9.04 -44.25 -2.87
C GLY E 22 8.93 -45.46 -3.80
N TRP E 23 7.79 -46.14 -3.72
CA TRP E 23 7.56 -47.31 -4.55
C TRP E 23 6.94 -46.89 -5.88
N GLN E 24 7.57 -47.31 -6.98
CA GLN E 24 7.07 -46.92 -8.30
C GLN E 24 5.81 -47.68 -8.67
N GLY E 25 5.68 -48.93 -8.24
CA GLY E 25 4.56 -49.76 -8.60
C GLY E 25 3.29 -49.56 -7.80
N MET E 26 3.32 -48.69 -6.79
CA MET E 26 2.14 -48.42 -5.97
C MET E 26 1.45 -47.18 -6.53
N VAL E 27 0.28 -47.39 -7.14
CA VAL E 27 -0.42 -46.32 -7.85
C VAL E 27 -1.68 -45.85 -7.14
N ASP E 28 -2.10 -46.53 -6.08
CA ASP E 28 -3.31 -46.17 -5.35
C ASP E 28 -2.94 -45.43 -4.08
N GLY E 29 -3.50 -44.23 -3.91
CA GLY E 29 -3.22 -43.45 -2.73
C GLY E 29 -1.81 -42.87 -2.75
N TRP E 30 -1.36 -42.49 -1.56
CA TRP E 30 -0.02 -41.94 -1.37
C TRP E 30 0.84 -42.72 -0.40
N TYR E 31 0.26 -43.32 0.63
CA TYR E 31 1.00 -44.06 1.65
C TYR E 31 0.54 -45.51 1.62
N GLY E 32 1.50 -46.43 1.50
CA GLY E 32 1.14 -47.83 1.36
C GLY E 32 2.03 -48.81 2.09
N TYR E 33 1.73 -50.09 1.96
CA TYR E 33 2.40 -51.14 2.71
C TYR E 33 2.81 -52.24 1.73
N HIS E 34 4.12 -52.49 1.64
CA HIS E 34 4.67 -53.54 0.80
C HIS E 34 4.55 -54.84 1.59
N HIS E 35 3.33 -55.38 1.63
CA HIS E 35 3.09 -56.60 2.37
C HIS E 35 3.71 -57.79 1.64
N SER E 36 4.70 -58.40 2.28
CA SER E 36 5.41 -59.55 1.71
C SER E 36 5.05 -60.77 2.52
N ASN E 37 4.57 -61.80 1.84
CA ASN E 37 4.06 -63.00 2.50
C ASN E 37 4.26 -64.18 1.58
N GLU E 38 4.19 -65.38 2.17
CA GLU E 38 4.31 -66.60 1.38
C GLU E 38 3.17 -66.72 0.38
N GLN E 39 2.02 -66.13 0.69
CA GLN E 39 0.90 -66.15 -0.26
C GLN E 39 1.16 -65.24 -1.45
N GLY E 40 1.73 -64.06 -1.21
CA GLY E 40 2.03 -63.15 -2.30
C GLY E 40 2.69 -61.86 -1.85
N SER E 41 3.63 -61.36 -2.65
CA SER E 41 4.31 -60.10 -2.36
C SER E 41 3.76 -59.00 -3.24
N GLY E 42 2.70 -58.36 -2.75
CA GLY E 42 2.03 -57.27 -3.45
C GLY E 42 2.05 -56.00 -2.62
N TYR E 43 1.70 -54.90 -3.28
CA TYR E 43 1.60 -53.60 -2.64
C TYR E 43 0.22 -53.42 -2.00
N ALA E 44 0.06 -52.31 -1.28
CA ALA E 44 -1.20 -51.97 -0.64
C ALA E 44 -1.22 -50.46 -0.42
N ALA E 45 -2.28 -49.97 0.22
CA ALA E 45 -2.40 -48.55 0.51
C ALA E 45 -3.28 -48.37 1.74
N ASP E 46 -2.97 -47.34 2.53
CA ASP E 46 -3.75 -47.03 3.72
C ASP E 46 -4.78 -45.97 3.36
N LYS E 47 -6.05 -46.38 3.26
CA LYS E 47 -7.09 -45.44 2.84
C LYS E 47 -7.29 -44.33 3.88
N GLU E 48 -7.28 -44.68 5.17
CA GLU E 48 -7.55 -43.70 6.20
C GLU E 48 -6.45 -42.63 6.26
N SER E 49 -5.18 -43.05 6.23
CA SER E 49 -4.08 -42.11 6.31
C SER E 49 -4.00 -41.25 5.05
N THR E 50 -4.19 -41.86 3.88
CA THR E 50 -4.12 -41.10 2.63
C THR E 50 -5.26 -40.10 2.51
N GLN E 51 -6.47 -40.51 2.90
CA GLN E 51 -7.63 -39.63 2.75
C GLN E 51 -7.50 -38.36 3.58
N LYS E 52 -7.06 -38.50 4.84
CA LYS E 52 -6.85 -37.31 5.67
C LYS E 52 -5.68 -36.48 5.16
N ALA E 53 -4.70 -37.12 4.55
CA ALA E 53 -3.62 -36.37 3.90
C ALA E 53 -4.13 -35.62 2.68
N ILE E 54 -4.97 -36.26 1.87
CA ILE E 54 -5.57 -35.59 0.72
C ILE E 54 -6.52 -34.50 1.19
N ASP E 55 -7.30 -34.77 2.23
CA ASP E 55 -8.21 -33.77 2.76
C ASP E 55 -7.45 -32.55 3.28
N GLY E 56 -6.34 -32.77 3.98
CA GLY E 56 -5.55 -31.65 4.48
C GLY E 56 -4.93 -30.83 3.37
N VAL E 57 -4.38 -31.50 2.35
CA VAL E 57 -3.78 -30.79 1.23
C VAL E 57 -4.83 -30.01 0.46
N THR E 58 -5.99 -30.62 0.20
CA THR E 58 -7.06 -29.92 -0.50
C THR E 58 -7.58 -28.74 0.31
N ASN E 59 -7.68 -28.92 1.63
CA ASN E 59 -8.09 -27.81 2.49
C ASN E 59 -7.07 -26.69 2.47
N LYS E 60 -5.78 -27.04 2.42
CA LYS E 60 -4.73 -26.03 2.41
C LYS E 60 -4.79 -25.18 1.14
N VAL E 61 -4.88 -25.82 -0.02
CA VAL E 61 -4.88 -25.08 -1.27
C VAL E 61 -6.18 -24.29 -1.43
N ASN E 62 -7.31 -24.88 -1.04
CA ASN E 62 -8.58 -24.17 -1.14
C ASN E 62 -8.60 -22.94 -0.23
N SER E 63 -8.12 -23.09 1.00
CA SER E 63 -8.06 -21.95 1.91
C SER E 63 -7.05 -20.90 1.45
N ILE E 64 -5.97 -21.33 0.80
CA ILE E 64 -5.02 -20.37 0.23
C ILE E 64 -5.70 -19.54 -0.86
N ILE E 65 -6.45 -20.20 -1.74
CA ILE E 65 -7.19 -19.49 -2.77
C ILE E 65 -8.27 -18.63 -2.14
N ASP E 66 -8.96 -19.15 -1.13
CA ASP E 66 -10.06 -18.41 -0.50
C ASP E 66 -9.56 -17.11 0.12
N LYS E 67 -8.41 -17.15 0.80
CA LYS E 67 -7.86 -15.94 1.39
C LYS E 67 -7.15 -15.05 0.39
N MET E 68 -6.97 -15.51 -0.85
CA MET E 68 -6.32 -14.71 -1.88
C MET E 68 -7.29 -14.10 -2.88
N ASN E 69 -8.60 -14.32 -2.70
CA ASN E 69 -9.57 -13.71 -3.60
C ASN E 69 -9.70 -12.21 -3.39
N THR E 70 -9.23 -11.67 -2.28
CA THR E 70 -9.34 -10.26 -1.97
C THR E 70 -7.94 -9.65 -2.01
N GLN E 71 -7.57 -9.08 -3.15
CA GLN E 71 -6.32 -8.34 -3.28
C GLN E 71 -6.62 -7.07 -4.07
N PHE E 72 -5.56 -6.38 -4.49
CA PHE E 72 -5.69 -5.09 -5.17
C PHE E 72 -6.07 -5.31 -6.64
N GLU E 73 -6.99 -4.48 -7.13
CA GLU E 73 -7.59 -4.69 -8.45
C GLU E 73 -6.80 -4.09 -9.60
N ALA E 74 -5.84 -3.20 -9.32
CA ALA E 74 -5.01 -2.56 -10.35
C ALA E 74 -5.87 -1.80 -11.36
N VAL E 75 -6.55 -0.78 -10.84
CA VAL E 75 -7.41 0.07 -11.67
C VAL E 75 -6.54 1.13 -12.34
N GLY E 76 -6.69 1.26 -13.66
CA GLY E 76 -5.90 2.24 -14.40
C GLY E 76 -6.56 3.61 -14.41
N ARG E 77 -5.73 4.64 -14.36
CA ARG E 77 -6.19 6.02 -14.37
C ARG E 77 -5.34 6.83 -15.34
N GLU E 78 -5.92 7.93 -15.81
CA GLU E 78 -5.27 8.83 -16.77
C GLU E 78 -4.89 10.13 -16.09
N PHE E 79 -3.69 10.61 -16.37
CA PHE E 79 -3.21 11.89 -15.85
C PHE E 79 -2.59 12.69 -16.99
N ASN E 80 -2.74 14.00 -16.92
CA ASN E 80 -2.23 14.88 -17.96
C ASN E 80 -0.75 15.19 -17.71
N ASN E 81 -0.19 16.10 -18.50
CA ASN E 81 1.24 16.39 -18.41
C ASN E 81 1.60 17.13 -17.13
N LEU E 82 0.69 17.94 -16.60
CA LEU E 82 0.97 18.75 -15.42
C LEU E 82 0.69 18.01 -14.11
N GLU E 83 0.26 16.75 -14.17
CA GLU E 83 -0.03 15.95 -12.99
C GLU E 83 0.94 14.77 -12.88
N ARG E 84 2.22 15.01 -13.18
CA ARG E 84 3.21 13.94 -13.10
C ARG E 84 3.47 13.51 -11.66
N ARG E 85 3.39 14.44 -10.72
CA ARG E 85 3.55 14.08 -9.31
C ARG E 85 2.45 13.13 -8.86
N ILE E 86 1.20 13.43 -9.23
CA ILE E 86 0.09 12.56 -8.87
C ILE E 86 0.17 11.25 -9.65
N GLU E 87 0.59 11.31 -10.92
CA GLU E 87 0.76 10.10 -11.71
C GLU E 87 1.83 9.20 -11.11
N ASN E 88 2.97 9.79 -10.72
CA ASN E 88 3.99 9.00 -10.03
C ASN E 88 3.49 8.53 -8.67
N LEU E 89 2.69 9.36 -8.00
CA LEU E 89 2.06 8.93 -6.76
C LEU E 89 1.17 7.72 -6.98
N ASN E 90 0.39 7.74 -8.07
CA ASN E 90 -0.43 6.58 -8.40
C ASN E 90 0.43 5.41 -8.86
N LYS E 91 1.44 5.67 -9.68
CA LYS E 91 2.26 4.60 -10.24
C LYS E 91 2.97 3.81 -9.15
N LYS E 92 3.52 4.50 -8.16
CA LYS E 92 4.24 3.81 -7.09
C LYS E 92 3.31 2.98 -6.23
N MET E 93 2.12 3.44 -5.97
CA MET E 93 1.14 2.65 -5.20
C MET E 93 0.82 1.39 -6.02
N GLU E 94 0.52 1.58 -7.33
CA GLU E 94 0.26 0.43 -8.18
C GLU E 94 1.37 -0.60 -8.04
N ASP E 95 2.62 -0.18 -8.21
CA ASP E 95 3.75 -1.11 -8.12
C ASP E 95 3.94 -1.60 -6.69
N GLY E 96 3.76 -0.71 -5.70
CA GLY E 96 3.95 -1.11 -4.32
C GLY E 96 2.99 -2.19 -3.88
N PHE E 97 1.71 -2.06 -4.27
CA PHE E 97 0.74 -3.08 -3.92
C PHE E 97 0.97 -4.37 -4.70
N LEU E 98 1.42 -4.27 -5.95
CA LEU E 98 1.75 -5.46 -6.70
C LEU E 98 3.00 -6.15 -6.15
N ASP E 99 3.95 -5.36 -5.63
CA ASP E 99 5.18 -5.96 -5.10
C ASP E 99 4.89 -6.76 -3.83
N VAL E 100 4.09 -6.21 -2.91
CA VAL E 100 3.81 -6.90 -1.67
C VAL E 100 2.94 -8.12 -1.92
N TRP E 101 1.99 -8.02 -2.84
CA TRP E 101 1.14 -9.17 -3.16
C TRP E 101 1.92 -10.25 -3.88
N THR E 102 2.85 -9.86 -4.75
CA THR E 102 3.75 -10.84 -5.35
C THR E 102 4.65 -11.48 -4.30
N TYR E 103 5.16 -10.67 -3.36
CA TYR E 103 5.93 -11.21 -2.25
C TYR E 103 5.07 -12.13 -1.38
N ASN E 104 3.83 -11.73 -1.11
CA ASN E 104 2.93 -12.57 -0.32
C ASN E 104 2.65 -13.89 -1.01
N ALA E 105 2.39 -13.84 -2.33
CA ALA E 105 2.07 -15.06 -3.07
C ALA E 105 3.30 -15.97 -3.18
N GLU E 106 4.45 -15.39 -3.50
CA GLU E 106 5.66 -16.21 -3.65
C GLU E 106 6.10 -16.81 -2.32
N LEU E 107 6.10 -16.00 -1.25
CA LEU E 107 6.53 -16.50 0.05
C LEU E 107 5.57 -17.55 0.59
N LEU E 108 4.26 -17.33 0.41
CA LEU E 108 3.28 -18.29 0.89
C LEU E 108 3.47 -19.66 0.23
N VAL E 109 3.75 -19.66 -1.08
CA VAL E 109 4.04 -20.91 -1.76
C VAL E 109 5.30 -21.56 -1.19
N LEU E 110 6.33 -20.77 -0.93
CA LEU E 110 7.57 -21.30 -0.40
C LEU E 110 7.37 -21.93 0.98
N MET E 111 6.71 -21.20 1.89
CA MET E 111 6.49 -21.73 3.22
C MET E 111 5.55 -22.92 3.20
N GLU E 112 4.45 -22.84 2.44
CA GLU E 112 3.51 -23.95 2.39
C GLU E 112 4.13 -25.17 1.70
N ASN E 113 5.12 -24.96 0.85
CA ASN E 113 5.83 -26.09 0.25
C ASN E 113 6.60 -26.87 1.32
N GLU E 114 7.20 -26.16 2.28
CA GLU E 114 7.82 -26.85 3.42
C GLU E 114 6.78 -27.62 4.20
N ARG E 115 5.67 -26.97 4.55
CA ARG E 115 4.65 -27.60 5.37
C ARG E 115 4.06 -28.82 4.66
N THR E 116 3.79 -28.70 3.36
CA THR E 116 3.25 -29.83 2.62
C THR E 116 4.23 -30.99 2.59
N LEU E 117 5.51 -30.71 2.34
CA LEU E 117 6.52 -31.76 2.35
C LEU E 117 6.76 -32.27 3.75
N ASP E 118 6.75 -31.38 4.74
CA ASP E 118 6.86 -31.83 6.13
C ASP E 118 5.64 -32.63 6.54
N PHE E 119 4.45 -32.21 6.09
CA PHE E 119 3.24 -32.99 6.38
C PHE E 119 3.34 -34.38 5.79
N HIS E 120 3.81 -34.47 4.53
CA HIS E 120 4.06 -35.77 3.93
C HIS E 120 5.19 -36.50 4.63
N ASP E 121 6.24 -35.77 5.02
CA ASP E 121 7.34 -36.41 5.75
C ASP E 121 6.88 -36.91 7.11
N SER E 122 6.06 -36.11 7.81
CA SER E 122 5.58 -36.52 9.12
C SER E 122 4.59 -37.68 9.04
N ASN E 123 3.79 -37.73 7.97
CA ASN E 123 2.81 -38.80 7.84
C ASN E 123 3.48 -40.16 7.75
N VAL E 124 4.49 -40.29 6.87
CA VAL E 124 5.20 -41.56 6.75
C VAL E 124 5.88 -41.91 8.07
N LYS E 125 6.40 -40.91 8.78
CA LYS E 125 6.91 -41.13 10.12
C LYS E 125 5.79 -41.56 11.06
N ASN E 126 4.60 -40.96 10.91
CA ASN E 126 3.47 -41.35 11.74
C ASN E 126 3.04 -42.77 11.46
N LEU E 127 2.88 -43.14 10.18
CA LEU E 127 2.58 -44.53 9.85
C LEU E 127 3.73 -45.45 10.22
N TYR E 128 4.97 -44.94 10.20
CA TYR E 128 6.09 -45.72 10.71
C TYR E 128 5.90 -46.05 12.19
N ASP E 129 5.55 -45.05 12.99
CA ASP E 129 5.40 -45.27 14.42
C ASP E 129 4.16 -46.11 14.73
N LYS E 130 3.08 -45.90 13.99
CA LYS E 130 1.83 -46.63 14.26
C LYS E 130 2.04 -48.13 14.13
N VAL E 131 2.72 -48.57 13.08
CA VAL E 131 3.00 -50.00 12.92
C VAL E 131 3.97 -50.48 13.99
N ARG E 132 4.99 -49.68 14.32
CA ARG E 132 5.98 -50.10 15.31
C ARG E 132 5.35 -50.24 16.69
N LEU E 133 4.47 -49.31 17.07
CA LEU E 133 3.88 -49.35 18.41
C LEU E 133 2.91 -50.51 18.57
N GLN E 134 2.25 -50.91 17.49
CA GLN E 134 1.39 -52.09 17.55
C GLN E 134 2.22 -53.38 17.57
N LEU E 135 3.26 -53.44 16.73
CA LEU E 135 4.01 -54.68 16.57
C LEU E 135 4.92 -54.94 17.77
N ARG E 136 5.56 -53.90 18.30
CA ARG E 136 6.42 -53.97 19.50
C ARG E 136 7.55 -54.97 19.23
N ASP E 137 7.83 -55.91 20.13
CA ASP E 137 8.98 -56.78 19.99
C ASP E 137 8.72 -57.96 19.06
N ASN E 138 7.46 -58.17 18.66
CA ASN E 138 7.13 -59.31 17.82
C ASN E 138 7.69 -59.17 16.41
N ALA E 139 8.16 -57.97 16.06
CA ALA E 139 8.70 -57.70 14.73
C ALA E 139 10.11 -57.11 14.88
N LYS E 140 11.02 -57.54 14.01
CA LYS E 140 12.37 -57.01 14.01
C LYS E 140 12.45 -55.78 13.12
N GLU E 141 12.71 -54.63 13.71
CA GLU E 141 12.81 -53.36 12.98
C GLU E 141 14.15 -53.28 12.28
N LEU E 142 14.13 -52.82 11.03
CA LEU E 142 15.32 -52.78 10.19
C LEU E 142 15.66 -51.34 9.84
N GLY E 143 16.78 -51.18 9.13
CA GLY E 143 17.24 -49.86 8.75
C GLY E 143 16.29 -49.13 7.81
N ASN E 144 15.62 -49.87 6.93
CA ASN E 144 14.60 -49.29 6.09
C ASN E 144 13.26 -49.24 6.84
N GLY E 145 12.22 -48.82 6.12
CA GLY E 145 10.89 -48.78 6.71
C GLY E 145 10.25 -50.14 6.87
N CYS E 146 10.92 -51.20 6.42
CA CYS E 146 10.35 -52.54 6.46
C CYS E 146 10.53 -53.17 7.84
N PHE E 147 9.51 -53.92 8.27
CA PHE E 147 9.53 -54.66 9.53
C PHE E 147 9.57 -56.14 9.23
N GLU E 148 10.62 -56.82 9.69
CA GLU E 148 10.75 -58.26 9.53
C GLU E 148 10.09 -58.95 10.72
N PHE E 149 8.97 -59.61 10.46
CA PHE E 149 8.23 -60.29 11.52
C PHE E 149 9.04 -61.47 12.06
N TYR E 150 9.09 -61.59 13.38
CA TYR E 150 9.67 -62.78 13.99
C TYR E 150 8.84 -64.02 13.72
N HIS E 151 7.51 -63.86 13.69
CA HIS E 151 6.59 -64.96 13.46
C HIS E 151 5.95 -64.81 12.08
N LYS E 152 5.89 -65.91 11.33
CA LYS E 152 5.17 -65.89 10.06
C LYS E 152 3.67 -65.83 10.31
N CYS E 153 2.98 -65.07 9.48
CA CYS E 153 1.54 -64.91 9.59
C CYS E 153 0.92 -64.73 8.21
N ASP E 154 -0.36 -65.08 8.12
CA ASP E 154 -1.10 -65.05 6.86
C ASP E 154 -1.44 -63.61 6.48
N ASN E 155 -2.18 -63.44 5.39
CA ASN E 155 -2.62 -62.11 4.98
C ASN E 155 -3.58 -61.48 6.00
N GLU E 156 -4.11 -62.29 6.93
CA GLU E 156 -4.94 -61.75 7.99
C GLU E 156 -4.15 -60.78 8.86
N CYS E 157 -2.90 -61.12 9.16
CA CYS E 157 -2.06 -60.24 9.98
C CYS E 157 -1.66 -58.99 9.20
N MET E 158 -1.41 -59.12 7.89
CA MET E 158 -1.17 -57.95 7.06
C MET E 158 -2.31 -56.95 7.14
N GLU E 159 -3.56 -57.42 6.97
CA GLU E 159 -4.69 -56.49 7.01
C GLU E 159 -5.01 -56.07 8.45
N SER E 160 -4.67 -56.91 9.43
CA SER E 160 -4.84 -56.51 10.82
C SER E 160 -3.95 -55.33 11.17
N VAL E 161 -2.70 -55.32 10.68
CA VAL E 161 -1.83 -54.17 10.87
C VAL E 161 -2.40 -52.95 10.16
N ARG E 162 -2.92 -53.13 8.94
CA ARG E 162 -3.54 -52.03 8.22
C ARG E 162 -4.77 -51.49 8.96
N ASN E 163 -5.59 -52.39 9.52
CA ASN E 163 -6.80 -51.98 10.20
C ASN E 163 -6.53 -51.38 11.58
N GLY E 164 -5.32 -51.58 12.11
CA GLY E 164 -5.01 -51.07 13.43
C GLY E 164 -5.53 -51.92 14.57
N THR E 165 -5.82 -53.19 14.32
CA THR E 165 -6.37 -54.11 15.32
C THR E 165 -5.49 -55.35 15.43
N TYR E 166 -4.19 -55.14 15.52
CA TYR E 166 -3.25 -56.24 15.67
C TYR E 166 -3.45 -56.95 17.00
N ASP E 167 -3.48 -58.29 16.94
CA ASP E 167 -3.59 -59.13 18.14
C ASP E 167 -2.20 -59.42 18.65
N TYR E 168 -1.80 -58.70 19.70
CA TYR E 168 -0.47 -58.82 20.28
C TYR E 168 -0.31 -60.08 21.13
N PRO E 169 -1.18 -60.36 22.11
CA PRO E 169 -0.93 -61.49 23.01
C PRO E 169 -0.85 -62.84 22.31
N GLN E 170 -1.62 -63.05 21.24
CA GLN E 170 -1.60 -64.33 20.54
C GLN E 170 -0.23 -64.58 19.89
N TYR E 171 0.32 -63.56 19.24
CA TYR E 171 1.61 -63.70 18.58
C TYR E 171 2.80 -63.38 19.48
N SER E 172 2.55 -62.85 20.69
CA SER E 172 3.65 -62.57 21.60
C SER E 172 4.34 -63.85 22.05
N GLY E 173 3.57 -64.90 22.34
CA GLY E 173 4.17 -66.15 22.75
C GLY E 173 4.96 -66.81 21.64
N GLU E 174 4.48 -66.72 20.40
CA GLU E 174 5.20 -67.31 19.28
C GLU E 174 6.56 -66.65 19.07
N ALA E 175 6.60 -65.31 19.17
CA ALA E 175 7.87 -64.61 19.01
C ALA E 175 8.84 -64.93 20.15
N ARG E 176 8.33 -65.02 21.38
CA ARG E 176 9.19 -65.33 22.51
C ARG E 176 9.79 -66.73 22.38
N LEU E 177 8.97 -67.69 21.96
CA LEU E 177 9.48 -69.05 21.76
C LEU E 177 10.53 -69.11 20.67
N LYS E 178 10.29 -68.40 19.56
CA LYS E 178 11.25 -68.39 18.46
C LYS E 178 12.55 -67.71 18.86
N ARG E 179 12.47 -66.58 19.56
CA ARG E 179 13.66 -65.87 19.98
C ARG E 179 14.40 -66.66 21.06
N GLU E 180 15.73 -66.67 20.96
CA GLU E 180 16.55 -67.40 21.91
C GLU E 180 17.76 -66.57 22.33
N GLY F 10 -0.69 -31.99 14.69
CA GLY F 10 -0.73 -33.33 14.14
C GLY F 10 0.58 -33.75 13.50
N LEU F 11 1.49 -32.79 13.33
CA LEU F 11 2.77 -33.08 12.70
C LEU F 11 3.58 -34.06 13.54
N PHE F 12 3.68 -33.82 14.84
CA PHE F 12 4.41 -34.69 15.75
C PHE F 12 3.59 -35.88 16.21
N GLY F 13 2.28 -35.87 15.96
CA GLY F 13 1.44 -37.04 16.15
C GLY F 13 1.40 -37.59 17.56
N ALA F 14 1.22 -36.72 18.56
CA ALA F 14 1.07 -37.19 19.93
C ALA F 14 -0.33 -36.88 20.48
N ILE F 15 -0.71 -35.61 20.47
CA ILE F 15 -1.97 -35.20 21.11
C ILE F 15 -3.16 -35.71 20.31
N ALA F 16 -3.07 -35.72 18.99
CA ALA F 16 -4.24 -36.00 18.17
C ALA F 16 -4.48 -37.51 18.05
N GLY F 17 -3.51 -38.23 17.48
CA GLY F 17 -3.72 -39.62 17.15
C GLY F 17 -3.08 -40.63 18.08
N PHE F 18 -1.88 -40.33 18.58
CA PHE F 18 -1.13 -41.30 19.37
C PHE F 18 -1.88 -41.65 20.64
N ILE F 19 -2.08 -40.67 21.51
CA ILE F 19 -2.90 -40.83 22.70
C ILE F 19 -4.33 -40.45 22.33
N GLU F 20 -5.29 -41.27 22.78
CA GLU F 20 -6.65 -41.17 22.27
C GLU F 20 -7.28 -39.81 22.58
N GLY F 21 -7.07 -39.32 23.80
CA GLY F 21 -7.65 -38.04 24.18
C GLY F 21 -7.06 -37.54 25.47
N GLY F 22 -7.34 -36.27 25.76
CA GLY F 22 -6.86 -35.68 26.99
C GLY F 22 -7.67 -36.16 28.19
N TRP F 23 -7.14 -35.91 29.38
CA TRP F 23 -7.81 -36.31 30.60
C TRP F 23 -8.77 -35.21 31.07
N GLN F 24 -10.03 -35.58 31.27
CA GLN F 24 -11.02 -34.58 31.68
C GLN F 24 -10.84 -34.17 33.13
N GLY F 25 -10.42 -35.08 33.99
CA GLY F 25 -10.29 -34.81 35.40
C GLY F 25 -9.03 -34.10 35.83
N MET F 26 -8.11 -33.81 34.91
CA MET F 26 -6.88 -33.11 35.23
C MET F 26 -7.09 -31.63 34.93
N VAL F 27 -7.17 -30.82 35.99
CA VAL F 27 -7.51 -29.41 35.87
C VAL F 27 -6.34 -28.48 36.13
N ASP F 28 -5.20 -28.99 36.59
CA ASP F 28 -4.04 -28.18 36.90
C ASP F 28 -3.02 -28.30 35.77
N GLY F 29 -2.62 -27.15 35.22
CA GLY F 29 -1.65 -27.15 34.14
C GLY F 29 -2.25 -27.67 32.84
N TRP F 30 -1.34 -28.06 31.94
CA TRP F 30 -1.73 -28.61 30.65
C TRP F 30 -1.20 -30.01 30.40
N TYR F 31 -0.03 -30.36 30.92
CA TYR F 31 0.58 -31.67 30.69
C TYR F 31 0.73 -32.37 32.03
N GLY F 32 0.22 -33.60 32.13
CA GLY F 32 0.22 -34.28 33.39
C GLY F 32 0.50 -35.77 33.33
N TYR F 33 0.49 -36.42 34.49
CA TYR F 33 0.89 -37.82 34.61
C TYR F 33 -0.18 -38.54 35.42
N HIS F 34 -0.81 -39.54 34.79
CA HIS F 34 -1.82 -40.38 35.44
C HIS F 34 -1.07 -41.44 36.24
N HIS F 35 -0.54 -41.03 37.38
CA HIS F 35 0.23 -41.94 38.21
C HIS F 35 -0.70 -42.95 38.87
N SER F 36 -0.54 -44.22 38.51
CA SER F 36 -1.37 -45.30 39.03
C SER F 36 -0.49 -46.16 39.93
N ASN F 37 -0.93 -46.35 41.17
CA ASN F 37 -0.13 -47.06 42.16
C ASN F 37 -1.06 -47.72 43.16
N GLU F 38 -0.51 -48.69 43.89
CA GLU F 38 -1.29 -49.36 44.93
C GLU F 38 -1.73 -48.39 46.02
N GLN F 39 -0.97 -47.32 46.23
CA GLN F 39 -1.36 -46.32 47.22
C GLN F 39 -2.55 -45.50 46.73
N GLY F 40 -2.56 -45.13 45.45
CA GLY F 40 -3.66 -44.36 44.90
C GLY F 40 -3.51 -44.03 43.43
N SER F 41 -4.62 -44.06 42.69
CA SER F 41 -4.62 -43.72 41.27
C SER F 41 -5.19 -42.32 41.08
N GLY F 42 -4.29 -41.34 41.16
CA GLY F 42 -4.64 -39.93 40.99
C GLY F 42 -3.88 -39.32 39.84
N TYR F 43 -4.32 -38.13 39.43
CA TYR F 43 -3.67 -37.36 38.38
C TYR F 43 -2.53 -36.53 38.95
N ALA F 44 -1.80 -35.88 38.05
CA ALA F 44 -0.68 -35.02 38.42
C ALA F 44 -0.45 -34.02 37.29
N ALA F 45 0.56 -33.18 37.43
CA ALA F 45 0.90 -32.21 36.40
C ALA F 45 2.38 -31.89 36.48
N ASP F 46 2.99 -31.62 35.33
CA ASP F 46 4.40 -31.25 35.26
C ASP F 46 4.50 -29.74 35.25
N LYS F 47 4.92 -29.16 36.38
CA LYS F 47 5.00 -27.71 36.48
C LYS F 47 6.03 -27.13 35.52
N GLU F 48 7.20 -27.77 35.41
CA GLU F 48 8.26 -27.23 34.57
C GLU F 48 7.88 -27.23 33.10
N SER F 49 7.32 -28.34 32.61
CA SER F 49 6.94 -28.43 31.20
C SER F 49 5.78 -27.50 30.88
N THR F 50 4.78 -27.44 31.77
CA THR F 50 3.63 -26.58 31.52
C THR F 50 4.01 -25.10 31.56
N GLN F 51 4.86 -24.71 32.51
CA GLN F 51 5.20 -23.30 32.66
C GLN F 51 5.92 -22.77 31.42
N LYS F 52 6.89 -23.52 30.90
CA LYS F 52 7.57 -23.09 29.68
C LYS F 52 6.64 -23.13 28.48
N ALA F 53 5.64 -24.03 28.49
CA ALA F 53 4.63 -24.02 27.45
C ALA F 53 3.74 -22.79 27.57
N ILE F 54 3.34 -22.44 28.79
CA ILE F 54 2.55 -21.23 29.01
C ILE F 54 3.38 -19.99 28.68
N ASP F 55 4.66 -19.99 29.09
CA ASP F 55 5.53 -18.86 28.80
C ASP F 55 5.69 -18.67 27.29
N GLY F 56 5.87 -19.77 26.55
CA GLY F 56 6.01 -19.66 25.11
C GLY F 56 4.75 -19.16 24.43
N VAL F 57 3.58 -19.67 24.85
CA VAL F 57 2.33 -19.23 24.27
C VAL F 57 2.07 -17.76 24.58
N THR F 58 2.30 -17.35 25.83
CA THR F 58 2.12 -15.95 26.20
C THR F 58 3.08 -15.05 25.46
N ASN F 59 4.33 -15.50 25.28
CA ASN F 59 5.29 -14.73 24.50
C ASN F 59 4.86 -14.62 23.04
N LYS F 60 4.28 -15.69 22.49
CA LYS F 60 3.85 -15.67 21.10
C LYS F 60 2.73 -14.66 20.88
N VAL F 61 1.71 -14.69 21.73
CA VAL F 61 0.57 -13.79 21.55
C VAL F 61 0.97 -12.35 21.84
N ASN F 62 1.79 -12.14 22.87
CA ASN F 62 2.23 -10.78 23.19
C ASN F 62 3.08 -10.19 22.07
N SER F 63 4.00 -10.99 21.52
CA SER F 63 4.82 -10.52 20.41
C SER F 63 3.99 -10.31 19.15
N ILE F 64 2.95 -11.11 18.95
CA ILE F 64 2.05 -10.90 17.82
C ILE F 64 1.34 -9.55 17.95
N ILE F 65 0.85 -9.25 19.15
CA ILE F 65 0.23 -7.95 19.40
C ILE F 65 1.25 -6.84 19.28
N ASP F 66 2.46 -7.06 19.81
CA ASP F 66 3.49 -6.02 19.80
C ASP F 66 3.87 -5.64 18.37
N LYS F 67 4.01 -6.62 17.49
CA LYS F 67 4.34 -6.32 16.10
C LYS F 67 3.13 -5.87 15.29
N MET F 68 1.93 -5.93 15.85
CA MET F 68 0.72 -5.48 15.15
C MET F 68 0.23 -4.12 15.60
N ASN F 69 0.93 -3.48 16.54
CA ASN F 69 0.53 -2.14 16.97
C ASN F 69 0.77 -1.08 15.92
N THR F 70 1.60 -1.36 14.91
CA THR F 70 1.95 -0.40 13.87
C THR F 70 1.35 -0.88 12.55
N GLN F 71 0.16 -0.38 12.23
CA GLN F 71 -0.47 -0.64 10.95
C GLN F 71 -1.05 0.68 10.43
N PHE F 72 -1.86 0.59 9.38
CA PHE F 72 -2.42 1.77 8.73
C PHE F 72 -3.60 2.32 9.54
N GLU F 73 -3.66 3.64 9.66
CA GLU F 73 -4.61 4.29 10.56
C GLU F 73 -5.98 4.54 9.94
N ALA F 74 -6.11 4.44 8.62
CA ALA F 74 -7.37 4.66 7.91
C ALA F 74 -7.94 6.06 8.20
N VAL F 75 -7.17 7.06 7.75
CA VAL F 75 -7.57 8.45 7.90
C VAL F 75 -8.52 8.82 6.78
N GLY F 76 -9.66 9.41 7.15
CA GLY F 76 -10.65 9.81 6.15
C GLY F 76 -10.36 11.19 5.58
N ARG F 77 -10.66 11.35 4.29
CA ARG F 77 -10.46 12.60 3.59
C ARG F 77 -11.67 12.91 2.74
N GLU F 78 -11.86 14.19 2.45
CA GLU F 78 -12.99 14.68 1.66
C GLU F 78 -12.50 15.13 0.28
N PHE F 79 -13.26 14.76 -0.74
CA PHE F 79 -12.97 15.18 -2.11
C PHE F 79 -14.26 15.68 -2.76
N ASN F 80 -14.11 16.66 -3.64
CA ASN F 80 -15.26 17.25 -4.31
C ASN F 80 -15.64 16.42 -5.54
N ASN F 81 -16.59 16.93 -6.33
CA ASN F 81 -17.09 16.16 -7.46
C ASN F 81 -16.07 16.05 -8.59
N LEU F 82 -15.20 17.04 -8.74
CA LEU F 82 -14.23 17.06 -9.83
C LEU F 82 -12.93 16.34 -9.48
N GLU F 83 -12.82 15.76 -8.28
CA GLU F 83 -11.64 15.03 -7.86
C GLU F 83 -11.95 13.55 -7.65
N ARG F 84 -12.75 12.98 -8.55
CA ARG F 84 -13.10 11.56 -8.44
C ARG F 84 -11.91 10.66 -8.68
N ARG F 85 -10.99 11.07 -9.57
CA ARG F 85 -9.79 10.28 -9.81
C ARG F 85 -8.93 10.20 -8.54
N ILE F 86 -8.75 11.34 -7.87
CA ILE F 86 -7.98 11.35 -6.63
C ILE F 86 -8.74 10.62 -5.53
N GLU F 87 -10.06 10.79 -5.49
CA GLU F 87 -10.87 10.08 -4.50
C GLU F 87 -10.77 8.57 -4.70
N ASN F 88 -10.88 8.11 -5.95
CA ASN F 88 -10.69 6.69 -6.22
C ASN F 88 -9.25 6.28 -5.94
N LEU F 89 -8.29 7.17 -6.22
CA LEU F 89 -6.90 6.90 -5.86
C LEU F 89 -6.76 6.71 -4.35
N ASN F 90 -7.42 7.57 -3.57
CA ASN F 90 -7.40 7.40 -2.12
C ASN F 90 -8.18 6.18 -1.69
N LYS F 91 -9.35 5.95 -2.30
CA LYS F 91 -10.21 4.84 -1.89
C LYS F 91 -9.53 3.50 -2.08
N LYS F 92 -8.83 3.31 -3.20
CA LYS F 92 -8.18 2.03 -3.45
C LYS F 92 -7.01 1.80 -2.51
N MET F 93 -6.28 2.82 -2.16
CA MET F 93 -5.17 2.68 -1.17
C MET F 93 -5.81 2.26 0.16
N GLU F 94 -6.87 3.00 0.58
CA GLU F 94 -7.56 2.63 1.81
C GLU F 94 -7.91 1.14 1.81
N ASP F 95 -8.57 0.67 0.76
CA ASP F 95 -8.96 -0.73 0.70
C ASP F 95 -7.75 -1.64 0.52
N GLY F 96 -6.76 -1.21 -0.27
CA GLY F 96 -5.59 -2.03 -0.49
C GLY F 96 -4.80 -2.28 0.78
N PHE F 97 -4.62 -1.24 1.60
CA PHE F 97 -3.91 -1.41 2.86
C PHE F 97 -4.74 -2.23 3.85
N LEU F 98 -6.06 -2.06 3.84
CA LEU F 98 -6.90 -2.88 4.71
C LEU F 98 -6.91 -4.34 4.25
N ASP F 99 -6.83 -4.58 2.94
CA ASP F 99 -6.85 -5.95 2.44
C ASP F 99 -5.59 -6.70 2.85
N VAL F 100 -4.42 -6.08 2.70
CA VAL F 100 -3.17 -6.76 3.04
C VAL F 100 -3.06 -6.96 4.54
N TRP F 101 -3.51 -5.98 5.33
CA TRP F 101 -3.45 -6.13 6.78
C TRP F 101 -4.45 -7.16 7.27
N THR F 102 -5.63 -7.24 6.64
CA THR F 102 -6.55 -8.32 6.94
C THR F 102 -5.96 -9.67 6.53
N TYR F 103 -5.32 -9.73 5.37
CA TYR F 103 -4.64 -10.95 4.96
C TYR F 103 -3.50 -11.29 5.92
N ASN F 104 -2.74 -10.28 6.35
CA ASN F 104 -1.65 -10.53 7.29
C ASN F 104 -2.19 -11.04 8.63
N ALA F 105 -3.27 -10.43 9.12
CA ALA F 105 -3.82 -10.85 10.40
C ALA F 105 -4.45 -12.24 10.32
N GLU F 106 -5.21 -12.50 9.25
CA GLU F 106 -5.86 -13.81 9.12
C GLU F 106 -4.83 -14.92 8.90
N LEU F 107 -3.85 -14.68 8.03
CA LEU F 107 -2.85 -15.71 7.75
C LEU F 107 -1.97 -15.97 8.96
N LEU F 108 -1.60 -14.91 9.69
CA LEU F 108 -0.76 -15.08 10.87
C LEU F 108 -1.46 -15.95 11.92
N VAL F 109 -2.76 -15.74 12.10
CA VAL F 109 -3.52 -16.58 13.03
C VAL F 109 -3.52 -18.03 12.53
N LEU F 110 -3.71 -18.24 11.22
CA LEU F 110 -3.75 -19.58 10.68
C LEU F 110 -2.41 -20.30 10.88
N MET F 111 -1.31 -19.65 10.51
CA MET F 111 0.00 -20.27 10.67
C MET F 111 0.35 -20.48 12.13
N GLU F 112 0.12 -19.47 12.97
CA GLU F 112 0.44 -19.61 14.39
C GLU F 112 -0.45 -20.65 15.07
N ASN F 113 -1.64 -20.89 14.52
CA ASN F 113 -2.48 -21.96 15.05
C ASN F 113 -1.84 -23.32 14.83
N GLU F 114 -1.21 -23.52 13.67
CA GLU F 114 -0.44 -24.75 13.46
C GLU F 114 0.70 -24.84 14.46
N ARG F 115 1.48 -23.77 14.59
CA ARG F 115 2.65 -23.80 15.47
C ARG F 115 2.23 -24.04 16.91
N THR F 116 1.17 -23.38 17.36
CA THR F 116 0.69 -23.58 18.73
C THR F 116 0.25 -25.02 18.95
N LEU F 117 -0.51 -25.58 18.01
CA LEU F 117 -0.93 -26.97 18.12
C LEU F 117 0.25 -27.91 17.95
N ASP F 118 1.17 -27.59 17.03
CA ASP F 118 2.38 -28.40 16.90
C ASP F 118 3.25 -28.28 18.14
N PHE F 119 3.34 -27.08 18.72
CA PHE F 119 4.09 -26.92 19.95
C PHE F 119 3.49 -27.76 21.07
N HIS F 120 2.15 -27.75 21.19
CA HIS F 120 1.48 -28.63 22.14
C HIS F 120 1.64 -30.09 21.75
N ASP F 121 1.57 -30.38 20.45
CA ASP F 121 1.78 -31.76 20.01
C ASP F 121 3.20 -32.23 20.29
N SER F 122 4.19 -31.36 20.02
CA SER F 122 5.58 -31.72 20.26
C SER F 122 5.89 -31.86 21.75
N ASN F 123 5.25 -31.04 22.59
CA ASN F 123 5.53 -31.10 24.02
C ASN F 123 5.14 -32.46 24.60
N VAL F 124 3.93 -32.94 24.30
CA VAL F 124 3.52 -34.25 24.80
C VAL F 124 4.43 -35.34 24.25
N LYS F 125 4.86 -35.20 23.00
CA LYS F 125 5.89 -36.09 22.46
C LYS F 125 7.20 -35.94 23.22
N ASN F 126 7.56 -34.71 23.59
CA ASN F 126 8.79 -34.49 24.35
C ASN F 126 8.69 -35.12 25.74
N LEU F 127 7.58 -34.88 26.45
CA LEU F 127 7.38 -35.53 27.73
C LEU F 127 7.24 -37.04 27.57
N TYR F 128 6.71 -37.49 26.42
CA TYR F 128 6.70 -38.92 26.13
C TYR F 128 8.13 -39.48 26.08
N ASP F 129 9.02 -38.80 25.35
CA ASP F 129 10.38 -39.29 25.21
C ASP F 129 11.16 -39.16 26.51
N LYS F 130 10.94 -38.08 27.26
CA LYS F 130 11.69 -37.85 28.49
C LYS F 130 11.47 -38.98 29.49
N VAL F 131 10.22 -39.41 29.66
CA VAL F 131 9.95 -40.54 30.55
C VAL F 131 10.51 -41.83 29.99
N ARG F 132 10.39 -42.04 28.68
CA ARG F 132 10.89 -43.28 28.08
C ARG F 132 12.40 -43.39 28.20
N LEU F 133 13.12 -42.28 27.98
CA LEU F 133 14.58 -42.34 28.00
C LEU F 133 15.12 -42.57 29.40
N GLN F 134 14.41 -42.07 30.43
CA GLN F 134 14.80 -42.35 31.80
C GLN F 134 14.47 -43.78 32.20
N LEU F 135 13.27 -44.25 31.81
CA LEU F 135 12.79 -45.56 32.27
C LEU F 135 13.51 -46.69 31.56
N ARG F 136 13.74 -46.56 30.25
CA ARG F 136 14.47 -47.53 29.42
C ARG F 136 13.74 -48.88 29.50
N ASP F 137 14.45 -49.99 29.75
CA ASP F 137 13.83 -51.30 29.69
C ASP F 137 13.08 -51.66 30.96
N ASN F 138 13.24 -50.86 32.03
CA ASN F 138 12.59 -51.18 33.29
C ASN F 138 11.08 -51.01 33.22
N ALA F 139 10.58 -50.39 32.16
CA ALA F 139 9.15 -50.15 31.98
C ALA F 139 8.70 -50.71 30.63
N LYS F 140 7.54 -51.33 30.61
CA LYS F 140 6.98 -51.85 29.37
C LYS F 140 6.15 -50.77 28.69
N GLU F 141 6.60 -50.33 27.52
CA GLU F 141 5.90 -49.29 26.75
C GLU F 141 4.71 -49.90 26.03
N LEU F 142 3.59 -49.18 26.06
CA LEU F 142 2.33 -49.67 25.52
C LEU F 142 1.88 -48.79 24.36
N GLY F 143 0.78 -49.20 23.74
CA GLY F 143 0.26 -48.47 22.59
C GLY F 143 -0.20 -47.06 22.93
N ASN F 144 -0.73 -46.87 24.13
CA ASN F 144 -1.06 -45.54 24.59
C ASN F 144 0.16 -44.86 25.20
N GLY F 145 -0.05 -43.67 25.76
CA GLY F 145 1.03 -42.95 26.41
C GLY F 145 1.43 -43.53 27.76
N CYS F 146 0.74 -44.56 28.22
CA CYS F 146 0.99 -45.13 29.53
C CYS F 146 2.17 -46.10 29.49
N PHE F 147 2.97 -46.08 30.56
CA PHE F 147 4.10 -46.99 30.73
C PHE F 147 3.79 -47.96 31.85
N GLU F 148 3.77 -49.25 31.54
CA GLU F 148 3.56 -50.29 32.54
C GLU F 148 4.91 -50.69 33.14
N PHE F 149 5.13 -50.34 34.40
CA PHE F 149 6.38 -50.66 35.06
C PHE F 149 6.53 -52.16 35.25
N TYR F 150 7.72 -52.69 34.93
CA TYR F 150 8.01 -54.08 35.24
C TYR F 150 8.10 -54.30 36.75
N HIS F 151 8.62 -53.32 37.48
CA HIS F 151 8.78 -53.41 38.93
C HIS F 151 7.79 -52.46 39.60
N LYS F 152 7.13 -52.95 40.64
CA LYS F 152 6.26 -52.09 41.44
C LYS F 152 7.11 -51.14 42.29
N CYS F 153 6.65 -49.91 42.40
CA CYS F 153 7.35 -48.89 43.17
C CYS F 153 6.36 -47.94 43.82
N ASP F 154 6.79 -47.32 44.91
CA ASP F 154 5.95 -46.44 45.71
C ASP F 154 5.77 -45.09 44.98
N ASN F 155 5.07 -44.16 45.64
CA ASN F 155 4.91 -42.82 45.07
C ASN F 155 6.24 -42.08 44.93
N GLU F 156 7.29 -42.57 45.60
CA GLU F 156 8.61 -41.98 45.45
C GLU F 156 9.08 -42.09 44.00
N CYS F 157 8.83 -43.24 43.37
CA CYS F 157 9.24 -43.43 41.98
C CYS F 157 8.38 -42.58 41.04
N MET F 158 7.08 -42.44 41.35
CA MET F 158 6.24 -41.53 40.57
C MET F 158 6.80 -40.10 40.56
N GLU F 159 7.15 -39.57 41.73
CA GLU F 159 7.67 -38.20 41.77
C GLU F 159 9.11 -38.15 41.26
N SER F 160 9.86 -39.24 41.38
CA SER F 160 11.20 -39.28 40.80
C SER F 160 11.17 -39.15 39.29
N VAL F 161 10.21 -39.81 38.64
CA VAL F 161 10.03 -39.64 37.20
C VAL F 161 9.64 -38.21 36.88
N ARG F 162 8.74 -37.62 37.68
CA ARG F 162 8.35 -36.23 37.48
C ARG F 162 9.54 -35.29 37.66
N ASN F 163 10.37 -35.54 38.68
CA ASN F 163 11.50 -34.67 38.97
C ASN F 163 12.64 -34.86 37.97
N GLY F 164 12.64 -35.94 37.20
CA GLY F 164 13.71 -36.20 36.27
C GLY F 164 14.96 -36.79 36.90
N THR F 165 14.84 -37.41 38.07
CA THR F 165 15.96 -37.99 38.80
C THR F 165 15.67 -39.46 39.11
N TYR F 166 15.23 -40.20 38.09
CA TYR F 166 14.96 -41.62 38.25
C TYR F 166 16.24 -42.39 38.53
N ASP F 167 16.19 -43.27 39.53
CA ASP F 167 17.32 -44.14 39.87
C ASP F 167 17.20 -45.42 39.04
N TYR F 168 17.99 -45.50 37.99
CA TYR F 168 17.98 -46.63 37.07
C TYR F 168 18.67 -47.87 37.64
N PRO F 169 19.92 -47.78 38.12
CA PRO F 169 20.62 -49.01 38.52
C PRO F 169 19.93 -49.78 39.64
N GLN F 170 19.28 -49.09 40.58
CA GLN F 170 18.62 -49.78 41.68
C GLN F 170 17.47 -50.65 41.18
N TYR F 171 16.66 -50.11 40.27
CA TYR F 171 15.52 -50.85 39.75
C TYR F 171 15.86 -51.67 38.51
N SER F 172 17.05 -51.52 37.95
CA SER F 172 17.44 -52.32 36.79
C SER F 172 17.55 -53.80 37.15
N GLY F 173 18.11 -54.11 38.32
CA GLY F 173 18.23 -55.49 38.73
C GLY F 173 16.88 -56.13 39.00
N GLU F 174 15.96 -55.37 39.59
CA GLU F 174 14.63 -55.90 39.88
C GLU F 174 13.89 -56.27 38.60
N ALA F 175 13.97 -55.41 37.57
CA ALA F 175 13.31 -55.69 36.31
C ALA F 175 13.94 -56.89 35.62
N ARG F 176 15.27 -57.01 35.65
CA ARG F 176 15.94 -58.13 35.02
C ARG F 176 15.57 -59.45 35.69
N LEU F 177 15.50 -59.45 37.01
CA LEU F 177 15.10 -60.67 37.72
C LEU F 177 13.66 -61.06 37.41
N LYS F 178 12.76 -60.08 37.36
CA LYS F 178 11.36 -60.36 37.05
C LYS F 178 11.20 -60.86 35.63
N ARG F 179 11.88 -60.24 34.67
CA ARG F 179 11.78 -60.65 33.28
C ARG F 179 12.45 -62.01 33.08
N GLU F 180 11.81 -62.86 32.28
CA GLU F 180 12.33 -64.19 32.01
C GLU F 180 12.22 -64.53 30.53
#